data_8DAH
# 
_entry.id   8DAH 
# 
_audit_conform.dict_name       mmcif_pdbx.dic 
_audit_conform.dict_version    5.380 
_audit_conform.dict_location   http://mmcif.pdb.org/dictionaries/ascii/mmcif_pdbx.dic 
# 
loop_
_database_2.database_id 
_database_2.database_code 
_database_2.pdbx_database_accession 
_database_2.pdbx_DOI 
PDB   8DAH         pdb_00008dah 10.2210/pdb8dah/pdb 
WWPDB D_1000266326 ?            ?                   
# 
_pdbx_database_status.status_code                     REL 
_pdbx_database_status.status_code_sf                  REL 
_pdbx_database_status.status_code_mr                  ? 
_pdbx_database_status.entry_id                        8DAH 
_pdbx_database_status.recvd_initial_deposition_date   2022-06-13 
_pdbx_database_status.SG_entry                        N 
_pdbx_database_status.deposit_site                    RCSB 
_pdbx_database_status.process_site                    RCSB 
_pdbx_database_status.status_code_cs                  ? 
_pdbx_database_status.status_code_nmr_data            ? 
_pdbx_database_status.methods_development_category    ? 
_pdbx_database_status.pdb_format_compatible           Y 
# 
loop_
_audit_author.name 
_audit_author.pdbx_ordinal 
_audit_author.identifier_ORCID 
'Lu, B.'        1 0000-0001-6424-2197 
'Vecchioni, S.' 2 0000-0001-8243-650X 
'Ohayon, Y.P.'  3 0000-0001-7500-4282 
'Seeman, N.C.'  4 0000-0002-9680-4649 
'Mao, C.'       5 0000-0001-7516-8666 
'Sha, R.'       6 0000-0002-0807-734X 
# 
_citation.abstract                  ? 
_citation.abstract_id_CAS           ? 
_citation.book_id_ISBN              ? 
_citation.book_publisher            ? 
_citation.book_publisher_city       ? 
_citation.book_title                ? 
_citation.coordinate_linkage        ? 
_citation.country                   GE 
_citation.database_id_Medline       ? 
_citation.details                   ? 
_citation.id                        primary 
_citation.journal_abbrev            Angew.Chem.Int.Ed.Engl. 
_citation.journal_id_ASTM           ACIEAY 
_citation.journal_id_CSD            0179 
_citation.journal_id_ISSN           1521-3773 
_citation.journal_full              ? 
_citation.journal_issue             ? 
_citation.journal_volume            62 
_citation.language                  ? 
_citation.page_first                e202213451 
_citation.page_last                 e202213451 
_citation.title                     'Programmable 3D Hexagonal Geometry of DNA Tensegrity Triangles.' 
_citation.year                      2023 
_citation.database_id_CSD           ? 
_citation.pdbx_database_id_DOI      10.1002/anie.202213451 
_citation.pdbx_database_id_PubMed   36520622 
_citation.pdbx_database_id_patent   ? 
_citation.unpublished_flag          ? 
# 
loop_
_citation_author.citation_id 
_citation_author.name 
_citation_author.ordinal 
_citation_author.identifier_ORCID 
primary 'Lu, B.'        1 ?                   
primary 'Woloszyn, K.'  2 ?                   
primary 'Ohayon, Y.P.'  3 ?                   
primary 'Yang, B.'      4 ?                   
primary 'Zhang, C.'     5 ?                   
primary 'Mao, C.'       6 ?                   
primary 'Seeman, N.C.'  7 ?                   
primary 'Vecchioni, S.' 8 ?                   
primary 'Sha, R.'       9 0000-0002-0807-734X 
# 
_cell.angle_alpha                  90.000 
_cell.angle_alpha_esd              ? 
_cell.angle_beta                   90.000 
_cell.angle_beta_esd               ? 
_cell.angle_gamma                  120.000 
_cell.angle_gamma_esd              ? 
_cell.entry_id                     8DAH 
_cell.details                      ? 
_cell.formula_units_Z              ? 
_cell.length_a                     122.599 
_cell.length_a_esd                 ? 
_cell.length_b                     122.599 
_cell.length_b_esd                 ? 
_cell.length_c                     57.580 
_cell.length_c_esd                 ? 
_cell.volume                       749507.784 
_cell.volume_esd                   ? 
_cell.Z_PDB                        6 
_cell.reciprocal_angle_alpha       ? 
_cell.reciprocal_angle_beta        ? 
_cell.reciprocal_angle_gamma       ? 
_cell.reciprocal_angle_alpha_esd   ? 
_cell.reciprocal_angle_beta_esd    ? 
_cell.reciprocal_angle_gamma_esd   ? 
_cell.reciprocal_length_a          ? 
_cell.reciprocal_length_b          ? 
_cell.reciprocal_length_c          ? 
_cell.reciprocal_length_a_esd      ? 
_cell.reciprocal_length_b_esd      ? 
_cell.reciprocal_length_c_esd      ? 
_cell.pdbx_unique_axis             ? 
_cell.pdbx_esd_method              ? 
# 
_symmetry.entry_id                         8DAH 
_symmetry.cell_setting                     ? 
_symmetry.Int_Tables_number                173 
_symmetry.space_group_name_Hall            'P 6c' 
_symmetry.space_group_name_H-M             'P 63' 
_symmetry.pdbx_full_space_group_name_H-M   ? 
# 
loop_
_entity.id 
_entity.type 
_entity.src_method 
_entity.pdbx_description 
_entity.formula_weight 
_entity.pdbx_number_of_molecules 
_entity.pdbx_ec 
_entity.pdbx_mutation 
_entity.pdbx_fragment 
_entity.details 
1 polymer syn 
;DNA (5'-D(*GP*GP*CP*AP*GP*CP*CP*TP*GP*TP*AP*CP*GP*GP*AP*CP*AP*TP*CP*A)-3')
;
6143.981 1 ? ? ? ? 
2 polymer syn 
;DNA (5'-D(P*CP*CP*GP*TP*AP*CP*A)-3')
;
2082.400 1 ? ? ? ? 
3 polymer syn 
;DNA (5'-D(P*GP*GP*CP*TP*GP*C)-3')
;
1825.216 1 ? ? ? ? 
4 polymer syn 
;DNA (5'-D(*CP*TP*GP*AP*TP*GP*T)-3')
;
2128.421 1 ? ? ? ? 
# 
loop_
_entity_poly.entity_id 
_entity_poly.type 
_entity_poly.nstd_linkage 
_entity_poly.nstd_monomer 
_entity_poly.pdbx_seq_one_letter_code 
_entity_poly.pdbx_seq_one_letter_code_can 
_entity_poly.pdbx_strand_id 
_entity_poly.pdbx_target_identifier 
1 polydeoxyribonucleotide no no '(DG)(DG)(DC)(DA)(DG)(DC)(DC)(DT)(DG)(DT)(DA)(DC)(DG)(DG)(DA)(DC)(DA)(DT)(DC)(DA)' 
GGCAGCCTGTACGGACATCA A ? 
2 polydeoxyribonucleotide no no '(DC)(DC)(DG)(DT)(DA)(DC)(DA)'                                                     CCGTACA B ? 
3 polydeoxyribonucleotide no no '(DG)(DG)(DC)(DT)(DG)(DC)'                                                         GGCTGC C ? 
4 polydeoxyribonucleotide no no '(DC)(DT)(DG)(DA)(DT)(DG)(DT)'                                                     CTGATGT D ? 
# 
loop_
_entity_poly_seq.entity_id 
_entity_poly_seq.num 
_entity_poly_seq.mon_id 
_entity_poly_seq.hetero 
1 1  DG n 
1 2  DG n 
1 3  DC n 
1 4  DA n 
1 5  DG n 
1 6  DC n 
1 7  DC n 
1 8  DT n 
1 9  DG n 
1 10 DT n 
1 11 DA n 
1 12 DC n 
1 13 DG n 
1 14 DG n 
1 15 DA n 
1 16 DC n 
1 17 DA n 
1 18 DT n 
1 19 DC n 
1 20 DA n 
2 1  DC n 
2 2  DC n 
2 3  DG n 
2 4  DT n 
2 5  DA n 
2 6  DC n 
2 7  DA n 
3 1  DG n 
3 2  DG n 
3 3  DC n 
3 4  DT n 
3 5  DG n 
3 6  DC n 
4 1  DC n 
4 2  DT n 
4 3  DG n 
4 4  DA n 
4 5  DT n 
4 6  DG n 
4 7  DT n 
# 
loop_
_pdbx_entity_src_syn.entity_id 
_pdbx_entity_src_syn.pdbx_src_id 
_pdbx_entity_src_syn.pdbx_alt_source_flag 
_pdbx_entity_src_syn.pdbx_beg_seq_num 
_pdbx_entity_src_syn.pdbx_end_seq_num 
_pdbx_entity_src_syn.organism_scientific 
_pdbx_entity_src_syn.organism_common_name 
_pdbx_entity_src_syn.ncbi_taxonomy_id 
_pdbx_entity_src_syn.details 
1 1 sample 1 20 'synthetic construct' ? 32630 ? 
2 1 sample 1 7  'synthetic construct' ? 32630 ? 
3 1 sample 1 6  'synthetic construct' ? 32630 ? 
4 1 sample 1 7  'synthetic construct' ? 32630 ? 
# 
loop_
_struct_ref.id 
_struct_ref.db_name 
_struct_ref.db_code 
_struct_ref.pdbx_db_accession 
_struct_ref.pdbx_db_isoform 
_struct_ref.entity_id 
_struct_ref.pdbx_seq_one_letter_code 
_struct_ref.pdbx_align_begin 
1 PDB 8DAH 8DAH ? 1 ? 1 
2 PDB 8DAH 8DAH ? 2 ? 1 
3 PDB 8DAH 8DAH ? 3 ? 1 
4 PDB 8DAH 8DAH ? 4 ? 1 
# 
loop_
_struct_ref_seq.align_id 
_struct_ref_seq.ref_id 
_struct_ref_seq.pdbx_PDB_id_code 
_struct_ref_seq.pdbx_strand_id 
_struct_ref_seq.seq_align_beg 
_struct_ref_seq.pdbx_seq_align_beg_ins_code 
_struct_ref_seq.seq_align_end 
_struct_ref_seq.pdbx_seq_align_end_ins_code 
_struct_ref_seq.pdbx_db_accession 
_struct_ref_seq.db_align_beg 
_struct_ref_seq.pdbx_db_align_beg_ins_code 
_struct_ref_seq.db_align_end 
_struct_ref_seq.pdbx_db_align_end_ins_code 
_struct_ref_seq.pdbx_auth_seq_align_beg 
_struct_ref_seq.pdbx_auth_seq_align_end 
1 1 8DAH A 1 ? 20 ? 8DAH 102 ? 121 ? 102 121 
2 2 8DAH B 1 ? 7  ? 8DAH 119 ? 125 ? 119 125 
3 3 8DAH C 1 ? 6  ? 8DAH 209 ? 214 ? 209 214 
4 4 8DAH D 1 ? 7  ? 8DAH 202 ? 208 ? 202 208 
# 
loop_
_chem_comp.id 
_chem_comp.type 
_chem_comp.mon_nstd_flag 
_chem_comp.name 
_chem_comp.pdbx_synonyms 
_chem_comp.formula 
_chem_comp.formula_weight 
DA 'DNA linking' y "2'-DEOXYADENOSINE-5'-MONOPHOSPHATE" ? 'C10 H14 N5 O6 P' 331.222 
DC 'DNA linking' y "2'-DEOXYCYTIDINE-5'-MONOPHOSPHATE"  ? 'C9 H14 N3 O7 P'  307.197 
DG 'DNA linking' y "2'-DEOXYGUANOSINE-5'-MONOPHOSPHATE" ? 'C10 H14 N5 O7 P' 347.221 
DT 'DNA linking' y "THYMIDINE-5'-MONOPHOSPHATE"         ? 'C10 H15 N2 O8 P' 322.208 
# 
_exptl.absorpt_coefficient_mu     ? 
_exptl.absorpt_correction_T_max   ? 
_exptl.absorpt_correction_T_min   ? 
_exptl.absorpt_correction_type    ? 
_exptl.absorpt_process_details    ? 
_exptl.entry_id                   8DAH 
_exptl.crystals_number            1 
_exptl.details                    ? 
_exptl.method                     'X-RAY DIFFRACTION' 
_exptl.method_details             ? 
# 
_exptl_crystal.colour                       ? 
_exptl_crystal.density_diffrn               ? 
_exptl_crystal.density_Matthews             10.26 
_exptl_crystal.density_method               ? 
_exptl_crystal.density_percent_sol          88.01 
_exptl_crystal.description                  ? 
_exptl_crystal.F_000                        ? 
_exptl_crystal.id                           1 
_exptl_crystal.preparation                  ? 
_exptl_crystal.size_max                     ? 
_exptl_crystal.size_mid                     ? 
_exptl_crystal.size_min                     ? 
_exptl_crystal.size_rad                     ? 
_exptl_crystal.colour_lustre                ? 
_exptl_crystal.colour_modifier              ? 
_exptl_crystal.colour_primary               ? 
_exptl_crystal.density_meas                 ? 
_exptl_crystal.density_meas_esd             ? 
_exptl_crystal.density_meas_gt              ? 
_exptl_crystal.density_meas_lt              ? 
_exptl_crystal.density_meas_temp            ? 
_exptl_crystal.density_meas_temp_esd        ? 
_exptl_crystal.density_meas_temp_gt         ? 
_exptl_crystal.density_meas_temp_lt         ? 
_exptl_crystal.pdbx_crystal_image_url       ? 
_exptl_crystal.pdbx_crystal_image_format    ? 
_exptl_crystal.pdbx_mosaicity               ? 
_exptl_crystal.pdbx_mosaicity_esd           ? 
_exptl_crystal.pdbx_mosaic_method           ? 
_exptl_crystal.pdbx_mosaic_block_size       ? 
_exptl_crystal.pdbx_mosaic_block_size_esd   ? 
# 
_exptl_crystal_grow.apparatus       ? 
_exptl_crystal_grow.atmosphere      ? 
_exptl_crystal_grow.crystal_id      1 
_exptl_crystal_grow.details         ? 
_exptl_crystal_grow.method          'VAPOR DIFFUSION, HANGING DROP' 
_exptl_crystal_grow.method_ref      ? 
_exptl_crystal_grow.pH              9.5 
_exptl_crystal_grow.pressure        ? 
_exptl_crystal_grow.pressure_esd    ? 
_exptl_crystal_grow.seeding         ? 
_exptl_crystal_grow.seeding_ref     ? 
_exptl_crystal_grow.temp            293 
_exptl_crystal_grow.temp_details    '338-293 at 0.4/hr' 
_exptl_crystal_grow.temp_esd        ? 
_exptl_crystal_grow.time            ? 
_exptl_crystal_grow.pdbx_details    '1.75 M ammonium sulfate, 120 mM Tris, 120 mM Acetic Acid, 6 mM EDTA' 
_exptl_crystal_grow.pdbx_pH_range   ? 
# 
_diffrn.ambient_environment              ? 
_diffrn.ambient_temp                     100 
_diffrn.ambient_temp_details             ? 
_diffrn.ambient_temp_esd                 ? 
_diffrn.crystal_id                       1 
_diffrn.crystal_support                  ? 
_diffrn.crystal_treatment                ? 
_diffrn.details                          ? 
_diffrn.id                               1 
_diffrn.ambient_pressure                 ? 
_diffrn.ambient_pressure_esd             ? 
_diffrn.ambient_pressure_gt              ? 
_diffrn.ambient_pressure_lt              ? 
_diffrn.ambient_temp_gt                  ? 
_diffrn.ambient_temp_lt                  ? 
_diffrn.pdbx_serial_crystal_experiment   N 
# 
_diffrn_detector.details                      ? 
_diffrn_detector.detector                     PIXEL 
_diffrn_detector.diffrn_id                    1 
_diffrn_detector.type                         'DECTRIS EIGER2 X 9M' 
_diffrn_detector.area_resol_mean              ? 
_diffrn_detector.dtime                        ? 
_diffrn_detector.pdbx_frames_total            ? 
_diffrn_detector.pdbx_collection_time_total   ? 
_diffrn_detector.pdbx_collection_date         2022-06-12 
_diffrn_detector.pdbx_frequency               ? 
# 
_diffrn_radiation.collimation                      ? 
_diffrn_radiation.diffrn_id                        1 
_diffrn_radiation.filter_edge                      ? 
_diffrn_radiation.inhomogeneity                    ? 
_diffrn_radiation.monochromator                    ? 
_diffrn_radiation.polarisn_norm                    ? 
_diffrn_radiation.polarisn_ratio                   ? 
_diffrn_radiation.probe                            ? 
_diffrn_radiation.type                             ? 
_diffrn_radiation.xray_symbol                      ? 
_diffrn_radiation.wavelength_id                    1 
_diffrn_radiation.pdbx_monochromatic_or_laue_m_l   M 
_diffrn_radiation.pdbx_wavelength_list             ? 
_diffrn_radiation.pdbx_wavelength                  ? 
_diffrn_radiation.pdbx_diffrn_protocol             'SINGLE WAVELENGTH' 
_diffrn_radiation.pdbx_analyzer                    ? 
_diffrn_radiation.pdbx_scattering_type             x-ray 
# 
_diffrn_radiation_wavelength.id           1 
_diffrn_radiation_wavelength.wavelength   1.00743 
_diffrn_radiation_wavelength.wt           1.0 
# 
_diffrn_source.current                     ? 
_diffrn_source.details                     ? 
_diffrn_source.diffrn_id                   1 
_diffrn_source.power                       ? 
_diffrn_source.size                        ? 
_diffrn_source.source                      SYNCHROTRON 
_diffrn_source.target                      ? 
_diffrn_source.type                        'APS BEAMLINE 17-ID' 
_diffrn_source.voltage                     ? 
_diffrn_source.take-off_angle              ? 
_diffrn_source.pdbx_wavelength_list        1.00743 
_diffrn_source.pdbx_wavelength             ? 
_diffrn_source.pdbx_synchrotron_beamline   17-ID 
_diffrn_source.pdbx_synchrotron_site       APS 
# 
_reflns.B_iso_Wilson_estimate                          334.89 
_reflns.entry_id                                       8DAH 
_reflns.data_reduction_details                         ? 
_reflns.data_reduction_method                          ? 
_reflns.d_resolution_high                              5.47 
_reflns.d_resolution_low                               61.30 
_reflns.details                                        ? 
_reflns.limit_h_max                                    ? 
_reflns.limit_h_min                                    ? 
_reflns.limit_k_max                                    ? 
_reflns.limit_k_min                                    ? 
_reflns.limit_l_max                                    ? 
_reflns.limit_l_min                                    ? 
_reflns.number_all                                     ? 
_reflns.number_obs                                     1396 
_reflns.observed_criterion                             ? 
_reflns.observed_criterion_F_max                       ? 
_reflns.observed_criterion_F_min                       ? 
_reflns.observed_criterion_I_max                       ? 
_reflns.observed_criterion_I_min                       ? 
_reflns.observed_criterion_sigma_F                     ? 
_reflns.observed_criterion_sigma_I                     ? 
_reflns.percent_possible_obs                           88.5 
_reflns.R_free_details                                 ? 
_reflns.Rmerge_F_all                                   ? 
_reflns.Rmerge_F_obs                                   ? 
_reflns.Friedel_coverage                               ? 
_reflns.number_gt                                      ? 
_reflns.threshold_expression                           ? 
_reflns.pdbx_redundancy                                13.7 
_reflns.pdbx_Rmerge_I_obs                              ? 
_reflns.pdbx_Rmerge_I_all                              ? 
_reflns.pdbx_Rsym_value                                ? 
_reflns.pdbx_netI_over_av_sigmaI                       ? 
_reflns.pdbx_netI_over_sigmaI                          10.6 
_reflns.pdbx_res_netI_over_av_sigmaI_2                 ? 
_reflns.pdbx_res_netI_over_sigmaI_2                    ? 
_reflns.pdbx_chi_squared                               ? 
_reflns.pdbx_scaling_rejects                           ? 
_reflns.pdbx_d_res_high_opt                            ? 
_reflns.pdbx_d_res_low_opt                             ? 
_reflns.pdbx_d_res_opt_method                          ? 
_reflns.phase_calculation_details                      ? 
_reflns.pdbx_Rrim_I_all                                ? 
_reflns.pdbx_Rpim_I_all                                ? 
_reflns.pdbx_d_opt                                     ? 
_reflns.pdbx_number_measured_all                       ? 
_reflns.pdbx_diffrn_id                                 1 
_reflns.pdbx_ordinal                                   1 
_reflns.pdbx_CC_half                                   0.998 
_reflns.pdbx_CC_star                                   ? 
_reflns.pdbx_R_split                                   ? 
_reflns.pdbx_aniso_diffraction_limit_axis_1_ortho[1]   ? 
_reflns.pdbx_aniso_diffraction_limit_axis_1_ortho[2]   ? 
_reflns.pdbx_aniso_diffraction_limit_axis_1_ortho[3]   ? 
_reflns.pdbx_aniso_diffraction_limit_axis_2_ortho[1]   ? 
_reflns.pdbx_aniso_diffraction_limit_axis_2_ortho[2]   ? 
_reflns.pdbx_aniso_diffraction_limit_axis_2_ortho[3]   ? 
_reflns.pdbx_aniso_diffraction_limit_axis_3_ortho[1]   ? 
_reflns.pdbx_aniso_diffraction_limit_axis_3_ortho[2]   ? 
_reflns.pdbx_aniso_diffraction_limit_axis_3_ortho[3]   ? 
_reflns.pdbx_aniso_diffraction_limit_1                 ? 
_reflns.pdbx_aniso_diffraction_limit_2                 ? 
_reflns.pdbx_aniso_diffraction_limit_3                 ? 
_reflns.pdbx_aniso_B_tensor_eigenvector_1_ortho[1]     ? 
_reflns.pdbx_aniso_B_tensor_eigenvector_1_ortho[2]     ? 
_reflns.pdbx_aniso_B_tensor_eigenvector_1_ortho[3]     ? 
_reflns.pdbx_aniso_B_tensor_eigenvector_2_ortho[1]     ? 
_reflns.pdbx_aniso_B_tensor_eigenvector_2_ortho[2]     ? 
_reflns.pdbx_aniso_B_tensor_eigenvector_2_ortho[3]     ? 
_reflns.pdbx_aniso_B_tensor_eigenvector_3_ortho[1]     ? 
_reflns.pdbx_aniso_B_tensor_eigenvector_3_ortho[2]     ? 
_reflns.pdbx_aniso_B_tensor_eigenvector_3_ortho[3]     ? 
_reflns.pdbx_aniso_B_tensor_eigenvalue_1               ? 
_reflns.pdbx_aniso_B_tensor_eigenvalue_2               ? 
_reflns.pdbx_aniso_B_tensor_eigenvalue_3               ? 
_reflns.pdbx_orthogonalization_convention              ? 
_reflns.pdbx_percent_possible_ellipsoidal              ? 
_reflns.pdbx_percent_possible_spherical                ? 
_reflns.pdbx_percent_possible_ellipsoidal_anomalous    ? 
_reflns.pdbx_percent_possible_spherical_anomalous      ? 
_reflns.pdbx_redundancy_anomalous                      ? 
_reflns.pdbx_CC_half_anomalous                         ? 
_reflns.pdbx_absDiff_over_sigma_anomalous              ? 
_reflns.pdbx_percent_possible_anomalous                ? 
_reflns.pdbx_observed_signal_threshold                 ? 
_reflns.pdbx_signal_type                               ? 
_reflns.pdbx_signal_details                            ? 
_reflns.pdbx_signal_software_id                        ? 
_reflns.pdbx_CC_split_method                           ? 
# 
_reflns_shell.d_res_high                                    5.47 
_reflns_shell.d_res_low                                     6.12 
_reflns_shell.meanI_over_sigI_all                           ? 
_reflns_shell.meanI_over_sigI_obs                           ? 
_reflns_shell.number_measured_all                           ? 
_reflns_shell.number_measured_obs                           ? 
_reflns_shell.number_possible                               ? 
_reflns_shell.number_unique_all                             ? 
_reflns_shell.number_unique_obs                             203 
_reflns_shell.percent_possible_all                          ? 
_reflns_shell.percent_possible_obs                          ? 
_reflns_shell.Rmerge_F_all                                  ? 
_reflns_shell.Rmerge_F_obs                                  ? 
_reflns_shell.Rmerge_I_all                                  ? 
_reflns_shell.Rmerge_I_obs                                  ? 
_reflns_shell.meanI_over_sigI_gt                            ? 
_reflns_shell.meanI_over_uI_all                             ? 
_reflns_shell.meanI_over_uI_gt                              ? 
_reflns_shell.number_measured_gt                            ? 
_reflns_shell.number_unique_gt                              ? 
_reflns_shell.percent_possible_gt                           ? 
_reflns_shell.Rmerge_F_gt                                   ? 
_reflns_shell.Rmerge_I_gt                                   ? 
_reflns_shell.pdbx_redundancy                               ? 
_reflns_shell.pdbx_Rsym_value                               ? 
_reflns_shell.pdbx_chi_squared                              ? 
_reflns_shell.pdbx_netI_over_sigmaI_all                     ? 
_reflns_shell.pdbx_netI_over_sigmaI_obs                     ? 
_reflns_shell.pdbx_Rrim_I_all                               ? 
_reflns_shell.pdbx_Rpim_I_all                               ? 
_reflns_shell.pdbx_rejects                                  ? 
_reflns_shell.pdbx_ordinal                                  1 
_reflns_shell.pdbx_diffrn_id                                1 
_reflns_shell.pdbx_CC_half                                  0.482 
_reflns_shell.pdbx_CC_star                                  ? 
_reflns_shell.pdbx_R_split                                  ? 
_reflns_shell.pdbx_percent_possible_ellipsoidal             ? 
_reflns_shell.pdbx_percent_possible_spherical               ? 
_reflns_shell.pdbx_percent_possible_ellipsoidal_anomalous   ? 
_reflns_shell.pdbx_percent_possible_spherical_anomalous     ? 
_reflns_shell.pdbx_redundancy_anomalous                     ? 
_reflns_shell.pdbx_CC_half_anomalous                        ? 
_reflns_shell.pdbx_absDiff_over_sigma_anomalous             ? 
_reflns_shell.pdbx_percent_possible_anomalous               ? 
# 
_refine.aniso_B[1][1]                            ? 
_refine.aniso_B[1][2]                            ? 
_refine.aniso_B[1][3]                            ? 
_refine.aniso_B[2][2]                            ? 
_refine.aniso_B[2][3]                            ? 
_refine.aniso_B[3][3]                            ? 
_refine.B_iso_max                                ? 
_refine.B_iso_mean                               356.38 
_refine.B_iso_min                                ? 
_refine.correlation_coeff_Fo_to_Fc               ? 
_refine.correlation_coeff_Fo_to_Fc_free          ? 
_refine.details                                  ? 
_refine.diff_density_max                         ? 
_refine.diff_density_max_esd                     ? 
_refine.diff_density_min                         ? 
_refine.diff_density_min_esd                     ? 
_refine.diff_density_rms                         ? 
_refine.diff_density_rms_esd                     ? 
_refine.entry_id                                 8DAH 
_refine.pdbx_refine_id                           'X-RAY DIFFRACTION' 
_refine.ls_abs_structure_details                 ? 
_refine.ls_abs_structure_Flack                   ? 
_refine.ls_abs_structure_Flack_esd               ? 
_refine.ls_abs_structure_Rogers                  ? 
_refine.ls_abs_structure_Rogers_esd              ? 
_refine.ls_d_res_high                            5.47 
_refine.ls_d_res_low                             40.13 
_refine.ls_extinction_coef                       ? 
_refine.ls_extinction_coef_esd                   ? 
_refine.ls_extinction_expression                 ? 
_refine.ls_extinction_method                     ? 
_refine.ls_goodness_of_fit_all                   ? 
_refine.ls_goodness_of_fit_all_esd               ? 
_refine.ls_goodness_of_fit_obs                   ? 
_refine.ls_goodness_of_fit_obs_esd               ? 
_refine.ls_hydrogen_treatment                    ? 
_refine.ls_matrix_type                           ? 
_refine.ls_number_constraints                    ? 
_refine.ls_number_parameters                     ? 
_refine.ls_number_reflns_all                     ? 
_refine.ls_number_reflns_obs                     1384 
_refine.ls_number_reflns_R_free                  71 
_refine.ls_number_reflns_R_work                  1313 
_refine.ls_number_restraints                     ? 
_refine.ls_percent_reflns_obs                    80.89 
_refine.ls_percent_reflns_R_free                 5.13 
_refine.ls_R_factor_all                          ? 
_refine.ls_R_factor_obs                          0.1543 
_refine.ls_R_factor_R_free                       0.1976 
_refine.ls_R_factor_R_free_error                 ? 
_refine.ls_R_factor_R_free_error_details         ? 
_refine.ls_R_factor_R_work                       0.1515 
_refine.ls_R_Fsqd_factor_obs                     ? 
_refine.ls_R_I_factor_obs                        ? 
_refine.ls_redundancy_reflns_all                 ? 
_refine.ls_redundancy_reflns_obs                 ? 
_refine.ls_restrained_S_all                      ? 
_refine.ls_restrained_S_obs                      ? 
_refine.ls_shift_over_esd_max                    ? 
_refine.ls_shift_over_esd_mean                   ? 
_refine.ls_structure_factor_coef                 ? 
_refine.ls_weighting_details                     ? 
_refine.ls_weighting_scheme                      ? 
_refine.ls_wR_factor_all                         ? 
_refine.ls_wR_factor_obs                         ? 
_refine.ls_wR_factor_R_free                      ? 
_refine.ls_wR_factor_R_work                      ? 
_refine.occupancy_max                            ? 
_refine.occupancy_min                            ? 
_refine.solvent_model_details                    'FLAT BULK SOLVENT MODEL' 
_refine.solvent_model_param_bsol                 ? 
_refine.solvent_model_param_ksol                 ? 
_refine.pdbx_R_complete                          ? 
_refine.ls_R_factor_gt                           ? 
_refine.ls_goodness_of_fit_gt                    ? 
_refine.ls_goodness_of_fit_ref                   ? 
_refine.ls_shift_over_su_max                     ? 
_refine.ls_shift_over_su_max_lt                  ? 
_refine.ls_shift_over_su_mean                    ? 
_refine.ls_shift_over_su_mean_lt                 ? 
_refine.pdbx_ls_sigma_I                          ? 
_refine.pdbx_ls_sigma_F                          1.37 
_refine.pdbx_ls_sigma_Fsqd                       ? 
_refine.pdbx_data_cutoff_high_absF               ? 
_refine.pdbx_data_cutoff_high_rms_absF           ? 
_refine.pdbx_data_cutoff_low_absF                ? 
_refine.pdbx_isotropic_thermal_model             ? 
_refine.pdbx_ls_cross_valid_method               'FREE R-VALUE' 
_refine.pdbx_method_to_determine_struct          'MOLECULAR REPLACEMENT' 
_refine.pdbx_starting_model                      7R96 
_refine.pdbx_stereochemistry_target_values       'GeoStd + Monomer Library + CDL v1.2' 
_refine.pdbx_R_Free_selection_details            ? 
_refine.pdbx_stereochem_target_val_spec_case     ? 
_refine.pdbx_overall_ESU_R                       ? 
_refine.pdbx_overall_ESU_R_Free                  ? 
_refine.pdbx_solvent_vdw_probe_radii             1.1100 
_refine.pdbx_solvent_ion_probe_radii             ? 
_refine.pdbx_solvent_shrinkage_radii             0.9000 
_refine.pdbx_real_space_R                        ? 
_refine.pdbx_density_correlation                 ? 
_refine.pdbx_pd_number_of_powder_patterns        ? 
_refine.pdbx_pd_number_of_points                 ? 
_refine.pdbx_pd_meas_number_of_points            ? 
_refine.pdbx_pd_proc_ls_prof_R_factor            ? 
_refine.pdbx_pd_proc_ls_prof_wR_factor           ? 
_refine.pdbx_pd_Marquardt_correlation_coeff      ? 
_refine.pdbx_pd_Fsqrd_R_factor                   ? 
_refine.pdbx_pd_ls_matrix_band_width             ? 
_refine.pdbx_overall_phase_error                 26.0699 
_refine.pdbx_overall_SU_R_free_Cruickshank_DPI   ? 
_refine.pdbx_overall_SU_R_free_Blow_DPI          ? 
_refine.pdbx_overall_SU_R_Blow_DPI               ? 
_refine.pdbx_TLS_residual_ADP_flag               ? 
_refine.pdbx_diffrn_id                           1 
_refine.overall_SU_B                             ? 
_refine.overall_SU_ML                            0.3046 
_refine.overall_SU_R_Cruickshank_DPI             ? 
_refine.overall_SU_R_free                        ? 
_refine.overall_FOM_free_R_set                   ? 
_refine.overall_FOM_work_R_set                   ? 
_refine.pdbx_average_fsc_overall                 ? 
_refine.pdbx_average_fsc_work                    ? 
_refine.pdbx_average_fsc_free                    ? 
# 
_refine_hist.pdbx_refine_id                   'X-RAY DIFFRACTION' 
_refine_hist.cycle_id                         LAST 
_refine_hist.details                          ? 
_refine_hist.d_res_high                       5.47 
_refine_hist.d_res_low                        40.13 
_refine_hist.number_atoms_solvent             0 
_refine_hist.number_atoms_total               814 
_refine_hist.number_reflns_all                ? 
_refine_hist.number_reflns_obs                ? 
_refine_hist.number_reflns_R_free             ? 
_refine_hist.number_reflns_R_work             ? 
_refine_hist.R_factor_all                     ? 
_refine_hist.R_factor_obs                     ? 
_refine_hist.R_factor_R_free                  ? 
_refine_hist.R_factor_R_work                  ? 
_refine_hist.pdbx_number_residues_total       ? 
_refine_hist.pdbx_B_iso_mean_ligand           ? 
_refine_hist.pdbx_B_iso_mean_solvent          ? 
_refine_hist.pdbx_number_atoms_protein        0 
_refine_hist.pdbx_number_atoms_nucleic_acid   814 
_refine_hist.pdbx_number_atoms_ligand         0 
_refine_hist.pdbx_number_atoms_lipid          ? 
_refine_hist.pdbx_number_atoms_carb           ? 
_refine_hist.pdbx_pseudo_atom_details         ? 
# 
loop_
_refine_ls_restr.pdbx_refine_id 
_refine_ls_restr.criterion 
_refine_ls_restr.dev_ideal 
_refine_ls_restr.dev_ideal_target 
_refine_ls_restr.number 
_refine_ls_restr.rejects 
_refine_ls_restr.type 
_refine_ls_restr.weight 
_refine_ls_restr.pdbx_restraint_function 
'X-RAY DIFFRACTION' ? 0.0060  ? 910  ? f_bond_d           ? ? 
'X-RAY DIFFRACTION' ? 0.9057  ? 1396 ? f_angle_d          ? ? 
'X-RAY DIFFRACTION' ? 0.0497  ? 158  ? f_chiral_restr     ? ? 
'X-RAY DIFFRACTION' ? 0.0057  ? 40   ? f_plane_restr      ? ? 
'X-RAY DIFFRACTION' ? 38.8757 ? 386  ? f_dihedral_angle_d ? ? 
# 
_refine_ls_shell.pdbx_refine_id                   'X-RAY DIFFRACTION' 
_refine_ls_shell.d_res_high                       5.47 
_refine_ls_shell.d_res_low                        40.13 
_refine_ls_shell.number_reflns_all                ? 
_refine_ls_shell.number_reflns_obs                ? 
_refine_ls_shell.number_reflns_R_free             71 
_refine_ls_shell.number_reflns_R_work             1313 
_refine_ls_shell.percent_reflns_obs               80.89 
_refine_ls_shell.percent_reflns_R_free            ? 
_refine_ls_shell.R_factor_all                     ? 
_refine_ls_shell.R_factor_obs                     ? 
_refine_ls_shell.R_factor_R_free                  0.1976 
_refine_ls_shell.R_factor_R_free_error            ? 
_refine_ls_shell.R_factor_R_work                  0.1515 
_refine_ls_shell.redundancy_reflns_all            ? 
_refine_ls_shell.redundancy_reflns_obs            ? 
_refine_ls_shell.wR_factor_all                    ? 
_refine_ls_shell.wR_factor_obs                    ? 
_refine_ls_shell.wR_factor_R_free                 ? 
_refine_ls_shell.wR_factor_R_work                 ? 
_refine_ls_shell.pdbx_R_complete                  ? 
_refine_ls_shell.pdbx_total_number_of_bins_used   ? 
_refine_ls_shell.pdbx_phase_error                 ? 
_refine_ls_shell.pdbx_fsc_work                    ? 
_refine_ls_shell.pdbx_fsc_free                    ? 
# 
_struct.entry_id                     8DAH 
_struct.title                        '[20 bp edge] Self-Assembled 3D DNA Hexagonal Tensegrity Triangle' 
_struct.pdbx_model_details           ? 
_struct.pdbx_formula_weight          ? 
_struct.pdbx_formula_weight_method   ? 
_struct.pdbx_model_type_details      ? 
_struct.pdbx_CASP_flag               N 
# 
_struct_keywords.entry_id        8DAH 
_struct_keywords.text            'tensegrity triangle, synthetic construct, self-assembly, DNA' 
_struct_keywords.pdbx_keywords   DNA 
# 
loop_
_struct_asym.id 
_struct_asym.pdbx_blank_PDB_chainid_flag 
_struct_asym.pdbx_modified 
_struct_asym.entity_id 
_struct_asym.details 
A N N 1 ? 
B N N 2 ? 
C N N 3 ? 
D N N 4 ? 
# 
loop_
_struct_conn.id 
_struct_conn.conn_type_id 
_struct_conn.pdbx_leaving_atom_flag 
_struct_conn.pdbx_PDB_id 
_struct_conn.ptnr1_label_asym_id 
_struct_conn.ptnr1_label_comp_id 
_struct_conn.ptnr1_label_seq_id 
_struct_conn.ptnr1_label_atom_id 
_struct_conn.pdbx_ptnr1_label_alt_id 
_struct_conn.pdbx_ptnr1_PDB_ins_code 
_struct_conn.pdbx_ptnr1_standard_comp_id 
_struct_conn.ptnr1_symmetry 
_struct_conn.ptnr2_label_asym_id 
_struct_conn.ptnr2_label_comp_id 
_struct_conn.ptnr2_label_seq_id 
_struct_conn.ptnr2_label_atom_id 
_struct_conn.pdbx_ptnr2_label_alt_id 
_struct_conn.pdbx_ptnr2_PDB_ins_code 
_struct_conn.ptnr1_auth_asym_id 
_struct_conn.ptnr1_auth_comp_id 
_struct_conn.ptnr1_auth_seq_id 
_struct_conn.ptnr2_auth_asym_id 
_struct_conn.ptnr2_auth_comp_id 
_struct_conn.ptnr2_auth_seq_id 
_struct_conn.ptnr2_symmetry 
_struct_conn.pdbx_ptnr3_label_atom_id 
_struct_conn.pdbx_ptnr3_label_seq_id 
_struct_conn.pdbx_ptnr3_label_comp_id 
_struct_conn.pdbx_ptnr3_label_asym_id 
_struct_conn.pdbx_ptnr3_label_alt_id 
_struct_conn.pdbx_ptnr3_PDB_ins_code 
_struct_conn.details 
_struct_conn.pdbx_dist_value 
_struct_conn.pdbx_value_order 
_struct_conn.pdbx_role 
hydrog1  hydrog ? ? A DG 2  N1 ? ? ? 1_555 C DC 6 N3 ? ? A DG 103 C DC 214 1_555 ? ? ? ? ? ? WATSON-CRICK ? ? ? 
hydrog2  hydrog ? ? A DG 2  N2 ? ? ? 1_555 C DC 6 O2 ? ? A DG 103 C DC 214 1_555 ? ? ? ? ? ? WATSON-CRICK ? ? ? 
hydrog3  hydrog ? ? A DG 2  O6 ? ? ? 1_555 C DC 6 N4 ? ? A DG 103 C DC 214 1_555 ? ? ? ? ? ? WATSON-CRICK ? ? ? 
hydrog4  hydrog ? ? A DC 3  N3 ? ? ? 1_555 C DG 5 N1 ? ? A DC 104 C DG 213 1_555 ? ? ? ? ? ? WATSON-CRICK ? ? ? 
hydrog5  hydrog ? ? A DC 3  N4 ? ? ? 1_555 C DG 5 O6 ? ? A DC 104 C DG 213 1_555 ? ? ? ? ? ? WATSON-CRICK ? ? ? 
hydrog6  hydrog ? ? A DC 3  O2 ? ? ? 1_555 C DG 5 N2 ? ? A DC 104 C DG 213 1_555 ? ? ? ? ? ? WATSON-CRICK ? ? ? 
hydrog7  hydrog ? ? A DA 4  N1 ? ? ? 1_555 C DT 4 N3 ? ? A DA 105 C DT 212 1_555 ? ? ? ? ? ? WATSON-CRICK ? ? ? 
hydrog8  hydrog ? ? A DA 4  N6 ? ? ? 1_555 C DT 4 O4 ? ? A DA 105 C DT 212 1_555 ? ? ? ? ? ? WATSON-CRICK ? ? ? 
hydrog9  hydrog ? ? A DG 5  N1 ? ? ? 1_555 C DC 3 N3 ? ? A DG 106 C DC 211 1_555 ? ? ? ? ? ? WATSON-CRICK ? ? ? 
hydrog10 hydrog ? ? A DG 5  N2 ? ? ? 1_555 C DC 3 O2 ? ? A DG 106 C DC 211 1_555 ? ? ? ? ? ? WATSON-CRICK ? ? ? 
hydrog11 hydrog ? ? A DG 5  O6 ? ? ? 1_555 C DC 3 N4 ? ? A DG 106 C DC 211 1_555 ? ? ? ? ? ? WATSON-CRICK ? ? ? 
hydrog12 hydrog ? ? A DC 6  O2 ? ? ? 1_555 C DG 2 N2 ? ? A DC 107 C DG 210 1_555 ? ? ? ? ? ? 'DC-DG PAIR' ? ? ? 
hydrog13 hydrog ? ? A DC 7  N3 ? ? ? 1_555 C DG 1 N2 ? ? A DC 108 C DG 209 1_555 ? ? ? ? ? ? 'DC-DG PAIR' ? ? ? 
hydrog14 hydrog ? ? A DT 8  N3 ? ? ? 1_555 B DA 7 N1 ? ? A DT 109 B DA 125 1_555 ? ? ? ? ? ? WATSON-CRICK ? ? ? 
hydrog15 hydrog ? ? A DT 8  O4 ? ? ? 1_555 B DA 7 N6 ? ? A DT 109 B DA 125 1_555 ? ? ? ? ? ? WATSON-CRICK ? ? ? 
hydrog16 hydrog ? ? A DG 9  N1 ? ? ? 1_555 B DC 6 N3 ? ? A DG 110 B DC 124 1_555 ? ? ? ? ? ? WATSON-CRICK ? ? ? 
hydrog17 hydrog ? ? A DG 9  N2 ? ? ? 1_555 B DC 6 O2 ? ? A DG 110 B DC 124 1_555 ? ? ? ? ? ? WATSON-CRICK ? ? ? 
hydrog18 hydrog ? ? A DG 9  O6 ? ? ? 1_555 B DC 6 N4 ? ? A DG 110 B DC 124 1_555 ? ? ? ? ? ? WATSON-CRICK ? ? ? 
hydrog19 hydrog ? ? A DT 10 N3 ? ? ? 1_555 B DA 5 N1 ? ? A DT 111 B DA 123 1_555 ? ? ? ? ? ? WATSON-CRICK ? ? ? 
hydrog20 hydrog ? ? A DT 10 O4 ? ? ? 1_555 B DA 5 N6 ? ? A DT 111 B DA 123 1_555 ? ? ? ? ? ? WATSON-CRICK ? ? ? 
hydrog21 hydrog ? ? A DA 11 N1 ? ? ? 1_555 B DT 4 N3 ? ? A DA 112 B DT 122 1_555 ? ? ? ? ? ? WATSON-CRICK ? ? ? 
hydrog22 hydrog ? ? A DA 11 N6 ? ? ? 1_555 B DT 4 O4 ? ? A DA 112 B DT 122 1_555 ? ? ? ? ? ? WATSON-CRICK ? ? ? 
hydrog23 hydrog ? ? A DC 12 N3 ? ? ? 1_555 B DG 3 N1 ? ? A DC 113 B DG 121 1_555 ? ? ? ? ? ? WATSON-CRICK ? ? ? 
hydrog24 hydrog ? ? A DC 12 N4 ? ? ? 1_555 B DG 3 O6 ? ? A DC 113 B DG 121 1_555 ? ? ? ? ? ? WATSON-CRICK ? ? ? 
hydrog25 hydrog ? ? A DC 12 O2 ? ? ? 1_555 B DG 3 N2 ? ? A DC 113 B DG 121 1_555 ? ? ? ? ? ? WATSON-CRICK ? ? ? 
hydrog26 hydrog ? ? A DG 13 O6 ? ? ? 1_555 B DC 2 N4 ? ? A DG 114 B DC 120 1_555 ? ? ? ? ? ? 'DG-DC PAIR' ? ? ? 
hydrog27 hydrog ? ? A DG 14 N1 ? ? ? 1_555 B DC 1 N3 ? ? A DG 115 B DC 119 1_555 ? ? ? ? ? ? WATSON-CRICK ? ? ? 
hydrog28 hydrog ? ? A DG 14 N2 ? ? ? 1_555 B DC 1 O2 ? ? A DG 115 B DC 119 1_555 ? ? ? ? ? ? WATSON-CRICK ? ? ? 
hydrog29 hydrog ? ? A DG 14 O6 ? ? ? 1_555 B DC 1 N4 ? ? A DG 115 B DC 119 1_555 ? ? ? ? ? ? WATSON-CRICK ? ? ? 
hydrog30 hydrog ? ? A DA 15 N1 ? ? ? 1_555 D DT 7 N3 ? ? A DA 116 D DT 208 1_555 ? ? ? ? ? ? WATSON-CRICK ? ? ? 
hydrog31 hydrog ? ? A DA 15 N6 ? ? ? 1_555 D DT 7 O4 ? ? A DA 116 D DT 208 1_555 ? ? ? ? ? ? WATSON-CRICK ? ? ? 
hydrog32 hydrog ? ? A DC 16 N3 ? ? ? 1_555 D DG 6 N1 ? ? A DC 117 D DG 207 1_555 ? ? ? ? ? ? WATSON-CRICK ? ? ? 
hydrog33 hydrog ? ? A DC 16 N4 ? ? ? 1_555 D DG 6 O6 ? ? A DC 117 D DG 207 1_555 ? ? ? ? ? ? WATSON-CRICK ? ? ? 
hydrog34 hydrog ? ? A DC 16 O2 ? ? ? 1_555 D DG 6 N2 ? ? A DC 117 D DG 207 1_555 ? ? ? ? ? ? WATSON-CRICK ? ? ? 
hydrog35 hydrog ? ? A DA 17 N1 ? ? ? 1_555 D DT 5 N3 ? ? A DA 118 D DT 206 1_555 ? ? ? ? ? ? WATSON-CRICK ? ? ? 
hydrog36 hydrog ? ? A DA 17 N6 ? ? ? 1_555 D DT 5 O4 ? ? A DA 118 D DT 206 1_555 ? ? ? ? ? ? WATSON-CRICK ? ? ? 
hydrog37 hydrog ? ? A DT 18 N3 ? ? ? 1_555 D DA 4 N1 ? ? A DT 119 D DA 205 1_555 ? ? ? ? ? ? WATSON-CRICK ? ? ? 
hydrog38 hydrog ? ? A DT 18 O4 ? ? ? 1_555 D DA 4 N6 ? ? A DT 119 D DA 205 1_555 ? ? ? ? ? ? WATSON-CRICK ? ? ? 
hydrog39 hydrog ? ? A DC 19 N3 ? ? ? 1_555 D DG 3 N1 ? ? A DC 120 D DG 204 1_555 ? ? ? ? ? ? WATSON-CRICK ? ? ? 
hydrog40 hydrog ? ? A DC 19 N4 ? ? ? 1_555 D DG 3 O6 ? ? A DC 120 D DG 204 1_555 ? ? ? ? ? ? WATSON-CRICK ? ? ? 
hydrog41 hydrog ? ? A DC 19 O2 ? ? ? 1_555 D DG 3 N2 ? ? A DC 120 D DG 204 1_555 ? ? ? ? ? ? WATSON-CRICK ? ? ? 
hydrog42 hydrog ? ? A DA 20 N1 ? ? ? 1_555 D DT 2 N3 ? ? A DA 121 D DT 203 1_555 ? ? ? ? ? ? WATSON-CRICK ? ? ? 
hydrog43 hydrog ? ? A DA 20 N6 ? ? ? 1_555 D DT 2 O4 ? ? A DA 121 D DT 203 1_555 ? ? ? ? ? ? WATSON-CRICK ? ? ? 
# 
_struct_conn_type.id          hydrog 
_struct_conn_type.criteria    ? 
_struct_conn_type.reference   ? 
# 
_atom_sites.entry_id                    8DAH 
_atom_sites.Cartn_transf_matrix[1][1]   ? 
_atom_sites.Cartn_transf_matrix[1][2]   ? 
_atom_sites.Cartn_transf_matrix[1][3]   ? 
_atom_sites.Cartn_transf_matrix[2][1]   ? 
_atom_sites.Cartn_transf_matrix[2][2]   ? 
_atom_sites.Cartn_transf_matrix[2][3]   ? 
_atom_sites.Cartn_transf_matrix[3][1]   ? 
_atom_sites.Cartn_transf_matrix[3][2]   ? 
_atom_sites.Cartn_transf_matrix[3][3]   ? 
_atom_sites.Cartn_transf_vector[1]      ? 
_atom_sites.Cartn_transf_vector[2]      ? 
_atom_sites.Cartn_transf_vector[3]      ? 
_atom_sites.fract_transf_matrix[1][1]   0.00493561 
_atom_sites.fract_transf_matrix[1][2]   -0.00752018 
_atom_sites.fract_transf_matrix[1][3]   0.00279247 
_atom_sites.fract_transf_matrix[2][1]   0.00338933 
_atom_sites.fract_transf_matrix[2][2]   -0.00041388 
_atom_sites.fract_transf_matrix[2][3]   0.00877831 
_atom_sites.fract_transf_matrix[3][1]   -0.01466081 
_atom_sites.fract_transf_matrix[3][2]   -0.00765417 
_atom_sites.fract_transf_matrix[3][3]   0.00529971 
_atom_sites.fract_transf_vector[1]      -0.258462 
_atom_sites.fract_transf_vector[2]      0.263334 
_atom_sites.fract_transf_vector[3]      0.259367 
_atom_sites.solution_primary            ? 
_atom_sites.solution_secondary          ? 
_atom_sites.solution_hydrogens          ? 
_atom_sites.special_details             ? 
# 
loop_
_atom_type.symbol 
_atom_type.scat_dispersion_real 
_atom_type.scat_dispersion_imag 
_atom_type.scat_Cromer_Mann_a1 
_atom_type.scat_Cromer_Mann_a2 
_atom_type.scat_Cromer_Mann_a3 
_atom_type.scat_Cromer_Mann_a4 
_atom_type.scat_Cromer_Mann_b1 
_atom_type.scat_Cromer_Mann_b2 
_atom_type.scat_Cromer_Mann_b3 
_atom_type.scat_Cromer_Mann_b4 
_atom_type.scat_Cromer_Mann_c 
_atom_type.scat_source 
_atom_type.scat_dispersion_source 
C ? ? 5.96793  ? ? ? 14.89577 ? ? ? 0.0 
;1-Gaussian fit: Grosse-Kunstleve RW, Sauter NK, Adams PD: Newsletter of the IUCr Commission on Crystallographic Computing 2004, 3, 22-31.
;
? 
N ? ? 6.96715  ? ? ? 11.43723 ? ? ? 0.0 
;1-Gaussian fit: Grosse-Kunstleve RW, Sauter NK, Adams PD: Newsletter of the IUCr Commission on Crystallographic Computing 2004, 3, 22-31.
;
? 
O ? ? 7.96527  ? ? ? 9.05267  ? ? ? 0.0 
;1-Gaussian fit: Grosse-Kunstleve RW, Sauter NK, Adams PD: Newsletter of the IUCr Commission on Crystallographic Computing 2004, 3, 22-31.
;
? 
P ? ? 14.90797 ? ? ? 11.91318 ? ? ? 0.0 
;1-Gaussian fit: Grosse-Kunstleve RW, Sauter NK, Adams PD: Newsletter of the IUCr Commission on Crystallographic Computing 2004, 3, 22-31.
;
? 
# 
loop_
_atom_site.group_PDB 
_atom_site.id 
_atom_site.type_symbol 
_atom_site.label_atom_id 
_atom_site.label_alt_id 
_atom_site.label_comp_id 
_atom_site.label_asym_id 
_atom_site.label_entity_id 
_atom_site.label_seq_id 
_atom_site.pdbx_PDB_ins_code 
_atom_site.Cartn_x 
_atom_site.Cartn_y 
_atom_site.Cartn_z 
_atom_site.occupancy 
_atom_site.B_iso_or_equiv 
_atom_site.pdbx_formal_charge 
_atom_site.auth_seq_id 
_atom_site.auth_comp_id 
_atom_site.auth_asym_id 
_atom_site.auth_atom_id 
_atom_site.pdbx_PDB_model_num 
ATOM 1   O "O5'" . DG A 1 1  ? 7.26275   -21.87039 27.45089  1.000 376.68876 ? 102 DG A "O5'" 1 
ATOM 2   C "C5'" . DG A 1 1  ? 7.54619   -20.62864 26.80761  1.000 367.08980 ? 102 DG A "C5'" 1 
ATOM 3   C "C4'" . DG A 1 1  ? 8.66737   -20.80712 25.80441  1.000 361.17213 ? 102 DG A "C4'" 1 
ATOM 4   O "O4'" . DG A 1 1  ? 8.66380   -22.17727 25.35377  1.000 373.63122 ? 102 DG A "O4'" 1 
ATOM 5   C "C3'" . DG A 1 1  ? 8.58270   -19.91430 24.56430  1.000 356.63684 ? 102 DG A "C3'" 1 
ATOM 6   O "O3'" . DG A 1 1  ? 9.69389   -19.01854 24.52395  1.000 338.33666 ? 102 DG A "O3'" 1 
ATOM 7   C "C2'" . DG A 1 1  ? 8.61108   -20.86926 23.36996  1.000 369.21990 ? 102 DG A "C2'" 1 
ATOM 8   C "C1'" . DG A 1 1  ? 8.42834   -22.25386 23.97115  1.000 379.33990 ? 102 DG A "C1'" 1 
ATOM 9   N N9    . DG A 1 1  ? 7.11479   -22.85493 23.73425  1.000 392.86322 ? 102 DG A N9    1 
ATOM 10  C C8    . DG A 1 1  ? 6.06898   -22.95634 24.62402  1.000 398.34738 ? 102 DG A C8    1 
ATOM 11  N N7    . DG A 1 1  ? 5.02879   -23.57068 24.12914  1.000 407.66726 ? 102 DG A N7    1 
ATOM 12  C C5    . DG A 1 1  ? 5.41116   -23.90261 22.83579  1.000 408.13851 ? 102 DG A C5    1 
ATOM 13  C C6    . DG A 1 1  ? 4.70020   -24.57932 21.81668  1.000 412.02034 ? 102 DG A C6    1 
ATOM 14  O O6    . DG A 1 1  ? 3.55047   -25.03510 21.86095  1.000 414.31625 ? 102 DG A O6    1 
ATOM 15  N N1    . DG A 1 1  ? 5.45721   -24.70607 20.65526  1.000 409.41884 ? 102 DG A N1    1 
ATOM 16  C C2    . DG A 1 1  ? 6.74146   -24.23795 20.49955  1.000 403.57795 ? 102 DG A C2    1 
ATOM 17  N N2    . DG A 1 1  ? 7.31377   -24.44449 19.30966  1.000 400.25003 ? 102 DG A N2    1 
ATOM 18  N N3    . DG A 1 1  ? 7.41605   -23.60304 21.44576  1.000 397.66280 ? 102 DG A N3    1 
ATOM 19  C C4    . DG A 1 1  ? 6.69278   -23.46992 22.58162  1.000 400.43557 ? 102 DG A C4    1 
ATOM 20  P P     . DG A 1 2  ? 9.63596   -17.70513 23.59725  1.000 369.09122 ? 103 DG A P     1 
ATOM 21  O OP1   . DG A 1 2  ? 10.66127  -16.76381 24.09801  1.000 353.73734 ? 103 DG A OP1   1 
ATOM 22  O OP2   . DG A 1 2  ? 8.22227   -17.27633 23.50544  1.000 372.98193 ? 103 DG A OP2   1 
ATOM 23  O "O5'" . DG A 1 2  ? 10.06735  -18.22513 22.14514  1.000 379.58736 ? 103 DG A "O5'" 1 
ATOM 24  C "C5'" . DG A 1 2  ? 11.44258  -18.29476 21.78784  1.000 372.10356 ? 103 DG A "C5'" 1 
ATOM 25  C "C4'" . DG A 1 2  ? 11.60437  -18.68088 20.32391  1.000 381.38960 ? 103 DG A "C4'" 1 
ATOM 26  O "O4'" . DG A 1 2  ? 10.74548  -19.80797 20.02278  1.000 398.45344 ? 103 DG A "O4'" 1 
ATOM 27  C "C3'" . DG A 1 2  ? 11.26534  -17.58109 19.31820  1.000 379.47905 ? 103 DG A "C3'" 1 
ATOM 28  O "O3'" . DG A 1 2  ? 12.35688  -17.36978 18.36005  1.000 371.17499 ? 103 DG A "O3'" 1 
ATOM 29  C "C2'" . DG A 1 2  ? 9.94774   -18.01639 18.66479  1.000 395.05695 ? 103 DG A "C2'" 1 
ATOM 30  C "C1'" . DG A 1 2  ? 9.85804   -19.51239 18.95981  1.000 404.75439 ? 103 DG A "C1'" 1 
ATOM 31  N N9    . DG A 1 2  ? 8.52047   -19.95538 19.35195  1.000 416.40352 ? 103 DG A N9    1 
ATOM 32  C C8    . DG A 1 2  ? 7.86731   -19.66571 20.52208  1.000 415.68741 ? 103 DG A C8    1 
ATOM 33  N N7    . DG A 1 2  ? 6.68688   -20.21124 20.61229  1.000 425.19126 ? 103 DG A N7    1 
ATOM 34  C C5    . DG A 1 2  ? 6.54279   -20.90418 19.42034  1.000 432.30994 ? 103 DG A C5    1 
ATOM 35  C C6    . DG A 1 2  ? 5.46356   -21.68589 18.94590  1.000 439.60117 ? 103 DG A C6    1 
ATOM 36  O O6    . DG A 1 2  ? 4.38314   -21.92848 19.50646  1.000 441.68296 ? 103 DG A O6    1 
ATOM 37  N N1    . DG A 1 2  ? 5.73025   -22.21189 17.68394  1.000 439.73855 ? 103 DG A N1    1 
ATOM 38  C C2    . DG A 1 2  ? 6.89393   -22.00651 16.97464  1.000 435.93162 ? 103 DG A C2    1 
ATOM 39  N N2    . DG A 1 2  ? 6.98085   -22.58883 15.77362  1.000 434.51315 ? 103 DG A N2    1 
ATOM 40  N N3    . DG A 1 2  ? 7.90785   -21.27638 17.41115  1.000 428.09421 ? 103 DG A N3    1 
ATOM 41  C C4    . DG A 1 2  ? 7.66645   -20.76092 18.63599  1.000 426.60585 ? 103 DG A C4    1 
ATOM 42  P P     . DC A 1 3  ? 12.76301  -18.44244 17.22068  1.000 402.21349 ? 104 DC A P     1 
ATOM 43  O OP1   . DC A 1 3  ? 12.72944  -19.82323 17.74485  1.000 412.11697 ? 104 DC A OP1   1 
ATOM 44  O OP2   . DC A 1 3  ? 14.02410  -17.93744 16.63399  1.000 388.75256 ? 104 DC A OP2   1 
ATOM 45  O "O5'" . DC A 1 3  ? 11.63983  -18.28733 16.09122  1.000 409.74268 ? 104 DC A "O5'" 1 
ATOM 46  C "C5'" . DC A 1 3  ? 11.79176  -18.95674 14.83309  1.000 409.70402 ? 104 DC A "C5'" 1 
ATOM 47  C "C4'" . DC A 1 3  ? 10.57952  -18.71990 13.95262  1.000 415.38653 ? 104 DC A "C4'" 1 
ATOM 48  O "O4'" . DC A 1 3  ? 9.42189   -19.31264 14.57896  1.000 428.95218 ? 104 DC A "O4'" 1 
ATOM 49  C "C3'" . DC A 1 3  ? 10.22310  -17.24324 13.75414  1.000 411.09575 ? 104 DC A "C3'" 1 
ATOM 50  O "O3'" . DC A 1 3  ? 10.60519  -16.72455 12.44072  1.000 401.59230 ? 104 DC A "O3'" 1 
ATOM 51  C "C2'" . DC A 1 3  ? 8.70909   -17.16959 13.97606  1.000 423.22153 ? 104 DC A "C2'" 1 
ATOM 52  C "C1'" . DC A 1 3  ? 8.28746   -18.63100 14.12755  1.000 434.06396 ? 104 DC A "C1'" 1 
ATOM 53  N N1    . DC A 1 3  ? 7.18251   -18.79716 15.11081  1.000 443.80370 ? 104 DC A N1    1 
ATOM 54  C C2    . DC A 1 3  ? 6.05412   -19.57725 14.79651  1.000 448.94624 ? 104 DC A C2    1 
ATOM 55  O O2    . DC A 1 3  ? 5.99952   -20.15854 13.70617  1.000 444.65762 ? 104 DC A O2    1 
ATOM 56  N N3    . DC A 1 3  ? 5.05986   -19.68231 15.71295  1.000 453.72034 ? 104 DC A N3    1 
ATOM 57  C C4    . DC A 1 3  ? 5.15773   -19.04003 16.87705  1.000 454.00876 ? 104 DC A C4    1 
ATOM 58  N N4    . DC A 1 3  ? 4.15854   -19.16722 17.75199  1.000 457.94636 ? 104 DC A N4    1 
ATOM 59  C C5    . DC A 1 3  ? 6.28472   -18.23378 17.20031  1.000 446.12316 ? 104 DC A C5    1 
ATOM 60  C C6    . DC A 1 3  ? 7.25816   -18.13911 16.29786  1.000 440.07594 ? 104 DC A C6    1 
ATOM 61  P P     . DA A 1 4  ? 10.83335  -17.64881 11.13741  1.000 373.09820 ? 105 DA A P     1 
ATOM 62  O OP1   . DA A 1 4  ? 12.00738  -18.52712 11.34095  1.000 369.02361 ? 105 DA A OP1   1 
ATOM 63  O OP2   . DA A 1 4  ? 10.85833  -16.69362 10.00674  1.000 360.92478 ? 105 DA A OP2   1 
ATOM 64  O "O5'" . DA A 1 4  ? 9.49266   -18.51773 10.97327  1.000 381.55943 ? 105 DA A "O5'" 1 
ATOM 65  C "C5'" . DA A 1 4  ? 9.54705   -19.76163 10.25462  1.000 372.03330 ? 105 DA A "C5'" 1 
ATOM 66  C "C4'" . DA A 1 4  ? 8.32242   -19.98138 9.36544   1.000 357.81861 ? 105 DA A "C4'" 1 
ATOM 67  O "O4'" . DA A 1 4  ? 7.11037   -19.96846 10.16155  1.000 369.24192 ? 105 DA A "O4'" 1 
ATOM 68  C "C3'" . DA A 1 4  ? 8.10089   -18.96182 8.25360   1.000 342.85991 ? 105 DA A "C3'" 1 
ATOM 69  O "O3'" . DA A 1 4  ? 7.53523   -19.62016 7.12093   1.000 317.25779 ? 105 DA A "O3'" 1 
ATOM 70  C "C2'" . DA A 1 4  ? 7.11023   -17.99070 8.88796   1.000 358.33606 ? 105 DA A "C2'" 1 
ATOM 71  C "C1'" . DA A 1 4  ? 6.25006   -18.93009 9.72694   1.000 364.53912 ? 105 DA A "C1'" 1 
ATOM 72  N N9    . DA A 1 4  ? 5.70608   -18.30031 10.91909  1.000 387.08132 ? 105 DA A N9    1 
ATOM 73  C C8    . DA A 1 4  ? 6.39260   -17.52751 11.79800  1.000 402.25491 ? 105 DA A C8    1 
ATOM 74  N N7    . DA A 1 4  ? 5.68023   -17.10380 12.80803  1.000 409.96812 ? 105 DA A N7    1 
ATOM 75  C C5    . DA A 1 4  ? 4.42786   -17.63264 12.57395  1.000 404.08553 ? 105 DA A C5    1 
ATOM 76  C C6    . DA A 1 4  ? 3.22505   -17.53742 13.28497  1.000 403.21003 ? 105 DA A C6    1 
ATOM 77  N N6    . DA A 1 4  ? 3.10901   -16.84575 14.41673  1.000 412.63999 ? 105 DA A N6    1 
ATOM 78  N N1    . DA A 1 4  ? 2.14842   -18.17962 12.79068  1.000 385.55981 ? 105 DA A N1    1 
ATOM 79  C C2    . DA A 1 4  ? 2.27634   -18.87165 11.65071  1.000 367.95563 ? 105 DA A C2    1 
ATOM 80  N N3    . DA A 1 4  ? 3.36437   -19.03514 10.88884  1.000 364.87032 ? 105 DA A N3    1 
ATOM 81  C C4    . DA A 1 4  ? 4.41760   -18.38228 11.41585  1.000 385.32652 ? 105 DA A C4    1 
ATOM 82  P P     . DG A 1 5  ? 7.24162   -18.81754 5.75969   1.000 375.12359 ? 106 DG A P     1 
ATOM 83  O OP1   . DG A 1 5  ? 7.53357   -19.74444 4.64382   1.000 367.18083 ? 106 DG A OP1   1 
ATOM 84  O OP2   . DG A 1 5  ? 7.93510   -17.51271 5.82741   1.000 382.57254 ? 106 DG A OP2   1 
ATOM 85  O "O5'" . DG A 1 5  ? 5.66210   -18.56391 5.79976   1.000 374.07116 ? 106 DG A "O5'" 1 
ATOM 86  C "C5'" . DG A 1 5  ? 4.77119   -19.67076 5.73309   1.000 368.63670 ? 106 DG A "C5'" 1 
ATOM 87  C "C4'" . DG A 1 5  ? 3.34319   -19.24419 6.02650   1.000 368.17842 ? 106 DG A "C4'" 1 
ATOM 88  O "O4'" . DG A 1 5  ? 3.24405   -18.75890 7.39508   1.000 384.76035 ? 106 DG A "O4'" 1 
ATOM 89  C "C3'" . DG A 1 5  ? 2.80594   -18.11781 5.13511   1.000 360.90460 ? 106 DG A "C3'" 1 
ATOM 90  O "O3'" . DG A 1 5  ? 1.49831   -18.43702 4.67361   1.000 360.57815 ? 106 DG A "O3'" 1 
ATOM 91  C "C2'" . DG A 1 5  ? 2.78328   -16.91500 6.07044   1.000 377.43637 ? 106 DG A "C2'" 1 
ATOM 92  C "C1'" . DG A 1 5  ? 2.47893   -17.57772 7.39915   1.000 391.15803 ? 106 DG A "C1'" 1 
ATOM 93  N N9    . DG A 1 5  ? 2.85465   -16.76056 8.55152   1.000 417.73539 ? 106 DG A N9    1 
ATOM 94  C C8    . DG A 1 5  ? 4.11882   -16.34982 8.89695   1.000 433.17324 ? 106 DG A C8    1 
ATOM 95  N N7    . DG A 1 5  ? 4.15200   -15.61755 9.97395   1.000 455.72893 ? 106 DG A N7    1 
ATOM 96  C C5    . DG A 1 5  ? 2.82417   -15.52806 10.36520  1.000 453.12488 ? 106 DG A C5    1 
ATOM 97  C C6    . DG A 1 5  ? 2.25006   -14.85833 11.46538  1.000 465.29786 ? 106 DG A C6    1 
ATOM 98  O O6    . DG A 1 5  ? 2.82575   -14.19384 12.33517  1.000 477.15019 ? 106 DG A O6    1 
ATOM 99  N N1    . DG A 1 5  ? 0.86573   -15.01492 11.50337  1.000 454.10759 ? 106 DG A N1    1 
ATOM 100 C C2    . DG A 1 5  ? 0.12966   -15.73227 10.58746  1.000 433.72884 ? 106 DG A C2    1 
ATOM 101 N N2    . DG A 1 5  ? -1.19899  -15.77301 10.78465  1.000 423.70340 ? 106 DG A N2    1 
ATOM 102 N N3    . DG A 1 5  ? 0.65998   -16.36736 9.54646   1.000 420.96245 ? 106 DG A N3    1 
ATOM 103 C C4    . DG A 1 5  ? 2.00899   -16.22146 9.49944   1.000 430.76976 ? 106 DG A C4    1 
ATOM 104 P P     . DC A 1 6  ? 0.78515   -17.52086 3.55888   1.000 380.04784 ? 107 DC A P     1 
ATOM 105 O OP1   . DC A 1 6  ? -0.37618  -18.25999 3.02023   1.000 381.22199 ? 107 DC A OP1   1 
ATOM 106 O OP2   . DC A 1 6  ? 1.82778   -17.02440 2.64019   1.000 375.92607 ? 107 DC A OP2   1 
ATOM 107 O "O5'" . DC A 1 6  ? 0.24781   -16.25778 4.37363   1.000 381.80925 ? 107 DC A "O5'" 1 
ATOM 108 C "C5'" . DC A 1 6  ? -0.67034  -16.44294 5.43212   1.000 388.84353 ? 107 DC A "C5'" 1 
ATOM 109 C "C4'" . DC A 1 6  ? -0.90330  -15.14260 6.17030   1.000 404.21917 ? 107 DC A "C4'" 1 
ATOM 110 O "O4'" . DC A 1 6  ? 0.27520   -14.78491 6.93417   1.000 426.27477 ? 107 DC A "O4'" 1 
ATOM 111 C "C3'" . DC A 1 6  ? -1.21050  -13.93912 5.27160   1.000 401.93701 ? 107 DC A "C3'" 1 
ATOM 112 O "O3'" . DC A 1 6  ? -2.41472  -13.32584 5.70262   1.000 407.97091 ? 107 DC A "O3'" 1 
ATOM 113 C "C2'" . DC A 1 6  ? 0.00109   -13.01743 5.47185   1.000 417.71643 ? 107 DC A "C2'" 1 
ATOM 114 C "C1'" . DC A 1 6  ? 0.41409   -13.39196 6.88068   1.000 436.88941 ? 107 DC A "C1'" 1 
ATOM 115 N N1    . DC A 1 6  ? 1.81456   -13.01882 7.24804   1.000 451.63919 ? 107 DC A N1    1 
ATOM 116 C C2    . DC A 1 6  ? 2.01496   -12.05740 8.23335   1.000 474.43884 ? 107 DC A C2    1 
ATOM 117 O O2    . DC A 1 6  ? 1.02912   -11.50865 8.72546   1.000 479.17293 ? 107 DC A O2    1 
ATOM 118 N N3    . DC A 1 6  ? 3.28080   -11.70847 8.57042   1.000 486.44558 ? 107 DC A N3    1 
ATOM 119 C C4    . DC A 1 6  ? 4.31522   -12.30664 7.97820   1.000 477.01458 ? 107 DC A C4    1 
ATOM 120 N N4    . DC A 1 6  ? 5.54672   -11.94097 8.35011   1.000 480.77266 ? 107 DC A N4    1 
ATOM 121 C C5    . DC A 1 6  ? 4.13115   -13.30691 6.97754   1.000 450.93480 ? 107 DC A C5    1 
ATOM 122 C C6    . DC A 1 6  ? 2.87436   -13.62776 6.64611   1.000 440.22835 ? 107 DC A C6    1 
ATOM 123 P P     . DC A 1 7  ? -3.82024  -13.76350 5.05715   1.000 331.25068 ? 108 DC A P     1 
ATOM 124 O OP1   . DC A 1 7  ? -3.75942  -15.20961 4.74409   1.000 321.22304 ? 108 DC A OP1   1 
ATOM 125 O OP2   . DC A 1 7  ? -4.11871  -12.79945 3.97698   1.000 328.63671 ? 108 DC A OP2   1 
ATOM 126 O "O5'" . DC A 1 7  ? -4.87923  -13.51209 6.23209   1.000 339.15440 ? 108 DC A "O5'" 1 
ATOM 127 C "C5'" . DC A 1 7  ? -5.94548  -12.59214 6.03486   1.000 333.38334 ? 108 DC A "C5'" 1 
ATOM 128 C "C4'" . DC A 1 7  ? -6.55342  -12.15549 7.35780   1.000 339.90849 ? 108 DC A "C4'" 1 
ATOM 129 O "O4'" . DC A 1 7  ? -5.73486  -12.62858 8.46305   1.000 349.90559 ? 108 DC A "O4'" 1 
ATOM 130 C "C3'" . DC A 1 7  ? -6.63998  -10.65036 7.54506   1.000 348.79874 ? 108 DC A "C3'" 1 
ATOM 131 O "O3'" . DC A 1 7  ? -7.86111  -10.15940 7.00790   1.000 337.90685 ? 108 DC A "O3'" 1 
ATOM 132 C "C2'" . DC A 1 7  ? -6.59673  -10.51997 9.05978   1.000 358.96726 ? 108 DC A "C2'" 1 
ATOM 133 C "C1'" . DC A 1 7  ? -5.57418  -11.59119 9.41902   1.000 364.19227 ? 108 DC A "C1'" 1 
ATOM 134 N N1    . DC A 1 7  ? -4.15611  -11.11741 9.35907   1.000 380.74392 ? 108 DC A N1    1 
ATOM 135 C C2    . DC A 1 7  ? -3.70842  -10.11040 10.23107  1.000 395.57781 ? 108 DC A C2    1 
ATOM 136 O O2    . DC A 1 7  ? -4.49461  -9.61325  11.04632  1.000 392.88702 ? 108 DC A O2    1 
ATOM 137 N N3    . DC A 1 7  ? -2.41742  -9.70598  10.15205  1.000 409.90163 ? 108 DC A N3    1 
ATOM 138 C C4    . DC A 1 7  ? -1.59724  -10.26328 9.26229   1.000 409.58914 ? 108 DC A C4    1 
ATOM 139 N N4    . DC A 1 7  ? -0.33449  -9.83051  9.21879   1.000 422.15634 ? 108 DC A N4    1 
ATOM 140 C C5    . DC A 1 7  ? -2.03208  -11.29038 8.37566   1.000 392.15189 ? 108 DC A C5    1 
ATOM 141 C C6    . DC A 1 7  ? -3.30386  -11.67994 8.45660   1.000 378.71884 ? 108 DC A C6    1 
ATOM 142 P P     . DT A 1 8  ? -7.87282  -8.80830  6.13781   1.000 347.86285 ? 109 DT A P     1 
ATOM 143 O OP1   . DT A 1 8  ? -9.23865  -8.63256  5.59381   1.000 336.77475 ? 109 DT A OP1   1 
ATOM 144 O OP2   . DT A 1 8  ? -6.70783  -8.85995  5.22474   1.000 353.73530 ? 109 DT A OP2   1 
ATOM 145 O "O5'" . DT A 1 8  ? -7.58602  -7.65781  7.21055   1.000 362.48597 ? 109 DT A "O5'" 1 
ATOM 146 C "C5'" . DT A 1 8  ? -8.38298  -7.55876  8.38280   1.000 357.60869 ? 109 DT A "C5'" 1 
ATOM 147 C "C4'" . DT A 1 8  ? -7.59887  -6.89544  9.49729   1.000 370.13585 ? 109 DT A "C4'" 1 
ATOM 148 O "O4'" . DT A 1 8  ? -6.24202  -7.35510  9.43872   1.000 382.72139 ? 109 DT A "O4'" 1 
ATOM 149 C "C3'" . DT A 1 8  ? -7.50962  -5.37992  9.39996   1.000 376.25944 ? 109 DT A "C3'" 1 
ATOM 150 O "O3'" . DT A 1 8  ? -8.52945  -4.78857  10.19724  1.000 367.24659 ? 109 DT A "O3'" 1 
ATOM 151 C "C2'" . DT A 1 8  ? -6.10873  -5.04538  9.94584   1.000 392.28357 ? 109 DT A "C2'" 1 
ATOM 152 C "C1'" . DT A 1 8  ? -5.40335  -6.40298  10.03612  1.000 395.76165 ? 109 DT A "C1'" 1 
ATOM 153 N N1    . DT A 1 8  ? -4.05514  -6.46948  9.35998   1.000 409.04512 ? 109 DT A N1    1 
ATOM 154 C C2    . DT A 1 8  ? -3.03204  -5.66336  9.79979   1.000 420.50767 ? 109 DT A C2    1 
ATOM 155 O O2    . DT A 1 8  ? -3.15179  -4.86185  10.70271  1.000 417.15724 ? 109 DT A O2    1 
ATOM 156 N N3    . DT A 1 8  ? -1.85057  -5.82001  9.13459   1.000 429.42537 ? 109 DT A N3    1 
ATOM 157 C C4    . DT A 1 8  ? -1.58165  -6.68875  8.10045   1.000 429.04945 ? 109 DT A C4    1 
ATOM 158 O O4    . DT A 1 8  ? -0.47860  -6.75150  7.56833   1.000 435.45577 ? 109 DT A O4    1 
ATOM 159 C C5    . DT A 1 8  ? -2.68869  -7.51573  7.68999   1.000 413.89848 ? 109 DT A C5    1 
ATOM 160 C C7    . DT A 1 8  ? -2.51941  -8.49501  6.56979   1.000 402.79281 ? 109 DT A C7    1 
ATOM 161 C C6    . DT A 1 8  ? -3.85804  -7.37218  8.33508   1.000 405.07480 ? 109 DT A C6    1 
ATOM 162 P P     . DG A 1 9  ? -9.89650  -4.27604  9.52346   1.000 270.99501 ? 110 DG A P     1 
ATOM 163 O OP1   . DG A 1 9  ? -10.60192 -3.42949  10.51209  1.000 271.37397 ? 110 DG A OP1   1 
ATOM 164 O OP2   . DG A 1 9  ? -10.59491 -5.44674  8.95060   1.000 273.49055 ? 110 DG A OP2   1 
ATOM 165 O "O5'" . DG A 1 9  ? -9.40579  -3.36706  8.30286   1.000 269.95184 ? 110 DG A "O5'" 1 
ATOM 166 C "C5'" . DG A 1 9  ? -9.71113  -1.97946  8.27667   1.000 269.87306 ? 110 DG A "C5'" 1 
ATOM 167 C "C4'" . DG A 1 9  ? -8.77155  -1.19895  9.17619   1.000 275.63617 ? 110 DG A "C4'" 1 
ATOM 168 O "O4'" . DG A 1 9  ? -7.51252  -1.91477  9.30517   1.000 289.27684 ? 110 DG A "O4'" 1 
ATOM 169 C "C3'" . DG A 1 9  ? -8.41212  0.18021   8.65466   1.000 275.02875 ? 110 DG A "C3'" 1 
ATOM 170 O "O3'" . DG A 1 9  ? -8.20816  1.08260   9.73649   1.000 265.96105 ? 110 DG A "O3'" 1 
ATOM 171 C "C2'" . DG A 1 9  ? -7.12332  -0.08500  7.88926   1.000 291.33799 ? 110 DG A "C2'" 1 
ATOM 172 C "C1'" . DG A 1 9  ? -6.46090  -1.14799  8.75164   1.000 299.66445 ? 110 DG A "C1'" 1 
ATOM 173 N N9    . DG A 1 9  ? -5.56565  -2.05213  8.01862   1.000 312.07943 ? 110 DG A N9    1 
ATOM 174 C C8    . DG A 1 9  ? -5.91879  -3.18642  7.32937   1.000 309.52314 ? 110 DG A C8    1 
ATOM 175 N N7    . DG A 1 9  ? -4.90709  -3.81184  6.79576   1.000 319.24349 ? 110 DG A N7    1 
ATOM 176 C C5    . DG A 1 9  ? -3.81119  -3.04137  7.14103   1.000 329.90182 ? 110 DG A C5    1 
ATOM 177 C C6    . DG A 1 9  ? -2.44276  -3.22211  6.83553   1.000 339.03107 ? 110 DG A C6    1 
ATOM 178 O O6    . DG A 1 9  ? -1.91233  -4.12932  6.17707   1.000 345.39379 ? 110 DG A O6    1 
ATOM 179 N N1    . DG A 1 9  ? -1.66094  -2.21339  7.37748   1.000 328.48524 ? 110 DG A N1    1 
ATOM 180 C C2    . DG A 1 9  ? -2.13883  -1.16127  8.12204   1.000 313.16352 ? 110 DG A C2    1 
ATOM 181 N N2    . DG A 1 9  ? -1.22655  -0.28700  8.55902   1.000 299.76635 ? 110 DG A N2    1 
ATOM 182 N N3    . DG A 1 9  ? -3.41990  -0.97771  8.41742   1.000 309.00744 ? 110 DG A N3    1 
ATOM 183 C C4    . DG A 1 9  ? -4.19648  -1.95279  7.89626   1.000 320.24046 ? 110 DG A C4    1 
ATOM 184 P P     . DT A 1 10 ? -9.13140  2.39214   9.87522   1.000 304.26237 ? 111 DT A P     1 
ATOM 185 O OP1   . DT A 1 10 ? -9.45800  2.56899   11.30400  1.000 298.72829 ? 111 DT A OP1   1 
ATOM 186 O OP2   . DT A 1 10 ? -10.24267 2.27613   8.90733   1.000 303.77792 ? 111 DT A OP2   1 
ATOM 187 O "O5'" . DT A 1 10 ? -8.17759  3.58756   9.41193   1.000 298.73437 ? 111 DT A "O5'" 1 
ATOM 188 C "C5'" . DT A 1 10 ? -7.34727  3.42648   8.27860   1.000 310.35289 ? 111 DT A "C5'" 1 
ATOM 189 C "C4'" . DT A 1 10 ? -5.97678  4.01089   8.53458   1.000 305.98377 ? 111 DT A "C4'" 1 
ATOM 190 O "O4'" . DT A 1 10 ? -4.96094  2.99191   8.33079   1.000 321.98182 ? 111 DT A "O4'" 1 
ATOM 191 C "C3'" . DT A 1 10 ? -5.60745  5.15641   7.61239   1.000 302.90923 ? 111 DT A "C3'" 1 
ATOM 192 O "O3'" . DT A 1 10 ? -4.83689  6.10398   8.31038   1.000 298.29062 ? 111 DT A "O3'" 1 
ATOM 193 C "C2'" . DT A 1 10 ? -4.80263  4.46444   6.51972   1.000 323.84980 ? 111 DT A "C2'" 1 
ATOM 194 C "C1'" . DT A 1 10 ? -4.07666  3.38667   7.29776   1.000 329.87116 ? 111 DT A "C1'" 1 
ATOM 195 N N1    . DT A 1 10 ? -3.73761  2.16871   6.48673   1.000 351.91486 ? 111 DT A N1    1 
ATOM 196 C C2    . DT A 1 10 ? -2.41986  1.87132   6.21572   1.000 358.56696 ? 111 DT A C2    1 
ATOM 197 O O2    . DT A 1 10 ? -1.49063  2.56247   6.58720   1.000 347.48394 ? 111 DT A O2    1 
ATOM 198 N N3    . DT A 1 10 ? -2.23292  0.71922   5.48749   1.000 376.68454 ? 111 DT A N3    1 
ATOM 199 C C4    . DT A 1 10 ? -3.21001  -0.13684  5.01637   1.000 388.18072 ? 111 DT A C4    1 
ATOM 200 O O4    . DT A 1 10 ? -2.95434  -1.14627  4.36881   1.000 400.03826 ? 111 DT A O4    1 
ATOM 201 C C5    . DT A 1 10 ? -4.55737  0.23366   5.33978   1.000 380.54957 ? 111 DT A C5    1 
ATOM 202 C C7    . DT A 1 10 ? -5.69326  -0.62230  4.87541   1.000 378.54719 ? 111 DT A C7    1 
ATOM 203 C C6    . DT A 1 10 ? -4.75491  1.35283   6.04923   1.000 362.74108 ? 111 DT A C6    1 
ATOM 204 P P     . DA A 1 11 ? -5.32772  7.63098   8.36974   1.000 300.65145 ? 112 DA A P     1 
ATOM 205 O OP1   . DA A 1 11 ? -5.24226  8.08022   9.77175   1.000 298.98743 ? 112 DA A OP1   1 
ATOM 206 O OP2   . DA A 1 11 ? -6.61973  7.71018   7.65457   1.000 303.17335 ? 112 DA A OP2   1 
ATOM 207 O "O5'" . DA A 1 11 ? -4.23620  8.42357   7.51594   1.000 302.32917 ? 112 DA A "O5'" 1 
ATOM 208 C "C5'" . DA A 1 11 ? -2.86971  8.38742   7.90082   1.000 301.40039 ? 112 DA A "C5'" 1 
ATOM 209 C "C4'" . DA A 1 11 ? -1.97760  8.61061   6.69592   1.000 310.31349 ? 112 DA A "C4'" 1 
ATOM 210 O "O4'" . DA A 1 11 ? -1.83238  7.36852   5.97225   1.000 331.28829 ? 112 DA A "O4'" 1 
ATOM 211 C "C3'" . DA A 1 11 ? -2.50800  9.64596   5.71046   1.000 309.03023 ? 112 DA A "C3'" 1 
ATOM 212 O "O3'" . DA A 1 11 ? -1.63657  10.80741  5.61035   1.000 309.29581 ? 112 DA A "O3'" 1 
ATOM 213 C "C2'" . DA A 1 11 ? -2.67029  8.90844   4.37889   1.000 331.26682 ? 112 DA A "C2'" 1 
ATOM 214 C "C1'" . DA A 1 11 ? -1.94986  7.57820   4.58398   1.000 344.41667 ? 112 DA A "C1'" 1 
ATOM 215 N N9    . DA A 1 11 ? -2.68922  6.44795   4.03329   1.000 361.06074 ? 112 DA A N9    1 
ATOM 216 C C8    . DA A 1 11 ? -4.04141  6.27949   4.04532   1.000 358.67488 ? 112 DA A C8    1 
ATOM 217 N N7    . DA A 1 11 ? -4.44368  5.15902   3.49541   1.000 374.89321 ? 112 DA A N7    1 
ATOM 218 C C5    . DA A 1 11 ? -3.27425  4.54892   3.09053   1.000 389.24709 ? 112 DA A C5    1 
ATOM 219 C C6    . DA A 1 11 ? -3.02177  3.32984   2.43277   1.000 407.91022 ? 112 DA A C6    1 
ATOM 220 N N6    . DA A 1 11 ? -3.98520  2.47587   2.06097   1.000 416.75594 ? 112 DA A N6    1 
ATOM 221 N N1    . DA A 1 11 ? -1.73931  3.02064   2.17095   1.000 413.66799 ? 112 DA A N1    1 
ATOM 222 C C2    . DA A 1 11 ? -0.77823  3.87654   2.54383   1.000 402.58723 ? 112 DA A C2    1 
ATOM 223 N N3    . DA A 1 11 ? -0.89168  5.04935   3.16651   1.000 386.35628 ? 112 DA A N3    1 
ATOM 224 C C4    . DA A 1 11 ? -2.17733  5.32963   3.41405   1.000 380.25731 ? 112 DA A C4    1 
ATOM 225 P P     . DC A 1 12 ? -0.02551  10.71094  5.60626   1.000 275.62659 ? 113 DC A P     1 
ATOM 226 O OP1   . DC A 1 12 ? 0.50077   10.15078  6.87232   1.000 272.13612 ? 113 DC A OP1   1 
ATOM 227 O OP2   . DC A 1 12 ? 0.41273   12.06770  5.22255   1.000 279.52609 ? 113 DC A OP2   1 
ATOM 228 O "O5'" . DC A 1 12 ? 0.32938   9.75400   4.37588   1.000 276.49800 ? 113 DC A "O5'" 1 
ATOM 229 C "C5'" . DC A 1 12 ? 1.60468   9.12698   4.31804   1.000 276.01885 ? 113 DC A "C5'" 1 
ATOM 230 C "C4'" . DC A 1 12 ? 2.20750   9.20456   2.92130   1.000 282.07829 ? 113 DC A "C4'" 1 
ATOM 231 O "O4'" . DC A 1 12 ? 1.61316   8.19762   2.06091   1.000 300.10833 ? 113 DC A "O4'" 1 
ATOM 232 C "C3'" . DC A 1 12 ? 2.02699   10.52894  2.19831   1.000 284.12819 ? 113 DC A "C3'" 1 
ATOM 233 O "O3'" . DC A 1 12 ? 3.17181   10.78513  1.38837   1.000 287.72306 ? 113 DC A "O3'" 1 
ATOM 234 C "C2'" . DC A 1 12 ? 0.77492   10.28170  1.35502   1.000 290.53950 ? 113 DC A "C2'" 1 
ATOM 235 C "C1'" . DC A 1 12 ? 0.94042   8.81194   0.97828   1.000 306.86977 ? 113 DC A "C1'" 1 
ATOM 236 N N1    . DC A 1 12 ? -0.34901  8.08514   0.77944   1.000 316.14693 ? 113 DC A N1    1 
ATOM 237 C C2    . DC A 1 12 ? -0.35187  6.84054   0.13912   1.000 332.35239 ? 113 DC A C2    1 
ATOM 238 O O2    . DC A 1 12 ? 0.71642   6.37837   -0.27527  1.000 336.25323 ? 113 DC A O2    1 
ATOM 239 N N3    . DC A 1 12 ? -1.53006  6.18364   -0.01363  1.000 340.43612 ? 113 DC A N3    1 
ATOM 240 C C4    . DC A 1 12 ? -2.65905  6.72076   0.45145   1.000 330.55096 ? 113 DC A C4    1 
ATOM 241 N N4    . DC A 1 12 ? -3.79714  6.03870   0.28332   1.000 335.27433 ? 113 DC A N4    1 
ATOM 242 C C5    . DC A 1 12 ? -2.67203  7.98273   1.10921   1.000 311.37012 ? 113 DC A C5    1 
ATOM 243 C C6    . DC A 1 12 ? -1.50603  8.62166   1.25136   1.000 305.87573 ? 113 DC A C6    1 
ATOM 244 P P     . DG A 1 13 ? 3.93664   12.19648  1.49266   1.000 311.39678 ? 114 DG A P     1 
ATOM 245 O OP1   . DG A 1 13 ? 3.84680   12.67752  2.88655   1.000 303.76111 ? 114 DG A OP1   1 
ATOM 246 O OP2   . DG A 1 13 ? 3.45022   13.05494  0.39324   1.000 317.79339 ? 114 DG A OP2   1 
ATOM 247 O "O5'" . DG A 1 13 ? 5.46403   11.84315  1.17868   1.000 312.76263 ? 114 DG A "O5'" 1 
ATOM 248 C "C5'" . DG A 1 13 ? 6.03685   12.21729  -0.07385  1.000 317.58650 ? 114 DG A "C5'" 1 
ATOM 249 C "C4'" . DG A 1 13 ? 6.63800   11.01298  -0.77800  1.000 324.93043 ? 114 DG A "C4'" 1 
ATOM 250 O "O4'" . DG A 1 13 ? 5.64520   9.95820   -0.85932  1.000 336.24863 ? 114 DG A "O4'" 1 
ATOM 251 C "C3'" . DG A 1 13 ? 7.06535   11.25395  -2.21728  1.000 328.68498 ? 114 DG A "C3'" 1 
ATOM 252 O "O3'" . DG A 1 13 ? 8.08813   10.29813  -2.58055  1.000 326.92044 ? 114 DG A "O3'" 1 
ATOM 253 C "C2'" . DG A 1 13 ? 5.75327   11.02571  -2.95539  1.000 341.26709 ? 114 DG A "C2'" 1 
ATOM 254 C "C1'" . DG A 1 13 ? 5.19331   9.82756   -2.19800  1.000 346.44033 ? 114 DG A "C1'" 1 
ATOM 255 N N9    . DG A 1 13 ? 3.73386   9.72870   -2.17334  1.000 355.27208 ? 114 DG A N9    1 
ATOM 256 C C8    . DG A 1 13 ? 2.85417   10.62911  -1.62978  1.000 351.84598 ? 114 DG A C8    1 
ATOM 257 N N7    . DG A 1 13 ? 1.60827   10.25802  -1.72281  1.000 359.89137 ? 114 DG A N7    1 
ATOM 258 C C5    . DG A 1 13 ? 1.66444   9.01916   -2.34238  1.000 370.62298 ? 114 DG A C5    1 
ATOM 259 C C6    . DG A 1 13 ? 0.62231   8.13537   -2.70643  1.000 382.26644 ? 114 DG A C6    1 
ATOM 260 O O6    . DG A 1 13 ? -0.59705  8.27243   -2.53601  1.000 385.73904 ? 114 DG A O6    1 
ATOM 261 N N1    . DG A 1 13 ? 1.11320   6.99065   -3.32377  1.000 386.88866 ? 114 DG A N1    1 
ATOM 262 C C2    . DG A 1 13 ? 2.44147   6.73578   -3.56245  1.000 378.93449 ? 114 DG A C2    1 
ATOM 263 N N2    . DG A 1 13 ? 2.72246   5.57678   -4.17126  1.000 378.76242 ? 114 DG A N2    1 
ATOM 264 N N3    . DG A 1 13 ? 3.42599   7.55730   -3.22631  1.000 369.09466 ? 114 DG A N3    1 
ATOM 265 C C4    . DG A 1 13 ? 2.96686   8.67740   -2.62474  1.000 366.37239 ? 114 DG A C4    1 
ATOM 266 P P     . DG A 1 14 ? 8.22338   9.70209   -4.07199  1.000 336.95633 ? 115 DG A P     1 
ATOM 267 O OP1   . DG A 1 14 ? 9.58043   9.11960   -4.15835  1.000 338.46280 ? 115 DG A OP1   1 
ATOM 268 O OP2   . DG A 1 14 ? 7.82805   10.72165  -5.07116  1.000 342.36726 ? 115 DG A OP2   1 
ATOM 269 O "O5'" . DG A 1 14 ? 7.17009   8.49752   -4.09183  1.000 344.86451 ? 115 DG A "O5'" 1 
ATOM 270 C "C5'" . DG A 1 14 ? 7.31768   7.43143   -5.00597  1.000 343.06234 ? 115 DG A "C5'" 1 
ATOM 271 C "C4'" . DG A 1 14 ? 6.24213   7.48994   -6.07144  1.000 350.24192 ? 115 DG A "C4'" 1 
ATOM 272 O "O4'" . DG A 1 14 ? 5.00752   7.97864   -5.48617  1.000 361.06248 ? 115 DG A "O4'" 1 
ATOM 273 C "C3'" . DG A 1 14 ? 6.55324   8.42653   -7.25709  1.000 345.94194 ? 115 DG A "C3'" 1 
ATOM 274 O "O3'" . DG A 1 14 ? 6.31999   7.77243   -8.52367  1.000 342.26317 ? 115 DG A "O3'" 1 
ATOM 275 C "C2'" . DG A 1 14 ? 5.56351   9.57321   -7.05185  1.000 355.96271 ? 115 DG A "C2'" 1 
ATOM 276 C "C1'" . DG A 1 14 ? 4.40801   8.81688   -6.42472  1.000 365.67783 ? 115 DG A "C1'" 1 
ATOM 277 N N9    . DG A 1 14 ? 3.39982   9.66323   -5.79246  1.000 372.24948 ? 115 DG A N9    1 
ATOM 278 C C8    . DG A 1 14 ? 3.59654   10.87584  -5.19023  1.000 366.61919 ? 115 DG A C8    1 
ATOM 279 N N7    . DG A 1 14 ? 2.50534   11.41690  -4.73465  1.000 369.89448 ? 115 DG A N7    1 
ATOM 280 C C5    . DG A 1 14 ? 1.51392   10.51784  -5.08451  1.000 380.75413 ? 115 DG A C5    1 
ATOM 281 C C6    . DG A 1 14 ? 0.12713   10.57177  -4.85841  1.000 386.93137 ? 115 DG A C6    1 
ATOM 282 O O6    . DG A 1 14 ? -0.51961  11.45622  -4.28993  1.000 380.80879 ? 115 DG A O6    1 
ATOM 283 N N1    . DG A 1 14 ? -0.52057  9.45268   -5.37128  1.000 397.80866 ? 115 DG A N1    1 
ATOM 284 C C2    . DG A 1 14 ? 0.09980   8.41100   -6.01269  1.000 399.87836 ? 115 DG A C2    1 
ATOM 285 N N2    . DG A 1 14 ? -0.68856  7.41501   -6.44541  1.000 408.62050 ? 115 DG A N2    1 
ATOM 286 N N3    . DG A 1 14 ? 1.40421   8.34583   -6.21749  1.000 390.58094 ? 115 DG A N3    1 
ATOM 287 C C4    . DG A 1 14 ? 2.04541   9.43487   -5.73811  1.000 382.67592 ? 115 DG A C4    1 
ATOM 288 P P     . DA A 1 15 ? 6.66471   6.21740   -8.76790  1.000 326.02494 ? 116 DA A P     1 
ATOM 289 O OP1   . DA A 1 15 ? 7.80564   5.79074   -7.92335  1.000 324.21909 ? 116 DA A OP1   1 
ATOM 290 O OP2   . DA A 1 15 ? 6.80655   6.04718   -10.22797 1.000 330.56795 ? 116 DA A OP2   1 
ATOM 291 O "O5'" . DA A 1 15 ? 5.30898   5.46662   -8.36031  1.000 322.21155 ? 116 DA A "O5'" 1 
ATOM 292 C "C5'" . DA A 1 15 ? 5.16359   4.07172   -8.60278  1.000 317.85671 ? 116 DA A "C5'" 1 
ATOM 293 C "C4'" . DA A 1 15 ? 3.87624   3.76452   -9.36204  1.000 318.89587 ? 116 DA A "C4'" 1 
ATOM 294 O "O4'" . DA A 1 15 ? 2.81231   4.65792   -8.93455  1.000 338.08482 ? 116 DA A "O4'" 1 
ATOM 295 C "C3'" . DA A 1 15 ? 3.95752   3.91393   -10.87683 1.000 323.11946 ? 116 DA A "C3'" 1 
ATOM 296 O "O3'" . DA A 1 15 ? 3.16848   2.91177   -11.49482 1.000 321.82694 ? 116 DA A "O3'" 1 
ATOM 297 C "C2'" . DA A 1 15 ? 3.37581   5.30611   -11.11100 1.000 327.09634 ? 116 DA A "C2'" 1 
ATOM 298 C "C1'" . DA A 1 15 ? 2.28623   5.35601   -10.05081 1.000 339.63358 ? 116 DA A "C1'" 1 
ATOM 299 N N9    . DA A 1 15 ? 1.96390   6.70645   -9.60305  1.000 352.57503 ? 116 DA A N9    1 
ATOM 300 C C8    . DA A 1 15 ? 2.82976   7.59001   -9.04054  1.000 349.54755 ? 116 DA A C8    1 
ATOM 301 N N7    . DA A 1 15 ? 2.28742   8.73284   -8.71447  1.000 358.02192 ? 116 DA A N7    1 
ATOM 302 C C5    . DA A 1 15 ? 0.96121   8.58884   -9.06006  1.000 369.61008 ? 116 DA A C5    1 
ATOM 303 C C6    . DA A 1 15 ? -0.13574  9.46124   -8.95006  1.000 380.73886 ? 116 DA A C6    1 
ATOM 304 N N6    . DA A 1 15 ? -0.04174  10.69184  -8.42946  1.000 379.03162 ? 116 DA A N6    1 
ATOM 305 N N1    . DA A 1 15 ? -1.32972  9.02296   -9.39725  1.000 391.24214 ? 116 DA A N1    1 
ATOM 306 C C2    . DA A 1 15 ? -1.40993  7.78442   -9.91047  1.000 389.32861 ? 116 DA A C2    1 
ATOM 307 N N3    . DA A 1 15 ? -0.44229  6.87215   -10.06293 1.000 375.87080 ? 116 DA A N3    1 
ATOM 308 C C4    . DA A 1 15 ? 0.73114   7.34241   -9.61004  1.000 367.34704 ? 116 DA A C4    1 
ATOM 309 P P     . DC A 1 16 ? 3.14248   2.77591   -13.09410 1.000 319.73928 ? 117 DC A P     1 
ATOM 310 O OP1   . DC A 1 16 ? 2.70942   1.39667   -13.40779 1.000 316.95363 ? 117 DC A OP1   1 
ATOM 311 O OP2   . DC A 1 16 ? 4.43416   3.27720   -13.61247 1.000 324.10427 ? 117 DC A OP2   1 
ATOM 312 O "O5'" . DC A 1 16 ? 1.99931   3.80022   -13.54445 1.000 324.29400 ? 117 DC A "O5'" 1 
ATOM 313 C "C5'" . DC A 1 16 ? 0.72141   3.74193   -12.92552 1.000 339.58160 ? 117 DC A "C5'" 1 
ATOM 314 C "C4'" . DC A 1 16 ? -0.17992  4.86168   -13.41562 1.000 358.83562 ? 117 DC A "C4'" 1 
ATOM 315 O "O4'" . DC A 1 16 ? 0.00999   6.05620   -12.61469 1.000 371.23561 ? 117 DC A "O4'" 1 
ATOM 316 C "C3'" . DC A 1 16 ? 0.04001   5.30357   -14.87072 1.000 353.55384 ? 117 DC A "C3'" 1 
ATOM 317 O "O3'" . DC A 1 16 ? -1.22579  5.49471   -15.49525 1.000 367.28335 ? 117 DC A "O3'" 1 
ATOM 318 C "C2'" . DC A 1 16 ? 0.76027   6.64581   -14.69884 1.000 358.68502 ? 117 DC A "C2'" 1 
ATOM 319 C "C1'" . DC A 1 16 ? 0.00561   7.14949   -13.49331 1.000 376.39475 ? 117 DC A "C1'" 1 
ATOM 320 N N1    . DC A 1 16 ? 0.56368   8.34962   -12.80354 1.000 380.35004 ? 117 DC A N1    1 
ATOM 321 C C2    . DC A 1 16 ? -0.31411  9.37745   -12.47850 1.000 395.15358 ? 117 DC A C2    1 
ATOM 322 O O2    . DC A 1 16 ? -1.49926  9.24842   -12.78732 1.000 406.89921 ? 117 DC A O2    1 
ATOM 323 N N3    . DC A 1 16 ? 0.14675   10.46610  -11.83282 1.000 394.42521 ? 117 DC A N3    1 
ATOM 324 C C4    . DC A 1 16 ? 1.43578   10.55065  -11.51566 1.000 381.98271 ? 117 DC A C4    1 
ATOM 325 N N4    . DC A 1 16 ? 1.83756   11.65093  -10.87247 1.000 380.12706 ? 117 DC A N4    1 
ATOM 326 C C5    . DC A 1 16 ? 2.36301   9.50529   -11.83304 1.000 369.30208 ? 117 DC A C5    1 
ATOM 327 C C6    . DC A 1 16 ? 1.88491   8.42615   -12.47128 1.000 367.82048 ? 117 DC A C6    1 
ATOM 328 P P     . DA A 1 17 ? -2.05108  4.25614   -16.10499 1.000 304.60762 ? 118 DA A P     1 
ATOM 329 O OP1   . DA A 1 17 ? -2.23645  3.23275   -15.05345 1.000 297.61954 ? 118 DA A OP1   1 
ATOM 330 O OP2   . DA A 1 17 ? -1.38877  3.86668   -17.36623 1.000 308.13693 ? 118 DA A OP2   1 
ATOM 331 O "O5'" . DA A 1 17 ? -3.48194  4.89125   -16.45117 1.000 308.64663 ? 118 DA A "O5'" 1 
ATOM 332 C "C5'" . DA A 1 17 ? -4.50515  4.91235   -15.46200 1.000 321.95472 ? 118 DA A "C5'" 1 
ATOM 333 C "C4'" . DA A 1 17 ? -5.41923  6.12095   -15.62437 1.000 343.61979 ? 118 DA A "C4'" 1 
ATOM 334 O "O4'" . DA A 1 17 ? -4.79305  7.30947   -15.07875 1.000 349.90442 ? 118 DA A "O4'" 1 
ATOM 335 C "C3'" . DA A 1 17 ? -5.82747  6.47110   -17.04997 1.000 347.28336 ? 118 DA A "C3'" 1 
ATOM 336 O "O3'" . DA A 1 17 ? -7.23234  6.80982   -17.04255 1.000 357.01816 ? 118 DA A "O3'" 1 
ATOM 337 C "C2'" . DA A 1 17 ? -4.90546  7.65381   -17.39923 1.000 347.44787 ? 118 DA A "C2'" 1 
ATOM 338 C "C1'" . DA A 1 17 ? -4.75118  8.33892   -16.05216 1.000 354.51945 ? 118 DA A "C1'" 1 
ATOM 339 N N9    . DA A 1 17 ? -3.48932  9.05043   -15.84995 1.000 345.42800 ? 118 DA A N9    1 
ATOM 340 C C8    . DA A 1 17 ? -2.22720  8.53090   -15.92679 1.000 327.47776 ? 118 DA A C8    1 
ATOM 341 N N7    . DA A 1 17 ? -1.27956  9.39139   -15.63195 1.000 322.51857 ? 118 DA A N7    1 
ATOM 342 C C5    . DA A 1 17 ? -1.96888  10.54838  -15.31705 1.000 336.35769 ? 118 DA A C5    1 
ATOM 343 C C6    . DA A 1 17 ? -1.54259  11.82910  -14.91176 1.000 336.10334 ? 118 DA A C6    1 
ATOM 344 N N6    . DA A 1 17 ? -0.25720  12.16678  -14.75405 1.000 328.43943 ? 118 DA A N6    1 
ATOM 345 N N1    . DA A 1 17 ? -2.49331  12.75439  -14.67383 1.000 348.13383 ? 118 DA A N1    1 
ATOM 346 C C2    . DA A 1 17 ? -3.77733  12.41858  -14.83995 1.000 361.42341 ? 118 DA A C2    1 
ATOM 347 N N3    . DA A 1 17 ? -4.29772  11.24919  -15.20095 1.000 364.67017 ? 118 DA A N3    1 
ATOM 348 C C4    . DA A 1 17 ? -3.33277  10.35012  -15.42963 1.000 350.88391 ? 118 DA A C4    1 
ATOM 349 P P     . DT A 1 18 ? -7.88120  7.88463   -18.04853 1.000 330.96291 ? 119 DT A P     1 
ATOM 350 O OP1   . DT A 1 18 ? -9.33961  7.63984   -18.01238 1.000 332.30610 ? 119 DT A OP1   1 
ATOM 351 O OP2   . DT A 1 18 ? -7.18683  7.84932   -19.35207 1.000 335.71525 ? 119 DT A OP2   1 
ATOM 352 O "O5'" . DT A 1 18 ? -7.61722  9.29049   -17.33729 1.000 333.04833 ? 119 DT A "O5'" 1 
ATOM 353 C "C5'" . DT A 1 18 ? -8.66458  10.24479  -17.24940 1.000 338.31755 ? 119 DT A "C5'" 1 
ATOM 354 C "C4'" . DT A 1 18 ? -8.23557  11.55017  -17.87639 1.000 346.32761 ? 119 DT A "C4'" 1 
ATOM 355 O "O4'" . DT A 1 18 ? -6.87302  11.81213  -17.50040 1.000 343.70543 ? 119 DT A "O4'" 1 
ATOM 356 C "C3'" . DT A 1 18 ? -8.22764  11.54688  -19.40096 1.000 353.78626 ? 119 DT A "C3'" 1 
ATOM 357 O "O3'" . DT A 1 18 ? -9.47958  12.06182  -19.93009 1.000 361.11812 ? 119 DT A "O3'" 1 
ATOM 358 C "C2'" . DT A 1 18 ? -7.02245  12.41716  -19.78006 1.000 358.07076 ? 119 DT A "C2'" 1 
ATOM 359 C "C1'" . DT A 1 18 ? -6.30629  12.67360  -18.44845 1.000 351.65661 ? 119 DT A "C1'" 1 
ATOM 360 N N1    . DT A 1 18 ? -4.83538  12.43108  -18.50986 1.000 349.25564 ? 119 DT A N1    1 
ATOM 361 C C2    . DT A 1 18 ? -3.98462  13.41609  -18.09719 1.000 351.25198 ? 119 DT A C2    1 
ATOM 362 O O2    . DT A 1 18 ? -4.36937  14.48433  -17.67297 1.000 354.67601 ? 119 DT A O2    1 
ATOM 363 N N3    . DT A 1 18 ? -2.65666  13.11539  -18.20588 1.000 349.57487 ? 119 DT A N3    1 
ATOM 364 C C4    . DT A 1 18 ? -2.10442  11.94650  -18.67248 1.000 346.11322 ? 119 DT A C4    1 
ATOM 365 O O4    . DT A 1 18 ? -0.88918  11.77097  -18.72640 1.000 345.32853 ? 119 DT A O4    1 
ATOM 366 C C5    . DT A 1 18 ? -3.05557  10.95039  -19.09266 1.000 343.95507 ? 119 DT A C5    1 
ATOM 367 C C7    . DT A 1 18 ? -2.58147  9.63899   -19.62011 1.000 340.38933 ? 119 DT A C7    1 
ATOM 368 C C6    . DT A 1 18 ? -4.36035  11.23722  -18.99497 1.000 345.65538 ? 119 DT A C6    1 
ATOM 369 P P     . DC A 1 19 ? -9.77598  13.64373  -20.05833 1.000 382.15104 ? 120 DC A P     1 
ATOM 370 O OP1   . DC A 1 19 ? -9.29600  14.32287  -18.83487 1.000 378.27777 ? 120 DC A OP1   1 
ATOM 371 O OP2   . DC A 1 19 ? -11.20775 13.75918  -20.40717 1.000 387.62212 ? 120 DC A OP2   1 
ATOM 372 O "O5'" . DC A 1 19 ? -8.94581  14.11984  -21.35152 1.000 390.03704 ? 120 DC A "O5'" 1 
ATOM 373 C "C5'" . DC A 1 19 ? -9.08707  15.46104  -21.86023 1.000 400.44724 ? 120 DC A "C5'" 1 
ATOM 374 C "C4'" . DC A 1 19 ? -8.48393  16.47420  -20.89998 1.000 399.65430 ? 120 DC A "C4'" 1 
ATOM 375 O "O4'" . DC A 1 19 ? -7.26234  15.93207  -20.33037 1.000 391.53226 ? 120 DC A "O4'" 1 
ATOM 376 C "C3'" . DC A 1 19 ? -8.08488  17.81787  -21.51393 1.000 410.33102 ? 120 DC A "C3'" 1 
ATOM 377 O "O3'" . DC A 1 19 ? -8.23855  18.85015  -20.52944 1.000 410.98275 ? 120 DC A "O3'" 1 
ATOM 378 C "C2'" . DC A 1 19 ? -6.61297  17.58447  -21.83892 1.000 408.70904 ? 120 DC A "C2'" 1 
ATOM 379 C "C1'" . DC A 1 19 ? -6.19470  16.81684  -20.59982 1.000 396.59153 ? 120 DC A "C1'" 1 
ATOM 380 N N1    . DC A 1 19 ? -4.94598  16.02116  -20.74541 1.000 391.59518 ? 120 DC A N1    1 
ATOM 381 C C2    . DC A 1 19 ? -3.70782  16.62192  -20.50987 1.000 392.65120 ? 120 DC A C2    1 
ATOM 382 O O2    . DC A 1 19 ? -3.66256  17.81609  -20.20587 1.000 397.74147 ? 120 DC A O2    1 
ATOM 383 N N3    . DC A 1 19 ? -2.58633  15.87700  -20.62350 1.000 388.50111 ? 120 DC A N3    1 
ATOM 384 C C4    . DC A 1 19 ? -2.67122  14.58955  -20.94955 1.000 383.31835 ? 120 DC A C4    1 
ATOM 385 N N4    . DC A 1 19 ? -1.53466  13.89656  -21.04775 1.000 379.79649 ? 120 DC A N4    1 
ATOM 386 C C5    . DC A 1 19 ? -3.92319  13.95770  -21.19129 1.000 382.00423 ? 120 DC A C5    1 
ATOM 387 C C6    . DC A 1 19 ? -5.02295  14.70421  -21.07221 1.000 386.25780 ? 120 DC A C6    1 
ATOM 388 P P     . DA A 1 20 ? -8.47337  20.38648  -20.95182 1.000 411.43753 ? 121 DA A P     1 
ATOM 389 O OP1   . DA A 1 20 ? -8.44338  21.19588  -19.71145 1.000 409.00455 ? 121 DA A OP1   1 
ATOM 390 O OP2   . DA A 1 20 ? -9.65911  20.44584  -21.83332 1.000 419.36645 ? 121 DA A OP2   1 
ATOM 391 O "O5'" . DA A 1 20 ? -7.18095  20.76251  -21.81825 1.000 417.13496 ? 121 DA A "O5'" 1 
ATOM 392 C "C5'" . DA A 1 20 ? -7.26522  20.83085  -23.24109 1.000 426.62348 ? 121 DA A "C5'" 1 
ATOM 393 C "C4'" . DA A 1 20 ? -6.00683  21.44805  -23.82704 1.000 432.85475 ? 121 DA A "C4'" 1 
ATOM 394 O "O4'" . DA A 1 20 ? -4.85267  20.65451  -23.44456 1.000 423.87381 ? 121 DA A "O4'" 1 
ATOM 395 C "C3'" . DA A 1 20 ? -5.97819  21.53373  -25.35280 1.000 443.41198 ? 121 DA A "C3'" 1 
ATOM 396 O "O3'" . DA A 1 20 ? -5.38930  22.76180  -25.76048 1.000 454.16631 ? 121 DA A "O3'" 1 
ATOM 397 C "C2'" . DA A 1 20 ? -5.11692  20.33874  -25.75321 1.000 436.90660 ? 121 DA A "C2'" 1 
ATOM 398 C "C1'" . DA A 1 20 ? -4.13268  20.26587  -24.59475 1.000 428.01488 ? 121 DA A "C1'" 1 
ATOM 399 N N9    . DA A 1 20 ? -3.60618  18.92546  -24.36872 1.000 417.43600 ? 121 DA A N9    1 
ATOM 400 C C8    . DA A 1 20 ? -4.30135  17.75115  -24.43666 1.000 410.95375 ? 121 DA A C8    1 
ATOM 401 N N7    . DA A 1 20 ? -3.57529  16.69226  -24.17666 1.000 402.34267 ? 121 DA A N7    1 
ATOM 402 C C5    . DA A 1 20 ? -2.31327  17.20736  -23.92278 1.000 403.26577 ? 121 DA A C5    1 
ATOM 403 C C6    . DA A 1 20 ? -1.09153  16.59534  -23.58345 1.000 397.23165 ? 121 DA A C6    1 
ATOM 404 N N6    . DA A 1 20 ? -0.95380  15.27942  -23.44404 1.000 388.72012 ? 121 DA A N6    1 
ATOM 405 N N1    . DA A 1 20 ? -0.01379  17.39054  -23.39763 1.000 400.88252 ? 121 DA A N1    1 
ATOM 406 C C2    . DA A 1 20 ? -0.16294  18.71319  -23.54355 1.000 409.92391 ? 121 DA A C2    1 
ATOM 407 N N3    . DA A 1 20 ? -1.26247  19.40365  -23.86015 1.000 416.33760 ? 121 DA A N3    1 
ATOM 408 C C4    . DA A 1 20 ? -2.31231  18.58133  -24.03803 1.000 412.49438 ? 121 DA A C4    1 
ATOM 409 P P     . DC B 2 1  ? -9.16610  7.95827   -2.48069  1.000 291.84142 ? 119 DC B P     1 
ATOM 410 O OP1   . DC B 2 1  ? -10.30376 8.88283   -2.70246  1.000 296.86236 ? 119 DC B OP1   1 
ATOM 411 O OP2   . DC B 2 1  ? -9.34092  6.70882   -1.70452  1.000 287.24318 ? 119 DC B OP2   1 
ATOM 412 O "O5'" . DC B 2 1  ? -8.52621  7.57480   -3.89736  1.000 297.36949 ? 119 DC B "O5'" 1 
ATOM 413 C "C5'" . DC B 2 1  ? -9.35935  7.45717   -5.04425  1.000 298.40963 ? 119 DC B "C5'" 1 
ATOM 414 C "C4'" . DC B 2 1  ? -8.54276  7.10483   -6.27814  1.000 311.95280 ? 119 DC B "C4'" 1 
ATOM 415 O "O4'" . DC B 2 1  ? -7.58700  8.15901   -6.54510  1.000 317.09219 ? 119 DC B "O4'" 1 
ATOM 416 C "C3'" . DC B 2 1  ? -7.75988  5.79887   -6.18579  1.000 322.87819 ? 119 DC B "C3'" 1 
ATOM 417 O "O3'" . DC B 2 1  ? -7.98179  5.00384   -7.35053  1.000 326.03493 ? 119 DC B "O3'" 1 
ATOM 418 C "C2'" . DC B 2 1  ? -6.29379  6.22807   -6.05658  1.000 334.83234 ? 119 DC B "C2'" 1 
ATOM 419 C "C1'" . DC B 2 1  ? -6.26478  7.66261   -6.57926  1.000 331.70278 ? 119 DC B "C1'" 1 
ATOM 420 N N1    . DC B 2 1  ? -5.41810  8.58680   -5.74758  1.000 329.96541 ? 119 DC B N1    1 
ATOM 421 C C2    . DC B 2 1  ? -4.01933  8.43271   -5.69078  1.000 341.25113 ? 119 DC B C2    1 
ATOM 422 O O2    . DC B 2 1  ? -3.47170  7.53043   -6.33007  1.000 350.00314 ? 119 DC B O2    1 
ATOM 423 N N3    . DC B 2 1  ? -3.30288  9.28963   -4.92022  1.000 334.02380 ? 119 DC B N3    1 
ATOM 424 C C4    . DC B 2 1  ? -3.91464  10.25652  -4.24483  1.000 319.49697 ? 119 DC B C4    1 
ATOM 425 N N4    . DC B 2 1  ? -3.16815  11.07650  -3.50240  1.000 311.09742 ? 119 DC B N4    1 
ATOM 426 C C5    . DC B 2 1  ? -5.31998  10.42531  -4.29353  1.000 308.47526 ? 119 DC B C5    1 
ATOM 427 C C6    . DC B 2 1  ? -6.02504  9.58088   -5.04693  1.000 314.01136 ? 119 DC B C6    1 
ATOM 428 P P     . DC B 2 2  ? -8.65135  3.54708   -7.22150  1.000 281.54802 ? 120 DC B P     1 
ATOM 429 O OP1   . DC B 2 2  ? -8.95736  3.07646   -8.58998  1.000 285.01679 ? 120 DC B OP1   1 
ATOM 430 O OP2   . DC B 2 2  ? -9.72541  3.62617   -6.20800  1.000 280.73935 ? 120 DC B OP2   1 
ATOM 431 O "O5'" . DC B 2 2  ? -7.48981  2.63520   -6.60866  1.000 276.22650 ? 120 DC B "O5'" 1 
ATOM 432 C "C5'" . DC B 2 2  ? -6.37947  2.26434   -7.40856  1.000 278.75523 ? 120 DC B "C5'" 1 
ATOM 433 C "C4'" . DC B 2 2  ? -5.19950  1.84788   -6.54448  1.000 285.41391 ? 120 DC B "C4'" 1 
ATOM 434 O "O4'" . DC B 2 2  ? -4.57027  3.02642   -5.97030  1.000 297.55006 ? 120 DC B "O4'" 1 
ATOM 435 C "C3'" . DC B 2 2  ? -5.53289  0.94050   -5.35437  1.000 278.42832 ? 120 DC B "C3'" 1 
ATOM 436 O "O3'" . DC B 2 2  ? -4.45503  0.03613   -5.14058  1.000 277.23209 ? 120 DC B "O3'" 1 
ATOM 437 C "C2'" . DC B 2 2  ? -5.61721  1.94514   -4.20892  1.000 285.02336 ? 120 DC B "C2'" 1 
ATOM 438 C "C1'" . DC B 2 2  ? -4.44585  2.83497   -4.57951  1.000 299.16159 ? 120 DC B "C1'" 1 
ATOM 439 N N1    . DC B 2 2  ? -4.42325  4.16609   -3.89893  1.000 296.70874 ? 120 DC B N1    1 
ATOM 440 C C2    . DC B 2 2  ? -3.24244  4.91908   -3.90835  1.000 299.40607 ? 120 DC B C2    1 
ATOM 441 O O2    . DC B 2 2  ? -2.24651  4.46863   -4.48662  1.000 298.97994 ? 120 DC B O2    1 
ATOM 442 N N3    . DC B 2 2  ? -3.22373  6.12349   -3.28693  1.000 289.94644 ? 120 DC B N3    1 
ATOM 443 C C4    . DC B 2 2  ? -4.31816  6.57604   -2.67589  1.000 277.56440 ? 120 DC B C4    1 
ATOM 444 N N4    . DC B 2 2  ? -4.24965  7.77097   -2.07578  1.000 271.57167 ? 120 DC B N4    1 
ATOM 445 C C5    . DC B 2 2  ? -5.53109  5.82126   -2.64844  1.000 273.52818 ? 120 DC B C5    1 
ATOM 446 C C6    . DC B 2 2  ? -5.53657  4.62980   -3.26145  1.000 282.67726 ? 120 DC B C6    1 
ATOM 447 P P     . DG B 2 3  ? -4.42851  -1.41351  -5.83560  1.000 282.37859 ? 121 DG B P     1 
ATOM 448 O OP1   . DG B 2 3  ? -4.68559  -1.24404  -7.28232  1.000 275.41553 ? 121 DG B OP1   1 
ATOM 449 O OP2   . DG B 2 3  ? -5.28252  -2.31351  -5.02971  1.000 275.00825 ? 121 DG B OP2   1 
ATOM 450 O "O5'" . DG B 2 3  ? -2.90483  -1.88434  -5.67389  1.000 274.78348 ? 121 DG B "O5'" 1 
ATOM 451 C "C5'" . DG B 2 3  ? -1.94217  -1.51622  -6.66401  1.000 272.57263 ? 121 DG B "C5'" 1 
ATOM 452 C "C4'" . DG B 2 3  ? -0.53555  -1.35027  -6.08073  1.000 271.74606 ? 121 DG B "C4'" 1 
ATOM 453 O "O4'" . DG B 2 3  ? -0.46175  -0.18410  -5.22397  1.000 293.39425 ? 121 DG B "O4'" 1 
ATOM 454 C "C3'" . DG B 2 3  ? -0.00103  -2.49249  -5.23676  1.000 268.19904 ? 121 DG B "C3'" 1 
ATOM 455 O "O3'" . DG B 2 3  ? 1.41802   -2.49842  -5.35893  1.000 268.96155 ? 121 DG B "O3'" 1 
ATOM 456 C "C2'" . DG B 2 3  ? -0.44984  -2.09829  -3.82484  1.000 284.48537 ? 121 DG B "C2'" 1 
ATOM 457 C "C1'" . DG B 2 3  ? -0.31860  -0.57801  -3.86292  1.000 302.24651 ? 121 DG B "C1'" 1 
ATOM 458 N N9    . DG B 2 3  ? -1.34121  0.13785   -3.10870  1.000 321.54835 ? 121 DG B N9    1 
ATOM 459 C C8    . DG B 2 3  ? -2.64908  -0.23042  -2.91068  1.000 324.00695 ? 121 DG B C8    1 
ATOM 460 N N7    . DG B 2 3  ? -3.33688  0.64545   -2.22939  1.000 334.39116 ? 121 DG B N7    1 
ATOM 461 C C5    . DG B 2 3  ? -2.42694  1.66107   -1.97317  1.000 337.27891 ? 121 DG B C5    1 
ATOM 462 C C6    . DG B 2 3  ? -2.58860  2.87603   -1.27246  1.000 335.00779 ? 121 DG B C6    1 
ATOM 463 O O6    . DG B 2 3  ? -3.60490  3.31494   -0.72079  1.000 330.06265 ? 121 DG B O6    1 
ATOM 464 N N1    . DG B 2 3  ? -1.40907  3.61329   -1.24619  1.000 330.20206 ? 121 DG B N1    1 
ATOM 465 C C2    . DG B 2 3  ? -0.22550  3.22351   -1.82437  1.000 328.27009 ? 121 DG B C2    1 
ATOM 466 N N2    . DG B 2 3  ? 0.81013   4.06203   -1.70027  1.000 320.92341 ? 121 DG B N2    1 
ATOM 467 N N3    . DG B 2 3  ? -0.06430  2.08967   -2.48045  1.000 327.33720 ? 121 DG B N3    1 
ATOM 468 C C4    . DG B 2 3  ? -1.19955  1.36247   -2.51422  1.000 331.45329 ? 121 DG B C4    1 
ATOM 469 P P     . DT B 2 4  ? 2.32509   -3.57857  -4.59346  1.000 272.22335 ? 122 DT B P     1 
ATOM 470 O OP1   . DT B 2 4  ? 3.48899   -3.83603  -5.47377  1.000 274.61084 ? 122 DT B OP1   1 
ATOM 471 O OP2   . DT B 2 4  ? 1.46330   -4.69679  -4.15325  1.000 270.26237 ? 122 DT B OP2   1 
ATOM 472 O "O5'" . DT B 2 4  ? 2.82465   -2.79316  -3.29366  1.000 289.56306 ? 122 DT B "O5'" 1 
ATOM 473 C "C5'" . DT B 2 4  ? 3.36317   -1.48092  -3.42677  1.000 296.18777 ? 122 DT B "C5'" 1 
ATOM 474 C "C4'" . DT B 2 4  ? 3.76442   -0.90925  -2.07553  1.000 310.56552 ? 122 DT B "C4'" 1 
ATOM 475 O "O4'" . DT B 2 4  ? 2.65246   -0.16202  -1.50266  1.000 330.16522 ? 122 DT B "O4'" 1 
ATOM 476 C "C3'" . DT B 2 4  ? 4.15201   -1.94471  -1.01986  1.000 307.16094 ? 122 DT B "C3'" 1 
ATOM 477 O "O3'" . DT B 2 4  ? 5.16572   -1.41140  -0.17027  1.000 306.86648 ? 122 DT B "O3'" 1 
ATOM 478 C "C2'" . DT B 2 4  ? 2.84202   -2.12440  -0.26122  1.000 323.20132 ? 122 DT B "C2'" 1 
ATOM 479 C "C1'" . DT B 2 4  ? 2.35821   -0.68492  -0.22325  1.000 336.54141 ? 122 DT B "C1'" 1 
ATOM 480 N N1    . DT B 2 4  ? 0.89139   -0.52173  0.04807   1.000 349.58744 ? 122 DT B N1    1 
ATOM 481 C C2    . DT B 2 4  ? 0.44816   0.65652   0.59020   1.000 353.98881 ? 122 DT B C2    1 
ATOM 482 O O2    . DT B 2 4  ? 1.18864   1.57798   0.86170   1.000 348.43515 ? 122 DT B O2    1 
ATOM 483 N N3    . DT B 2 4  ? -0.89998  0.72434   0.80492   1.000 357.69376 ? 122 DT B N3    1 
ATOM 484 C C4    . DT B 2 4  ? -1.83417  -0.25427  0.53830   1.000 360.89683 ? 122 DT B C4    1 
ATOM 485 O O4    . DT B 2 4  ? -3.03051  -0.09976  0.76561   1.000 358.89980 ? 122 DT B O4    1 
ATOM 486 C C5    . DT B 2 4  ? -1.30433  -1.46916  -0.03009  1.000 355.44226 ? 122 DT B C5    1 
ATOM 487 C C7    . DT B 2 4  ? -2.22150  -2.60199  -0.36258  1.000 340.23609 ? 122 DT B C7    1 
ATOM 488 C C6    . DT B 2 4  ? 0.01873   -1.54505  -0.24452  1.000 348.32792 ? 122 DT B C6    1 
ATOM 489 P P     . DA B 2 5  ? 6.68664   -1.91646  -0.29407  1.000 287.07882 ? 123 DA B P     1 
ATOM 490 O OP1   . DA B 2 5  ? 7.16842   -1.49388  -1.62775  1.000 273.32640 ? 123 DA B OP1   1 
ATOM 491 O OP2   . DA B 2 5  ? 6.73460   -3.34776  0.08717   1.000 285.24261 ? 123 DA B OP2   1 
ATOM 492 O "O5'" . DA B 2 5  ? 7.46209   -1.09467  0.84539   1.000 290.23275 ? 123 DA B "O5'" 1 
ATOM 493 C "C5'" . DA B 2 5  ? 7.54685   0.32979   0.78144   1.000 291.12248 ? 123 DA B "C5'" 1 
ATOM 494 C "C4'" . DA B 2 5  ? 7.10076   0.96965   2.09103   1.000 297.89443 ? 123 DA B "C4'" 1 
ATOM 495 O "O4'" . DA B 2 5  ? 5.65870   0.85545   2.23061   1.000 310.45854 ? 123 DA B "O4'" 1 
ATOM 496 C "C3'" . DA B 2 5  ? 7.68718   0.35871   3.36635   1.000 292.19186 ? 123 DA B "C3'" 1 
ATOM 497 O "O3'" . DA B 2 5  ? 7.92988   1.39546   4.31606   1.000 286.93948 ? 123 DA B "O3'" 1 
ATOM 498 C "C2'" . DA B 2 5  ? 6.56239   -0.55975  3.83260   1.000 301.23136 ? 123 DA B "C2'" 1 
ATOM 499 C "C1'" . DA B 2 5  ? 5.35944   0.29644   3.49165   1.000 310.92728 ? 123 DA B "C1'" 1 
ATOM 500 N N9    . DA B 2 5  ? 4.11496   -0.45037  3.37580   1.000 322.18508 ? 123 DA B N9    1 
ATOM 501 C C8    . DA B 2 5  ? 3.96148   -1.72422  2.91195   1.000 323.86341 ? 123 DA B C8    1 
ATOM 502 N N7    . DA B 2 5  ? 2.71793   -2.13987  2.91132   1.000 333.22259 ? 123 DA B N7    1 
ATOM 503 C C5    . DA B 2 5  ? 2.00563   -1.06103  3.40200   1.000 337.26422 ? 123 DA B C5    1 
ATOM 504 C C6    . DA B 2 5  ? 0.63329   -0.86493  3.64464   1.000 340.21531 ? 123 DA B C6    1 
ATOM 505 N N6    . DA B 2 5  ? -0.29170  -1.79924  3.40862   1.000 346.31026 ? 123 DA B N6    1 
ATOM 506 N N1    . DA B 2 5  ? 0.24950   0.33038   4.14347   1.000 332.02925 ? 123 DA B N1    1 
ATOM 507 C C2    . DA B 2 5  ? 1.18432   1.25911   4.37492   1.000 323.46269 ? 123 DA B C2    1 
ATOM 508 N N3    . DA B 2 5  ? 2.50243   1.18901   4.18662   1.000 321.27404 ? 123 DA B N3    1 
ATOM 509 C C4    . DA B 2 5  ? 2.84999   -0.00919  3.69327   1.000 328.48892 ? 123 DA B C4    1 
ATOM 510 P P     . DC B 2 6  ? 8.82294   1.12027   5.62368   1.000 263.76891 ? 124 DC B P     1 
ATOM 511 O OP1   . DC B 2 6  ? 8.94072   2.39066   6.37496   1.000 263.79671 ? 124 DC B OP1   1 
ATOM 512 O OP2   . DC B 2 6  ? 10.04291  0.41209   5.18283   1.000 266.76606 ? 124 DC B OP2   1 
ATOM 513 O "O5'" . DC B 2 6  ? 7.94340   0.10792   6.49400   1.000 260.75093 ? 124 DC B "O5'" 1 
ATOM 514 C "C5'" . DC B 2 6  ? 7.49274   0.49070   7.78928   1.000 258.79671 ? 124 DC B "C5'" 1 
ATOM 515 C "C4'" . DC B 2 6  ? 6.05575   0.98793   7.73864   1.000 256.42126 ? 124 DC B "C4'" 1 
ATOM 516 O "O4'" . DC B 2 6  ? 5.27598   0.11529   6.89266   1.000 261.12131 ? 124 DC B "O4'" 1 
ATOM 517 C "C3'" . DC B 2 6  ? 5.32195   1.01640   9.09026   1.000 254.20356 ? 124 DC B "C3'" 1 
ATOM 518 O "O3'" . DC B 2 6  ? 5.15119   2.37050   9.56231   1.000 253.78682 ? 124 DC B "O3'" 1 
ATOM 519 C "C2'" . DC B 2 6  ? 3.96026   0.35863   8.80287   1.000 252.64485 ? 124 DC B "C2'" 1 
ATOM 520 C "C1'" . DC B 2 6  ? 3.93631   0.22069   7.28582   1.000 263.34400 ? 124 DC B "C1'" 1 
ATOM 521 N N1    . DC B 2 6  ? 3.18328   -0.98644  6.81728   1.000 276.91707 ? 124 DC B N1    1 
ATOM 522 C C2    . DC B 2 6  ? 1.78390   -0.98540  6.87285   1.000 280.70135 ? 124 DC B C2    1 
ATOM 523 O O2    . DC B 2 6  ? 1.19553   0.00868   7.30482   1.000 272.55908 ? 124 DC B O2    1 
ATOM 524 N N3    . DC B 2 6  ? 1.10686   -2.07891  6.46078   1.000 291.88561 ? 124 DC B N3    1 
ATOM 525 C C4    . DC B 2 6  ? 1.76830   -3.13768  6.00151   1.000 299.66650 ? 124 DC B C4    1 
ATOM 526 N N4    . DC B 2 6  ? 1.04912   -4.19054  5.60138   1.000 308.47084 ? 124 DC B N4    1 
ATOM 527 C C5    . DC B 2 6  ? 3.19557   -3.16567  5.93562   1.000 293.13261 ? 124 DC B C5    1 
ATOM 528 C C6    . DC B 2 6  ? 3.85718   -2.07795  6.35146   1.000 283.22523 ? 124 DC B C6    1 
ATOM 529 P P     . DA B 2 7  ? 5.75205   2.83354   10.98568  1.000 280.01705 ? 125 DA B P     1 
ATOM 530 O OP1   . DA B 2 7  ? 6.16328   4.24520   10.83426  1.000 281.19755 ? 125 DA B OP1   1 
ATOM 531 O OP2   . DA B 2 7  ? 6.74386   1.82342   11.40968  1.000 281.30678 ? 125 DA B OP2   1 
ATOM 532 O "O5'" . DA B 2 7  ? 4.51145   2.80398   12.01330  1.000 277.56971 ? 125 DA B "O5'" 1 
ATOM 533 C "C5'" . DA B 2 7  ? 3.38470   1.96288   11.77835  1.000 276.40460 ? 125 DA B "C5'" 1 
ATOM 534 C "C4'" . DA B 2 7  ? 3.00153   1.18488   13.02501  1.000 275.58191 ? 125 DA B "C4'" 1 
ATOM 535 O "O4'" . DA B 2 7  ? 2.28496   -0.01612  12.63430  1.000 279.09162 ? 125 DA B "O4'" 1 
ATOM 536 C "C3'" . DA B 2 7  ? 4.17260   0.68896   13.85674  1.000 276.81717 ? 125 DA B "C3'" 1 
ATOM 537 O "O3'" . DA B 2 7  ? 3.77416   0.52881   15.20658  1.000 276.25737 ? 125 DA B "O3'" 1 
ATOM 538 C "C2'" . DA B 2 7  ? 4.47306   -0.65157  13.21739  1.000 278.04843 ? 125 DA B "C2'" 1 
ATOM 539 C "C1'" . DA B 2 7  ? 3.06850   -1.15918  12.93721  1.000 284.44054 ? 125 DA B "C1'" 1 
ATOM 540 N N9    . DA B 2 7  ? 3.01451   -2.07391  11.80605  1.000 301.36682 ? 125 DA B N9    1 
ATOM 541 C C8    . DA B 2 7  ? 4.01753   -2.34029  10.91707  1.000 308.04509 ? 125 DA B C8    1 
ATOM 542 N N7    . DA B 2 7  ? 3.68845   -3.20964  9.99313   1.000 322.75343 ? 125 DA B N7    1 
ATOM 543 C C5    . DA B 2 7  ? 2.38210   -3.53812  10.30144  1.000 326.07638 ? 125 DA B C5    1 
ATOM 544 C C6    . DA B 2 7  ? 1.46106   -4.41123  9.70272   1.000 338.16207 ? 125 DA B C6    1 
ATOM 545 N N6    . DA B 2 7  ? 1.73737   -5.14284  8.61929   1.000 348.99430 ? 125 DA B N6    1 
ATOM 546 N N1    . DA B 2 7  ? 0.24158   -4.50496  10.26196  1.000 335.99380 ? 125 DA B N1    1 
ATOM 547 C C2    . DA B 2 7  ? -0.03413  -3.77065  11.34501  1.000 323.21492 ? 125 DA B C2    1 
ATOM 548 N N3    . DA B 2 7  ? 0.74787   -2.91741  11.99603  1.000 310.65393 ? 125 DA B N3    1 
ATOM 549 C C4    . DA B 2 7  ? 1.95294   -2.84642  11.41810  1.000 312.77184 ? 125 DA B C4    1 
ATOM 550 P P     . DG C 3 1  ? 4.81375   -6.23187  18.62483  1.000 301.41070 ? 209 DG C P     1 
ATOM 551 O OP1   . DG C 3 1  ? 4.49562   -7.59008  18.13857  1.000 320.41539 ? 209 DG C OP1   1 
ATOM 552 O OP2   . DG C 3 1  ? 4.13787   -5.72167  19.83544  1.000 294.60694 ? 209 DG C OP2   1 
ATOM 553 O "O5'" . DG C 3 1  ? 4.56316   -5.18852  17.43790  1.000 297.80442 ? 209 DG C "O5'" 1 
ATOM 554 C "C5'" . DG C 3 1  ? 3.68819   -4.07942  17.63235  1.000 289.01917 ? 209 DG C "C5'" 1 
ATOM 555 C "C4'" . DG C 3 1  ? 2.57176   -4.08758  16.60499  1.000 300.27572 ? 209 DG C "C4'" 1 
ATOM 556 O "O4'" . DG C 3 1  ? 3.13939   -4.11041  15.28295  1.000 311.22805 ? 209 DG C "O4'" 1 
ATOM 557 C "C3'" . DG C 3 1  ? 1.67073   -5.31047  16.64247  1.000 312.44718 ? 209 DG C "C3'" 1 
ATOM 558 O "O3'" . DG C 3 1  ? 0.62355   -5.12416  17.59840  1.000 305.41739 ? 209 DG C "O3'" 1 
ATOM 559 C "C2'" . DG C 3 1  ? 1.11175   -5.35400  15.21953  1.000 325.94870 ? 209 DG C "C2'" 1 
ATOM 560 C "C1'" . DG C 3 1  ? 2.17567   -4.62246  14.38817  1.000 325.67420 ? 209 DG C "C1'" 1 
ATOM 561 N N9    . DG C 3 1  ? 2.84412   -5.45998  13.39003  1.000 339.17554 ? 209 DG C N9    1 
ATOM 562 C C8    . DG C 3 1  ? 4.19348   -5.52874  13.13950  1.000 338.15632 ? 209 DG C C8    1 
ATOM 563 N N7    . DG C 3 1  ? 4.50294   -6.35570  12.17843  1.000 351.10432 ? 209 DG C N7    1 
ATOM 564 C C5    . DG C 3 1  ? 3.27918   -6.86343  11.75739  1.000 361.78106 ? 209 DG C C5    1 
ATOM 565 C C6    . DG C 3 1  ? 2.97985   -7.80397  10.73986  1.000 374.55339 ? 209 DG C C6    1 
ATOM 566 O O6    . DG C 3 1  ? 3.76305   -8.39507  9.98338   1.000 379.19624 ? 209 DG C O6    1 
ATOM 567 N N1    . DG C 3 1  ? 1.61069   -8.03852  10.64225  1.000 378.59124 ? 209 DG C N1    1 
ATOM 568 C C2    . DG C 3 1  ? 0.65357   -7.44192  11.42646  1.000 370.63155 ? 209 DG C C2    1 
ATOM 569 N N2    . DG C 3 1  ? -0.61716  -7.79152  11.18735  1.000 371.77523 ? 209 DG C N2    1 
ATOM 570 N N3    . DG C 3 1  ? 0.91947   -6.56326  12.37874  1.000 358.65245 ? 209 DG C N3    1 
ATOM 571 C C4    . DG C 3 1  ? 2.24792   -6.32035  12.49011  1.000 354.16433 ? 209 DG C C4    1 
ATOM 572 P P     . DG C 3 2  ? 0.22518   -6.29892  18.62368  1.000 269.64164 ? 210 DG C P     1 
ATOM 573 O OP1   . DG C 3 2  ? -0.44851  -5.66871  19.78112  1.000 269.26226 ? 210 DG C OP1   1 
ATOM 574 O OP2   . DG C 3 2  ? 1.43656   -7.12398  18.82496  1.000 272.30980 ? 210 DG C OP2   1 
ATOM 575 O "O5'" . DG C 3 2  ? -0.83857  -7.19918  17.82887  1.000 272.52051 ? 210 DG C "O5'" 1 
ATOM 576 C "C5'" . DG C 3 2  ? -1.99821  -6.61538  17.23887  1.000 273.14846 ? 210 DG C "C5'" 1 
ATOM 577 C "C4'" . DG C 3 2  ? -2.86839  -7.69081  16.60306  1.000 288.61294 ? 210 DG C "C4'" 1 
ATOM 578 O "O4'" . DG C 3 2  ? -2.50292  -7.85533  15.20861  1.000 296.46954 ? 210 DG C "O4'" 1 
ATOM 579 C "C3'" . DG C 3 2  ? -2.75834  -9.06766  17.25732  1.000 293.99635 ? 210 DG C "C3'" 1 
ATOM 580 O "O3'" . DG C 3 2  ? -3.91641  -9.31601  18.05327  1.000 284.54736 ? 210 DG C "O3'" 1 
ATOM 581 C "C2'" . DG C 3 2  ? -2.67353  -10.04236 16.08255  1.000 300.38393 ? 210 DG C "C2'" 1 
ATOM 582 C "C1'" . DG C 3 2  ? -2.12115  -9.18930  14.94884  1.000 305.43947 ? 210 DG C "C1'" 1 
ATOM 583 N N9    . DG C 3 2  ? -0.66529  -9.22085  14.78947  1.000 311.60987 ? 210 DG C N9    1 
ATOM 584 C C8    . DG C 3 2  ? 0.26160   -8.54680  15.54368  1.000 301.26376 ? 210 DG C C8    1 
ATOM 585 N N7    . DG C 3 2  ? 1.48974   -8.72593  15.15126  1.000 304.52916 ? 210 DG C N7    1 
ATOM 586 C C5    . DG C 3 2  ? 1.37478   -9.56306  14.05310  1.000 320.68933 ? 210 DG C C5    1 
ATOM 587 C C6    . DG C 3 2  ? 2.37692   -10.10196 13.21114  1.000 331.30562 ? 210 DG C C6    1 
ATOM 588 O O6    . DG C 3 2  ? 3.60358   -9.93946  13.27292  1.000 327.86630 ? 210 DG C O6    1 
ATOM 589 N N1    . DG C 3 2  ? 1.83286   -10.90238 12.21567  1.000 340.99008 ? 210 DG C N1    1 
ATOM 590 C C2    . DG C 3 2  ? 0.49395   -11.15400 12.05366  1.000 336.07023 ? 210 DG C C2    1 
ATOM 591 N N2    . DG C 3 2  ? 0.16973   -11.96094 11.04187  1.000 333.31867 ? 210 DG C N2    1 
ATOM 592 N N3    . DG C 3 2  ? -0.45920  -10.65561 12.83174  1.000 326.67463 ? 210 DG C N3    1 
ATOM 593 C C4    . DG C 3 2  ? 0.05390   -9.87184  13.80892  1.000 322.36753 ? 210 DG C C4    1 
ATOM 594 P P     . DC C 3 3  ? -3.92588  -10.51283 19.12635  1.000 306.76465 ? 211 DC C P     1 
ATOM 595 O OP1   . DC C 3 3  ? -4.40911  -9.93748  20.39904  1.000 300.39517 ? 211 DC C OP1   1 
ATOM 596 O OP2   . DC C 3 3  ? -2.61392  -11.19485 19.07292  1.000 320.07566 ? 211 DC C OP2   1 
ATOM 597 O "O5'" . DC C 3 3  ? -5.04034  -11.52072 18.57596  1.000 295.29630 ? 211 DC C "O5'" 1 
ATOM 598 C "C5'" . DC C 3 3  ? -4.80116  -12.92577 18.57064  1.000 300.96384 ? 211 DC C "C5'" 1 
ATOM 599 C "C4'" . DC C 3 3  ? -5.21346  -13.52513 17.23534  1.000 294.96297 ? 211 DC C "C4'" 1 
ATOM 600 O "O4'" . DC C 3 3  ? -4.37191  -12.99513 16.19040  1.000 304.24028 ? 211 DC C "O4'" 1 
ATOM 601 C "C3'" . DC C 3 3  ? -5.15741  -15.05052 17.14885  1.000 298.96558 ? 211 DC C "C3'" 1 
ATOM 602 O "O3'" . DC C 3 3  ? -6.48816  -15.54683 16.91903  1.000 289.74115 ? 211 DC C "O3'" 1 
ATOM 603 C "C2'" . DC C 3 3  ? -4.19759  -15.36153 15.98702  1.000 309.99568 ? 211 DC C "C2'" 1 
ATOM 604 C "C1'" . DC C 3 3  ? -3.88282  -14.01641 15.34901  1.000 312.55570 ? 211 DC C "C1'" 1 
ATOM 605 N N1    . DC C 3 3  ? -2.42140  -13.74953 15.13290  1.000 332.18159 ? 211 DC C N1    1 
ATOM 606 C C2    . DC C 3 3  ? -1.81549  -14.05446 13.90237  1.000 339.50796 ? 211 DC C C2    1 
ATOM 607 O O2    . DC C 3 3  ? -2.48292  -14.58901 13.00919  1.000 329.52741 ? 211 DC C O2    1 
ATOM 608 N N3    . DC C 3 3  ? -0.49980  -13.76127 13.73301  1.000 354.16540 ? 211 DC C N3    1 
ATOM 609 C C4    . DC C 3 3  ? 0.18997   -13.18608 14.72060  1.000 359.39658 ? 211 DC C C4    1 
ATOM 610 N N4    . DC C 3 3  ? 1.48061   -12.91324 14.51305  1.000 366.50362 ? 211 DC C N4    1 
ATOM 611 C C5    . DC C 3 3  ? -0.41335  -12.85863 15.96661  1.000 351.12040 ? 211 DC C C5    1 
ATOM 612 C C6    . DC C 3 3  ? -1.70324  -13.15641 16.12706  1.000 339.07018 ? 211 DC C C6    1 
ATOM 613 P P     . DT C 3 4  ? -6.80792  -17.08116 16.53618  1.000 323.51347 ? 212 DT C P     1 
ATOM 614 O OP1   . DT C 3 4  ? -7.15537  -17.06405 15.09539  1.000 319.63945 ? 212 DT C OP1   1 
ATOM 615 O OP2   . DT C 3 4  ? -7.79221  -17.58216 17.52127  1.000 326.74353 ? 212 DT C OP2   1 
ATOM 616 O "O5'" . DT C 3 4  ? -5.45982  -17.90827 16.81159  1.000 341.35926 ? 212 DT C "O5'" 1 
ATOM 617 C "C5'" . DT C 3 4  ? -5.44056  -19.33762 16.62413  1.000 347.46982 ? 212 DT C "C5'" 1 
ATOM 618 C "C4'" . DT C 3 4  ? -5.65339  -19.69426 15.16128  1.000 343.94696 ? 212 DT C "C4'" 1 
ATOM 619 O "O4'" . DT C 3 4  ? -4.87619  -18.79883 14.32970  1.000 343.70633 ? 212 DT C "O4'" 1 
ATOM 620 C "C3'" . DT C 3 4  ? -5.21141  -21.08717 14.76093  1.000 348.71140 ? 212 DT C "C3'" 1 
ATOM 621 O "O3'" . DT C 3 4  ? -5.94440  -21.51686 13.62251  1.000 349.81256 ? 212 DT C "O3'" 1 
ATOM 622 C "C2'" . DT C 3 4  ? -3.73721  -20.87661 14.42932  1.000 352.89034 ? 212 DT C "C2'" 1 
ATOM 623 C "C1'" . DT C 3 4  ? -3.71216  -19.45821 13.86182  1.000 349.76825 ? 212 DT C "C1'" 1 
ATOM 624 N N1    . DT C 3 4  ? -2.52204  -18.68721 14.30791  1.000 360.52793 ? 212 DT C N1    1 
ATOM 625 C C2    . DT C 3 4  ? -1.46149  -18.51888 13.45214  1.000 366.20808 ? 212 DT C C2    1 
ATOM 626 O O2    . DT C 3 4  ? -1.44284  -18.96014 12.32227  1.000 354.84039 ? 212 DT C O2    1 
ATOM 627 N N3    . DT C 3 4  ? -0.41954  -17.79689 13.97069  1.000 383.19765 ? 212 DT C N3    1 
ATOM 628 C C4    . DT C 3 4  ? -0.33748  -17.25093 15.23696  1.000 392.93290 ? 212 DT C C4    1 
ATOM 629 O O4    . DT C 3 4  ? 0.63364   -16.61617 15.62262  1.000 404.66378 ? 212 DT C O4    1 
ATOM 630 C C5    . DT C 3 4  ? -1.47912  -17.47630 16.07745  1.000 384.09945 ? 212 DT C C5    1 
ATOM 631 C C7    . DT C 3 4  ? -1.50270  -16.93443 17.47089  1.000 388.57385 ? 212 DT C C7    1 
ATOM 632 C C6    . DT C 3 4  ? -2.49636  -18.18028 15.58095  1.000 369.17035 ? 212 DT C C6    1 
ATOM 633 P P     . DG C 3 5  ? -5.99036  -23.07394 13.22346  1.000 350.05022 ? 213 DG C P     1 
ATOM 634 O OP1   . DG C 3 5  ? -5.82219  -23.15208 11.75446  1.000 347.06859 ? 213 DG C OP1   1 
ATOM 635 O OP2   . DG C 3 5  ? -7.20307  -23.64986 13.84732  1.000 351.93448 ? 213 DG C OP2   1 
ATOM 636 O "O5'" . DG C 3 5  ? -4.70705  -23.70351 13.95396  1.000 349.93507 ? 213 DG C "O5'" 1 
ATOM 637 C "C5'" . DG C 3 5  ? -4.16765  -24.95554 13.52704  1.000 348.65008 ? 213 DG C "C5'" 1 
ATOM 638 C "C4'" . DG C 3 5  ? -3.19550  -24.75942 12.37730  1.000 343.25452 ? 213 DG C "C4'" 1 
ATOM 639 O "O4'" . DG C 3 5  ? -2.38193  -23.58410 12.62532  1.000 341.05449 ? 213 DG C "O4'" 1 
ATOM 640 C "C3'" . DG C 3 5  ? -2.19943  -25.88484 12.17068  1.000 340.99955 ? 213 DG C "C3'" 1 
ATOM 641 O "O3'" . DG C 3 5  ? -1.75371  -25.86208 10.82077  1.000 337.87795 ? 213 DG C "O3'" 1 
ATOM 642 C "C2'" . DG C 3 5  ? -1.08773  -25.48391 13.13533  1.000 341.35651 ? 213 DG C "C2'" 1 
ATOM 643 C "C1'" . DG C 3 5  ? -1.04970  -23.97516 12.91551  1.000 341.39803 ? 213 DG C "C1'" 1 
ATOM 644 N N9    . DG C 3 5  ? -0.59309  -23.20825 14.07275  1.000 356.19612 ? 213 DG C N9    1 
ATOM 645 C C8    . DG C 3 5  ? -1.28554  -22.98401 15.23801  1.000 363.15146 ? 213 DG C C8    1 
ATOM 646 N N7    . DG C 3 5  ? -0.64082  -22.24262 16.09289  1.000 377.98380 ? 213 DG C N7    1 
ATOM 647 C C5    . DG C 3 5  ? 0.55683   -21.95181 15.45570  1.000 385.58960 ? 213 DG C C5    1 
ATOM 648 C C6    . DG C 3 5  ? 1.65508   -21.18593 15.90211  1.000 403.82995 ? 213 DG C C6    1 
ATOM 649 O O6    . DG C 3 5  ? 1.78539   -20.59680 16.98114  1.000 414.21688 ? 213 DG C O6    1 
ATOM 650 N N1    . DG C 3 5  ? 2.67125   -21.13856 14.95220  1.000 404.37351 ? 213 DG C N1    1 
ATOM 651 C C2    . DG C 3 5  ? 2.62931   -21.75598 13.72451  1.000 387.08280 ? 213 DG C C2    1 
ATOM 652 N N2    . DG C 3 5  ? 3.70511   -21.59866 12.93918  1.000 387.50605 ? 213 DG C N2    1 
ATOM 653 N N3    . DG C 3 5  ? 1.60070   -22.48004 13.29278  1.000 367.54206 ? 213 DG C N3    1 
ATOM 654 C C4    . DG C 3 5  ? 0.60245   -22.53394 14.20985  1.000 368.93923 ? 213 DG C C4    1 
ATOM 655 P P     . DC C 3 6  ? -0.90867  -27.08443 10.21071  1.000 364.30341 ? 214 DC C P     1 
ATOM 656 O OP1   . DC C 3 6  ? -0.80283  -26.86330 8.75233   1.000 360.23704 ? 214 DC C OP1   1 
ATOM 657 O OP2   . DC C 3 6  ? -1.46416  -28.35616 10.72095  1.000 371.49750 ? 214 DC C OP2   1 
ATOM 658 O "O5'" . DC C 3 6  ? 0.54182   -26.89322 10.84499  1.000 365.24924 ? 214 DC C "O5'" 1 
ATOM 659 C "C5'" . DC C 3 6  ? 1.31207   -25.74501 10.51673  1.000 359.69614 ? 214 DC C "C5'" 1 
ATOM 660 C "C4'" . DC C 3 6  ? 2.69624   -25.85045 11.11844  1.000 362.51402 ? 214 DC C "C4'" 1 
ATOM 661 O "O4'" . DC C 3 6  ? 2.77612   -25.02993 12.31247  1.000 378.52711 ? 214 DC C "O4'" 1 
ATOM 662 C "C3'" . DC C 3 6  ? 3.10065   -27.26626 11.54829  1.000 370.50109 ? 214 DC C "C3'" 1 
ATOM 663 O "O3'" . DC C 3 6  ? 4.41835   -27.54859 11.09479  1.000 372.27768 ? 214 DC C "O3'" 1 
ATOM 664 C "C2'" . DC C 3 6  ? 3.03289   -27.19929 13.07582  1.000 377.01427 ? 214 DC C "C2'" 1 
ATOM 665 C "C1'" . DC C 3 6  ? 3.44845   -25.75992 13.30267  1.000 388.81609 ? 214 DC C "C1'" 1 
ATOM 666 N N1    . DC C 3 6  ? 3.09658   -25.20906 14.64170  1.000 408.04632 ? 214 DC C N1    1 
ATOM 667 C C2    . DC C 3 6  ? 4.02123   -24.39511 15.28833  1.000 431.44083 ? 214 DC C C2    1 
ATOM 668 O O2    . DC C 3 6  ? 5.09531   -24.16299 14.71977  1.000 436.82274 ? 214 DC C O2    1 
ATOM 669 N N3    . DC C 3 6  ? 3.71551   -23.88781 16.50886  1.000 444.28207 ? 214 DC C N3    1 
ATOM 670 C C4    . DC C 3 6  ? 2.53568   -24.17131 17.07188  1.000 437.02396 ? 214 DC C C4    1 
ATOM 671 N N4    . DC C 3 6  ? 2.27617   -23.65296 18.27942  1.000 446.82684 ? 214 DC C N4    1 
ATOM 672 C C5    . DC C 3 6  ? 1.57370   -25.00564 16.42193  1.000 414.96877 ? 214 DC C C5    1 
ATOM 673 C C6    . DC C 3 6  ? 1.89486   -25.50069 15.21942  1.000 400.89566 ? 214 DC C C6    1 
ATOM 674 O "O5'" . DC D 4 1  ? 6.46725   10.34279  -28.54111 1.000 433.49687 ? 202 DC D "O5'" 1 
ATOM 675 C "C5'" . DC D 4 1  ? 6.58649   10.54854  -27.13695 1.000 426.76514 ? 202 DC D "C5'" 1 
ATOM 676 C "C4'" . DC D 4 1  ? 6.95090   11.99203  -26.84657 1.000 433.49297 ? 202 DC D "C4'" 1 
ATOM 677 O "O4'" . DC D 4 1  ? 5.93395   12.84875  -27.41411 1.000 440.14708 ? 202 DC D "O4'" 1 
ATOM 678 C "C3'" . DC D 4 1  ? 6.97368   12.38233  -25.37905 1.000 427.31188 ? 202 DC D "C3'" 1 
ATOM 679 O "O3'" . DC D 4 1  ? 7.69219   13.64340  -25.23816 1.000 434.67662 ? 202 DC D "O3'" 1 
ATOM 680 C "C2'" . DC D 4 1  ? 5.48377   12.54204  -25.12218 1.000 424.62406 ? 202 DC D "C2'" 1 
ATOM 681 C "C1'" . DC D 4 1  ? 5.08969   13.31909  -26.37207 1.000 435.64852 ? 202 DC D "C1'" 1 
ATOM 682 N N1    . DC D 4 1  ? 3.68649   13.14937  -26.81428 1.000 435.84989 ? 202 DC D N1    1 
ATOM 683 C C2    . DC D 4 1  ? 3.05257   14.23552  -27.41843 1.000 445.29369 ? 202 DC D C2    1 
ATOM 684 O O2    . DC D 4 1  ? 3.67454   15.29353  -27.50938 1.000 452.73885 ? 202 DC D O2    1 
ATOM 685 N N3    . DC D 4 1  ? 1.78023   14.10089  -27.86496 1.000 446.45914 ? 202 DC D N3    1 
ATOM 686 C C4    . DC D 4 1  ? 1.15686   12.93302  -27.73907 1.000 438.59298 ? 202 DC D C4    1 
ATOM 687 N N4    . DC D 4 1  ? -0.09659  12.83854  -28.18246 1.000 440.47280 ? 202 DC D N4    1 
ATOM 688 C C5    . DC D 4 1  ? 1.79783   11.79862  -27.13519 1.000 428.87782 ? 202 DC D C5    1 
ATOM 689 C C6    . DC D 4 1  ? 3.05574   11.94926  -26.69986 1.000 427.94636 ? 202 DC D C6    1 
ATOM 690 P P     . DT D 4 2  ? 7.35693   14.70098  -24.06670 1.000 444.97734 ? 203 DT D P     1 
ATOM 691 O OP1   . DT D 4 2  ? 7.55159   14.03619  -22.75792 1.000 434.24882 ? 203 DT D OP1   1 
ATOM 692 O OP2   . DT D 4 2  ? 6.09422   15.38195  -24.42228 1.000 449.02974 ? 203 DT D OP2   1 
ATOM 693 O "O5'" . DT D 4 2  ? 8.46445   15.84914  -24.23398 1.000 454.55975 ? 203 DT D "O5'" 1 
ATOM 694 C "C5'" . DT D 4 2  ? 9.08139   16.42343  -23.08618 1.000 452.46449 ? 203 DT D "C5'" 1 
ATOM 695 C "C4'" . DT D 4 2  ? 8.27243   17.59302  -22.53406 1.000 454.61503 ? 203 DT D "C4'" 1 
ATOM 696 O "O4'" . DT D 4 2  ? 6.90100   17.53183  -23.01526 1.000 454.72221 ? 203 DT D "O4'" 1 
ATOM 697 C "C3'" . DT D 4 2  ? 8.17574   17.64095  -21.00845 1.000 445.91418 ? 203 DT D "C3'" 1 
ATOM 698 O "O3'" . DT D 4 2  ? 8.23692   18.98576  -20.54220 1.000 451.34073 ? 203 DT D "O3'" 1 
ATOM 699 C "C2'" . DT D 4 2  ? 6.80850   17.02969  -20.73401 1.000 438.49086 ? 203 DT D "C2'" 1 
ATOM 700 C "C1'" . DT D 4 2  ? 6.00644   17.54656  -21.91530 1.000 447.05547 ? 203 DT D "C1'" 1 
ATOM 701 N N1    . DT D 4 2  ? 4.82630   16.68117  -22.24566 1.000 442.38957 ? 203 DT D N1    1 
ATOM 702 C C2    . DT D 4 2  ? 3.78945   17.18916  -23.00299 1.000 448.73779 ? 203 DT D C2    1 
ATOM 703 O O2    . DT D 4 2  ? 3.77294   18.32509  -23.43237 1.000 458.21561 ? 203 DT D O2    1 
ATOM 704 N N3    . DT D 4 2  ? 2.76555   16.30356  -23.24270 1.000 444.07720 ? 203 DT D N3    1 
ATOM 705 C C4    . DT D 4 2  ? 2.68938   14.99274  -22.80763 1.000 434.00850 ? 203 DT D C4    1 
ATOM 706 O O4    . DT D 4 2  ? 1.73797   14.26832  -23.06826 1.000 430.90016 ? 203 DT D O4    1 
ATOM 707 C C5    . DT D 4 2  ? 3.80934   14.53401  -22.02052 1.000 427.97369 ? 203 DT D C5    1 
ATOM 708 C C7    . DT D 4 2  ? 3.83863   13.13598  -21.49048 1.000 417.71005 ? 203 DT D C7    1 
ATOM 709 C C6    . DT D 4 2  ? 4.80704   15.38572  -21.78444 1.000 432.38104 ? 203 DT D C6    1 
ATOM 710 P P     . DG D 4 3  ? 8.31792   19.28068  -18.96011 1.000 406.91645 ? 204 DG D P     1 
ATOM 711 O OP1   . DG D 4 3  ? 9.36015   20.30713  -18.75543 1.000 413.98656 ? 204 DG D OP1   1 
ATOM 712 O OP2   . DG D 4 3  ? 8.41456   17.99237  -18.24635 1.000 395.71843 ? 204 DG D OP2   1 
ATOM 713 O "O5'" . DG D 4 3  ? 6.88764   19.90041  -18.58108 1.000 405.96680 ? 204 DG D "O5'" 1 
ATOM 714 C "C5'" . DG D 4 3  ? 6.76798   21.31042  -18.34310 1.000 412.98613 ? 204 DG D "C5'" 1 
ATOM 715 C "C4'" . DG D 4 3  ? 5.31273   21.73894  -18.16636 1.000 412.56774 ? 204 DG D "C4'" 1 
ATOM 716 O "O4'" . DG D 4 3  ? 4.44859   20.94121  -19.01919 1.000 411.57664 ? 204 DG D "O4'" 1 
ATOM 717 C "C3'" . DG D 4 3  ? 4.74628   21.59483  -16.75174 1.000 402.88485 ? 204 DG D "C3'" 1 
ATOM 718 O "O3'" . DG D 4 3  ? 3.86774   22.68170  -16.46854 1.000 407.02302 ? 204 DG D "O3'" 1 
ATOM 719 C "C2'" . DG D 4 3  ? 3.98400   20.27770  -16.82793 1.000 394.64506 ? 204 DG D "C2'" 1 
ATOM 720 C "C1'" . DG D 4 3  ? 3.42679   20.35175  -18.23541 1.000 402.47573 ? 204 DG D "C1'" 1 
ATOM 721 N N9    . DG D 4 3  ? 3.10471   19.05131  -18.80674 1.000 397.72263 ? 204 DG D N9    1 
ATOM 722 C C8    . DG D 4 3  ? 3.99020   18.12337  -19.27947 1.000 395.75738 ? 204 DG D C8    1 
ATOM 723 N N7    . DG D 4 3  ? 3.41946   17.05303  -19.74863 1.000 391.74740 ? 204 DG D N7    1 
ATOM 724 C C5    . DG D 4 3  ? 2.06672   17.28433  -19.57975 1.000 391.16561 ? 204 DG D C5    1 
ATOM 725 C C6    . DG D 4 3  ? 0.95745   16.47245  -19.90338 1.000 387.91079 ? 204 DG D C6    1 
ATOM 726 O O6    . DG D 4 3  ? 0.95067   15.34953  -20.42363 1.000 384.58911 ? 204 DG D O6    1 
ATOM 727 N N1    . DG D 4 3  ? -0.23898  17.08226  -19.55939 1.000 389.18561 ? 204 DG D N1    1 
ATOM 728 C C2    . DG D 4 3  ? -0.35386  18.32099  -18.97762 1.000 392.99386 ? 204 DG D C2    1 
ATOM 729 N N2    . DG D 4 3  ? -1.59831  18.74194  -18.72602 1.000 394.12209 ? 204 DG D N2    1 
ATOM 730 N N3    . DG D 4 3  ? 0.67694   19.09361  -18.67042 1.000 395.92295 ? 204 DG D N3    1 
ATOM 731 C C4    . DG D 4 3  ? 1.85289   18.51234  -18.99847 1.000 394.84204 ? 204 DG D C4    1 
ATOM 732 P P     . DA D 4 4  ? 3.49433   23.04713  -14.94756 1.000 388.10125 ? 205 DA D P     1 
ATOM 733 O OP1   . DA D 4 4  ? 4.05318   24.38448  -14.66394 1.000 395.33691 ? 205 DA D OP1   1 
ATOM 734 O OP2   . DA D 4 4  ? 3.87380   21.90555  -14.08889 1.000 376.89182 ? 205 DA D OP2   1 
ATOM 735 O "O5'" . DA D 4 4  ? 1.89814   23.15089  -14.94951 1.000 387.60204 ? 205 DA D "O5'" 1 
ATOM 736 C "C5'" . DA D 4 4  ? 1.13589   22.26358  -15.74903 1.000 386.33372 ? 205 DA D "C5'" 1 
ATOM 737 C "C4'" . DA D 4 4  ? 0.12882   21.49729  -14.91022 1.000 376.81810 ? 205 DA D "C4'" 1 
ATOM 738 O "O4'" . DA D 4 4  ? -0.12781  20.20749  -15.53587 1.000 372.71382 ? 205 DA D "O4'" 1 
ATOM 739 C "C3'" . DA D 4 4  ? 0.58491   21.16290  -13.48923 1.000 367.35064 ? 205 DA D "C3'" 1 
ATOM 740 O "O3'" . DA D 4 4  ? -0.55444  21.00524  -12.64396 1.000 361.86017 ? 205 DA D "O3'" 1 
ATOM 741 C "C2'" . DA D 4 4  ? 1.25942   19.82101  -13.71075 1.000 361.27299 ? 205 DA D "C2'" 1 
ATOM 742 C "C1'" . DA D 4 4  ? 0.23151   19.18774  -14.62733 1.000 362.24683 ? 205 DA D "C1'" 1 
ATOM 743 N N9    . DA D 4 4  ? 0.71383   18.02325  -15.36043 1.000 359.87722 ? 205 DA D N9    1 
ATOM 744 C C8    . DA D 4 4  ? 2.00181   17.73009  -15.71226 1.000 360.68804 ? 205 DA D C8    1 
ATOM 745 N N7    . DA D 4 4  ? 2.12600   16.59505  -16.36415 1.000 358.12858 ? 205 DA D N7    1 
ATOM 746 C C5    . DA D 4 4  ? 0.82959   16.11306  -16.43519 1.000 355.40575 ? 205 DA D C5    1 
ATOM 747 C C6    . DA D 4 4  ? 0.27152   14.94676  -16.99982 1.000 352.19911 ? 205 DA D C6    1 
ATOM 748 N N6    . DA D 4 4  ? 0.98635   14.00826  -17.63233 1.000 350.90543 ? 205 DA D N6    1 
ATOM 749 N N1    . DA D 4 4  ? -1.06039  14.78222  -16.88830 1.000 350.74507 ? 205 DA D N1    1 
ATOM 750 C C2    . DA D 4 4  ? -1.77493  15.71605  -16.26027 1.000 352.38823 ? 205 DA D C2    1 
ATOM 751 N N3    . DA D 4 4  ? -1.36904  16.84193  -15.69344 1.000 355.20732 ? 205 DA D N3    1 
ATOM 752 C C4    . DA D 4 4  ? -0.04658  16.98247  -15.81666 1.000 356.55917 ? 205 DA D C4    1 
ATOM 753 P P     . DT D 4 5  ? -1.19233  22.25051  -11.85253 1.000 385.81137 ? 206 DT D P     1 
ATOM 754 O OP1   . DT D 4 5  ? -0.96202  23.47627  -12.65142 1.000 397.18915 ? 206 DT D OP1   1 
ATOM 755 O OP2   . DT D 4 5  ? -0.71821  22.18875  -10.45181 1.000 378.23907 ? 206 DT D OP2   1 
ATOM 756 O "O5'" . DT D 4 5  ? -2.75457  21.90319  -11.83507 1.000 384.15759 ? 206 DT D "O5'" 1 
ATOM 757 C "C5'" . DT D 4 5  ? -3.39986  21.51527  -13.04464 1.000 388.63035 ? 206 DT D "C5'" 1 
ATOM 758 C "C4'" . DT D 4 5  ? -4.36237  20.35562  -12.81962 1.000 383.33333 ? 206 DT D "C4'" 1 
ATOM 759 O "O4'" . DT D 4 5  ? -3.75960  19.10865  -13.24730 1.000 395.34975 ? 206 DT D "O4'" 1 
ATOM 760 C "C3'" . DT D 4 5  ? -4.82335  20.14179  -11.37670 1.000 373.54023 ? 206 DT D "C3'" 1 
ATOM 761 O "O3'" . DT D 4 5  ? -6.24383  20.07197  -11.35350 1.000 374.48870 ? 206 DT D "O3'" 1 
ATOM 762 C "C2'" . DT D 4 5  ? -4.17111  18.80574  -10.97392 1.000 372.46152 ? 206 DT D "C2'" 1 
ATOM 763 C "C1'" . DT D 4 5  ? -4.05993  18.09561  -12.31375 1.000 389.59928 ? 206 DT D "C1'" 1 
ATOM 764 N N1    . DT D 4 5  ? -2.96803  17.07522  -12.39894 1.000 391.80163 ? 206 DT D N1    1 
ATOM 765 C C2    . DT D 4 5  ? -3.14571  15.97084  -13.20055 1.000 396.68183 ? 206 DT D C2    1 
ATOM 766 O O2    . DT D 4 5  ? -4.16831  15.75574  -13.82354 1.000 407.87192 ? 206 DT D O2    1 
ATOM 767 N N3    . DT D 4 5  ? -2.08135  15.11359  -13.24194 1.000 384.33345 ? 206 DT D N3    1 
ATOM 768 C C4    . DT D 4 5  ? -0.87569  15.24784  -12.58847 1.000 370.71158 ? 206 DT D C4    1 
ATOM 769 O O4    . DT D 4 5  ? 0.02161   14.41544  -12.69488 1.000 360.01868 ? 206 DT D O4    1 
ATOM 770 C C5    . DT D 4 5  ? -0.74746  16.43346  -11.77186 1.000 369.06657 ? 206 DT D C5    1 
ATOM 771 C C7    . DT D 4 5  ? 0.51531   16.69046  -11.00991 1.000 355.43505 ? 206 DT D C7    1 
ATOM 772 C C6    . DT D 4 5  ? -1.78605  17.28291  -11.72206 1.000 378.96561 ? 206 DT D C6    1 
ATOM 773 P P     . DG D 4 6  ? -7.05569  20.13976  -9.96956  1.000 347.99196 ? 207 DG D P     1 
ATOM 774 O OP1   . DG D 4 6  ? -8.11129  21.16623  -10.13185 1.000 355.68209 ? 207 DG D OP1   1 
ATOM 775 O OP2   . DG D 4 6  ? -6.08417  20.22975  -8.85436  1.000 341.93210 ? 207 DG D OP2   1 
ATOM 776 O "O5'" . DG D 4 6  ? -7.76135  18.71050  -9.89947  1.000 341.46230 ? 207 DG D "O5'" 1 
ATOM 777 C "C5'" . DG D 4 6  ? -8.07513  18.03132  -11.10924 1.000 344.31687 ? 207 DG D "C5'" 1 
ATOM 778 C "C4'" . DG D 4 6  ? -7.75761  16.55334  -10.99985 1.000 336.24450 ? 207 DG D "C4'" 1 
ATOM 779 O "O4'" . DG D 4 6  ? -6.32441  16.35192  -10.99732 1.000 333.39854 ? 207 DG D "O4'" 1 
ATOM 780 C "C3'" . DG D 4 6  ? -8.26964  15.87272  -9.72329  1.000 328.20211 ? 207 DG D "C3'" 1 
ATOM 781 O "O3'" . DG D 4 6  ? -9.34809  14.99190  -10.02726 1.000 327.50749 ? 207 DG D "O3'" 1 
ATOM 782 C "C2'" . DG D 4 6  ? -7.04702  15.10479  -9.18997  1.000 320.80513 ? 207 DG D "C2'" 1 
ATOM 783 C "C1'" . DG D 4 6  ? -6.09844  15.12046  -10.38466 1.000 324.86395 ? 207 DG D "C1'" 1 
ATOM 784 N N9    . DG D 4 6  ? -4.68330  14.96514  -10.01571 1.000 321.22084 ? 207 DG D N9    1 
ATOM 785 C C8    . DG D 4 6  ? -3.94303  15.74480  -9.15651  1.000 320.35425 ? 207 DG D C8    1 
ATOM 786 N N7    . DG D 4 6  ? -2.71198  15.32301  -8.99746  1.000 317.22125 ? 207 DG D N7    1 
ATOM 787 C C5    . DG D 4 6  ? -2.63675  14.18659  -9.79160  1.000 315.75544 ? 207 DG D C5    1 
ATOM 788 C C6    . DG D 4 6  ? -1.55400  13.29440  -10.02882 1.000 312.80634 ? 207 DG D C6    1 
ATOM 789 O O6    . DG D 4 6  ? -0.39747  13.32954  -9.57651  1.000 311.06717 ? 207 DG D O6    1 
ATOM 790 N N1    . DG D 4 6  ? -1.91693  12.27773  -10.90328 1.000 312.41721 ? 207 DG D N1    1 
ATOM 791 C C2    . DG D 4 6  ? -3.15998  12.13620  -11.47061 1.000 314.65678 ? 207 DG D C2    1 
ATOM 792 N N2    . DG D 4 6  ? -3.33105  11.09188  -12.28041 1.000 313.99362 ? 207 DG D N2    1 
ATOM 793 N N3    . DG D 4 6  ? -4.17352  12.95677  -11.25730 1.000 317.69367 ? 207 DG D N3    1 
ATOM 794 C C4    . DG D 4 6  ? -3.84521  13.95272  -10.41386 1.000 318.02006 ? 207 DG D C4    1 
ATOM 795 P P     . DT D 4 7  ? -10.69105 15.02736  -9.14275  1.000 330.28735 ? 208 DT D P     1 
ATOM 796 O OP1   . DT D 4 7  ? -11.75229 15.61851  -9.98256  1.000 338.81771 ? 208 DT D OP1   1 
ATOM 797 O OP2   . DT D 4 7  ? -10.37011 15.65245  -7.84044  1.000 326.77457 ? 208 DT D OP2   1 
ATOM 798 O "O5'" . DT D 4 7  ? -11.04216 13.48524  -8.89156  1.000 323.68296 ? 208 DT D "O5'" 1 
ATOM 799 C "C5'" . DT D 4 7  ? -10.12487 12.64596  -8.20530  1.000 321.01272 ? 208 DT D "C5'" 1 
ATOM 800 C "C4'" . DT D 4 7  ? -9.31305  11.82697  -9.19155  1.000 337.69797 ? 208 DT D "C4'" 1 
ATOM 801 O "O4'" . DT D 4 7  ? -7.91657  12.12626  -9.02795  1.000 343.98708 ? 208 DT D "O4'" 1 
ATOM 802 C "C3'" . DT D 4 7  ? -9.43921  10.31313  -9.02923  1.000 340.40458 ? 208 DT D "C3'" 1 
ATOM 803 O "O3'" . DT D 4 7  ? -10.24112 9.77869   -10.07503 1.000 344.20195 ? 208 DT D "O3'" 1 
ATOM 804 C "C2'" . DT D 4 7  ? -7.99560  9.78462   -9.10198  1.000 351.36098 ? 208 DT D "C2'" 1 
ATOM 805 C "C1'" . DT D 4 7  ? -7.16411  11.01828  -9.44232  1.000 355.82045 ? 208 DT D "C1'" 1 
ATOM 806 N N1    . DT D 4 7  ? -5.84526  11.06801  -8.73974  1.000 357.47749 ? 208 DT D N1    1 
ATOM 807 C C2    . DT D 4 7  ? -4.88324  10.11601  -9.01308  1.000 368.11991 ? 208 DT D C2    1 
ATOM 808 O O2    . DT D 4 7  ? -5.04290  9.20739   -9.80598  1.000 374.77664 ? 208 DT D O2    1 
ATOM 809 N N3    . DT D 4 7  ? -3.71757  10.26837  -8.30954  1.000 365.03626 ? 208 DT D N3    1 
ATOM 810 C C4    . DT D 4 7  ? -3.42429  11.25412  -7.38642  1.000 354.71357 ? 208 DT D C4    1 
ATOM 811 O O4    . DT D 4 7  ? -2.34617  11.31115  -6.81262  1.000 346.74096 ? 208 DT D O4    1 
ATOM 812 C C5    . DT D 4 7  ? -4.47030  12.21669  -7.15558  1.000 345.35043 ? 208 DT D C5    1 
ATOM 813 C C7    . DT D 4 7  ? -4.26428  13.33153  -6.17818  1.000 330.42222 ? 208 DT D C7    1 
ATOM 814 C C6    . DT D 4 7  ? -5.61416  12.07796  -7.83409  1.000 346.45108 ? 208 DT D C6    1 
# 
loop_
_atom_site_anisotrop.id 
_atom_site_anisotrop.type_symbol 
_atom_site_anisotrop.pdbx_label_atom_id 
_atom_site_anisotrop.pdbx_label_alt_id 
_atom_site_anisotrop.pdbx_label_comp_id 
_atom_site_anisotrop.pdbx_label_asym_id 
_atom_site_anisotrop.pdbx_label_seq_id 
_atom_site_anisotrop.pdbx_PDB_ins_code 
_atom_site_anisotrop.U[1][1] 
_atom_site_anisotrop.U[2][2] 
_atom_site_anisotrop.U[3][3] 
_atom_site_anisotrop.U[1][2] 
_atom_site_anisotrop.U[1][3] 
_atom_site_anisotrop.U[2][3] 
_atom_site_anisotrop.pdbx_auth_seq_id 
_atom_site_anisotrop.pdbx_auth_comp_id 
_atom_site_anisotrop.pdbx_auth_asym_id 
_atom_site_anisotrop.pdbx_auth_atom_id 
1   O "O5'" . DG A 1  ? 6.28907 3.75023 4.27314 1.53042  0.19062  0.37465  102 DG A "O5'" 
2   C "C5'" . DG A 1  ? 5.96879 3.70863 4.27032 1.51893  0.13905  0.34362  102 DG A "C5'" 
3   C "C4'" . DG A 1  ? 5.83291 3.58499 4.30499 1.54390  0.14367  0.31172  102 DG A "C4'" 
4   O "O4'" . DG A 1  ? 6.13487 3.65561 4.40580 1.49930  0.23730  0.33101  102 DG A "O4'" 
5   C "C3'" . DG A 1  ? 5.61128 3.59950 4.33979 1.44208  0.16147  0.29352  102 DG A "C3'" 
6   O "O3'" . DG A 1  ? 5.24267 3.37954 4.23305 1.54053  0.07111  0.24583  102 DG A "O3'" 
7   C "C2'" . DG A 1  ? 5.82305 3.70809 4.49754 1.34290  0.26810  0.30076  102 DG A "C2'" 
8   C "C1'" . DG A 1  ? 6.14953 3.74785 4.51580 1.36548  0.31978  0.32998  102 DG A "C1'" 
9   N N9    . DG A 1  ? 6.41545 3.93768 4.57390 1.21804  0.42547  0.36979  102 DG A N9    
10  C C8    . DG A 1  ? 6.56982 4.03690 4.52867 1.18490  0.44103  0.39823  102 DG A C8    
11  N N7    . DG A 1  ? 6.75789 4.16875 4.56286 1.03850  0.55016  0.42060  102 DG A N7    
12  C C5    . DG A 1  ? 6.72579 4.15039 4.63122 0.97472  0.60766  0.41055  102 DG A C5    
13  C C6    . DG A 1  ? 6.81505 4.20235 4.63748 0.82115  0.72662  0.42222  102 DG A C6    
14  O O6    . DG A 1  ? 6.92118 4.25884 4.56211 0.70578  0.80865  0.44048  102 DG A O6    
15  N N1    . DG A 1  ? 6.72027 4.13950 4.69628 0.80484  0.74892  0.40439  102 DG A N1    
16  C C2    . DG A 1  ? 6.55513 4.03821 4.74078 0.91819  0.66983  0.37406  102 DG A C2    
17  N N2    . DG A 1  ? 6.46249 3.97214 4.77304 0.87568  0.71102  0.35536  102 DG A N2    
18  N N3    . DG A 1  ? 6.43815 3.96306 4.70818 1.06049  0.55975  0.35780  102 DG A N3    
19  C C4    . DG A 1  ? 6.53440 4.02524 4.65510 1.08264  0.53307  0.37974  102 DG A C4    
20  P P     . DG A 2  ? 5.45147 3.85389 4.71842 1.46424  0.05488  0.22387  103 DG A P     
21  O OP1   . DG A 2  ? 5.14425 3.67216 4.62401 1.59057  -0.05388 0.17603  103 DG A OP1   
22  O OP2   . DG A 2  ? 5.49323 3.98425 4.69413 1.34503  0.08970  0.25922  103 DG A OP2   
23  O "O5'" . DG A 2  ? 5.56826 3.94855 4.90578 1.37776  0.13791  0.21135  103 DG A "O5'" 
24  C "C5'" . DG A 2  ? 5.42022 3.80241 4.91560 1.45710  0.11027  0.16031  103 DG A "C5'" 
25  C "C4'" . DG A 2  ? 5.51629 3.90061 5.07417 1.34465  0.19998  0.15294  103 DG A "C4'" 
26  O "O4'" . DG A 2  ? 5.86561 4.08604 5.18777 1.25136  0.29885  0.19930  103 DG A "O4'" 
27  C "C3'" . DG A 2  ? 5.36211 3.95052 5.10586 1.23254  0.21348  0.14789  103 DG A "C3'" 
28  O "O3'" . DG A 2  ? 5.16736 3.82211 5.11349 1.22774  0.22262  0.09697  103 DG A "O3'" 
29  C "C2'" . DG A 2  ? 5.62311 4.17636 5.21090 1.08122  0.30832  0.19859  103 DG A "C2'" 
30  C "C1'" . DG A 2  ? 5.90380 4.22214 5.25289 1.09371  0.36994  0.22127  103 DG A "C1'" 
31  N N9    . DG A 2  ? 6.15028 4.39618 5.27498 1.01907  0.41936  0.26957  103 DG A N9    
32  C C8    . DG A 2  ? 6.17514 4.42290 5.19619 1.06225  0.37131  0.28912  103 DG A C8    
33  N N7    . DG A 2  ? 6.38531 4.56368 5.20634 0.96800  0.44071  0.32392  103 DG A N7    
34  C C5    . DG A 2  ? 6.50213 4.63005 5.29363 0.85696  0.53941  0.32920  103 DG A C5    
35  C C6    . DG A 2  ? 6.67948 4.73243 5.29093 0.72231  0.64619  0.35534  103 DG A C6    
36  O O6    . DG A 2  ? 6.77583 4.79313 5.21299 0.66948  0.67831  0.37650  103 DG A O6    
37  N N1    . DG A 2  ? 6.67756 4.70258 5.32792 0.64227  0.72261  0.34930  103 DG A N1    
38  C C2    . DG A 2  ? 6.55366 4.61808 5.39168 0.68449  0.70055  0.32033  103 DG A C2    
39  N N2    . DG A 2  ? 6.54431 4.57440 5.39082 0.59184  0.78548  0.31700  103 DG A N2    
40  N N3    . DG A 2  ? 6.37287 4.51107 5.38168 0.80602  0.60420  0.29107  103 DG A N3    
41  C C4    . DG A 2  ? 6.35625 4.52185 5.33098 0.88814  0.52685  0.29802  103 DG A C4    
42  P P     . DC A 3  ? 5.60802 4.15264 5.52163 1.15983  0.32008  0.08754  104 DC A P     
43  O OP1   . DC A 3  ? 5.88264 4.20500 5.57094 1.20864  0.35288  0.10785  104 DC A OP1   
44  O OP2   . DC A 3  ? 5.32312 3.97079 5.47691 1.19259  0.29573  0.01988  104 DC A OP2   
45  O "O5'" . DC A 3  ? 5.69748 4.29707 5.57380 0.98290  0.40589  0.12868  104 DC A "O5'" 
46  C "C5'" . DC A 3  ? 5.71390 4.26389 5.58910 0.88520  0.49948  0.12416  104 DC A "C5'" 
47  C "C4'" . DC A 3  ? 5.78306 4.39407 5.60567 0.72977  0.56587  0.16451  104 DC A "C4'" 
48  O "O4'" . DC A 3  ? 6.05959 4.58002 5.65863 0.70245  0.59325  0.21232  104 DC A "O4'" 
49  C "C3'" . DC A 3  ? 5.61488 4.41989 5.58500 0.69473  0.51325  0.16226  104 DC A "C3'" 
50  O "O3'" . DC A 3  ? 5.41496 4.30837 5.53534 0.60897  0.54809  0.13941  104 DC A "O3'" 
51  C "C2'" . DC A 3  ? 5.81286 4.63700 5.63063 0.62056  0.53154  0.21077  104 DC A "C2'" 
52  C "C1'" . DC A 3  ? 6.08513 4.72623 5.68110 0.59488  0.60983  0.23706  104 DC A "C1'" 
53  N N1    . DC A 3  ? 6.27822 4.88632 5.69798 0.59706  0.60074  0.27066  104 DC A N1    
54  C C2    . DC A 3  ? 6.42784 4.96797 5.66211 0.48630  0.68939  0.30018  104 DC A C2    
55  O O2    . DC A 3  ? 6.39269 4.89424 5.60802 0.39228  0.77295  0.30117  104 DC A O2    
56  N N3    . DC A 3  ? 6.54608 5.06673 5.62649 0.48326  0.68347  0.32207  104 DC A N3    
57  C C4    . DC A 3  ? 6.52674 5.09111 5.63241 0.58608  0.59229  0.31941  104 DC A C4    
58  N N4    . DC A 3  ? 6.63516 5.18035 5.58437 0.57474  0.59307  0.33782  104 DC A N4    
59  C C5    . DC A 3  ? 6.34056 4.97521 5.63488 0.70178  0.49866  0.29263  104 DC A C5    
60  C C6    . DC A 3  ? 6.20602 4.86219 5.65267 0.70124  0.50758  0.26715  104 DC A C6    
61  P P     . DA A 4  ? 5.08966 3.90311 5.18325 0.51015  0.65514  0.13419  105 DA A P     
62  O OP1   . DA A 4  ? 5.06725 3.77243 5.18153 0.59573  0.66198  0.09586  105 DA A OP1   
63  O OP2   . DA A 4  ? 4.84765 3.78608 5.07976 0.41783  0.66846  0.12186  105 DA A OP2   
64  O "O5'" . DA A 4  ? 5.30062 4.02688 5.17002 0.41550  0.73173  0.18688  105 DA A "O5'" 
65  C "C5'" . DA A 4  ? 5.25759 3.85318 5.02480 0.35300  0.82897  0.19134  105 DA A "C5'" 
66  C "C4'" . DA A 4  ? 5.10833 3.71904 4.76810 0.20565  0.90964  0.22481  105 DA A "C4'" 
67  O "O4'" . DA A 4  ? 5.30080 3.91502 4.81369 0.19542  0.89678  0.25897  105 DA A "O4'" 
68  C "C3'" . DA A 4  ? 4.82731 3.58565 4.61415 0.11339  0.91339  0.21885  105 DA A "C3'" 
69  O "O3'" . DA A 4  ? 4.54228 3.26467 4.24740 -0.01354 1.01185  0.23178  105 DA A "O3'" 
70  C "C2'" . DA A 4  ? 4.99129 3.86285 4.76099 0.11966  0.84747  0.23988  105 DA A "C2'" 
71  C "C1'" . DA A 4  ? 5.17162 3.94248 4.73673 0.12419  0.87625  0.26773  105 DA A "C1'" 
72  N N9    . DA A 4  ? 5.44623 4.27674 4.98436 0.19149  0.79754  0.27833  105 DA A N9    
73  C C8    . DA A 4  ? 5.58470 4.46502 5.23412 0.30852  0.70103  0.26297  105 DA A C8    
74  N N7    . DA A 4  ? 5.68597 4.61263 5.27832 0.34877  0.64587  0.27639  105 DA A N7    
75  C C5    . DA A 4  ? 5.66941 4.58028 5.10372 0.24854  0.71243  0.29856  105 DA A C5    
76  C C6    . DA A 4  ? 5.68458 4.63583 4.99975 0.22821  0.70257  0.31250  105 DA A C6    
77  N N6    . DA A 4  ? 5.77693 4.78823 5.11329 0.31451  0.61635  0.31120  105 DA A N6    
78  N N1    . DA A 4  ? 5.51261 4.44707 4.68984 0.11381  0.78630  0.32197  105 DA A N1    
79  C C2    . DA A 4  ? 5.31563 4.19139 4.47363 0.02779  0.87250  0.32209  105 DA A C2    
80  N N3    . DA A 4  ? 5.25849 4.08722 4.51770 0.03741  0.89010  0.31334  105 DA A N3    
81  C C4    . DA A 4  ? 5.46393 4.31525 4.86147 0.15074  0.80657  0.30006  105 DA A C4    
82  P P     . DG A 5  ? 5.20705 4.04548 5.00045 -0.12618 1.03626  0.22841  106 DG A P     
83  O OP1   . DG A 5  ? 5.14216 3.90083 4.90820 -0.20953 1.13522  0.22031  106 DG A OP1   
84  O OP2   . DG A 5  ? 5.20542 4.15319 5.17739 -0.07343 0.95485  0.20539  106 DG A OP2   
85  O "O5'" . DG A 5  ? 5.21173 4.11789 4.88338 -0.19755 1.04015  0.25938  106 DG A "O5'" 
86  C "C5'" . DG A 5  ? 5.22879 4.05469 4.72304 -0.26604 1.11986  0.27771  106 DG A "C5'" 
87  C "C4'" . DG A 5  ? 5.22077 4.14138 4.62696 -0.31003 1.10195  0.29273  106 DG A "C4'" 
88  O "O4'" . DG A 5  ? 5.42221 4.37052 4.82642 -0.20857 1.01743  0.29729  106 DG A "O4'" 
89  C "C3'" . DG A 5  ? 5.05266 4.12210 4.53797 -0.37333 1.07401  0.28815  106 DG A "C3'" 
90  O "O3'" . DG A 5  ? 5.07456 4.18541 4.44036 -0.47351 1.12630  0.29217  106 DG A "O3'" 
91  C "C2'" . DG A 5  ? 5.20145 4.37135 4.76807 -0.28200 0.96117  0.28676  106 DG A "C2'" 
92  C "C1'" . DG A 5  ? 5.43478 4.53851 4.88894 -0.22061 0.95369  0.29614  106 DG A "C1'" 
93  N N9    . DG A 5  ? 5.73066 4.88085 5.26054 -0.10382 0.85146  0.29352  106 DG A N9    
94  C C8    . DG A 5  ? 5.88754 5.02070 5.55037 -0.00825 0.79584  0.28086  106 DG A C8    
95  N N7    . DG A 5  ? 6.13955 5.33007 5.84600 0.08440  0.70635  0.27879  106 DG A N7    
96  C C5    . DG A 5  ? 6.12374 5.37335 5.71959 0.04743  0.70229  0.29116  106 DG A C5    
97  C C6    . DG A 5  ? 6.25490 5.58428 5.84002 0.10902  0.62446  0.29207  106 DG A C6    
98  O O6    . DG A 5  ? 6.36618 5.72568 6.03768 0.21266  0.54055  0.28557  106 DG A O6    
99  N N1    . DG A 5  ? 6.13565 5.51932 5.59903 0.03717  0.65233  0.29549  106 DG A N1    
100 C C2    . DG A 5  ? 5.91634 5.28154 5.28184 -0.07958 0.74404  0.29636  106 DG A C2    
101 N N2    . DG A 5  ? 5.79852 5.23877 5.06151 -0.13680 0.75890  0.28836  106 DG A N2    
102 N N3    . DG A 5  ? 5.77897 5.06489 5.15079 -0.13759 0.81719  0.29911  106 DG A N3    
103 C C4    . DG A 5  ? 5.88270 5.11300 5.37157 -0.06874 0.79112  0.29728  106 DG A C4    
104 P P     . DC A 6  ? 5.26344 4.50727 4.66939 -0.55352 1.11364  0.28490  107 DC A P     
105 O OP1   . DC A 6  ? 5.31870 4.57447 4.59153 -0.65950 1.19193  0.28020  107 DC A OP1   
106 O OP2   . DC A 6  ? 5.17254 4.40619 4.70474 -0.55868 1.10954  0.28000  107 DC A OP2   
107 O "O5'" . DC A 6  ? 5.22713 4.60056 4.67932 -0.48630 1.00240  0.28249  107 DC A "O5'" 
108 C "C5'" . DC A 6  ? 5.33619 4.74349 4.69460 -0.46339 0.98377  0.28128  107 DC A "C5'" 
109 C "C4'" . DC A 6  ? 5.46581 4.99249 4.90018 -0.38562 0.86953  0.27652  107 DC A "C4'" 
110 O "O4'" . DC A 6  ? 5.72698 5.20697 5.26255 -0.27793 0.81040  0.28323  107 DC A "O4'" 
111 C "C3'" . DC A 6  ? 5.37353 5.01479 4.88345 -0.41305 0.81770  0.26777  107 DC A "C3'" 
112 O "O3'" . DC A 6  ? 5.42011 5.19015 4.89077 -0.40916 0.76278  0.25267  107 DC A "O3'" 
113 C "C2'" . DC A 6  ? 5.52838 5.15839 5.18455 -0.32864 0.74518  0.27267  107 DC A "C2'" 
114 C "C1'" . DC A 6  ? 5.78815 5.37100 5.44065 -0.23523 0.71843  0.27723  107 DC A "C1'" 
115 N N1    . DC A 6  ? 5.94763 5.48322 5.72938 -0.14808 0.67491  0.27572  107 DC A N1    
116 C C2    . DC A 6  ? 6.18843 5.78908 6.04902 -0.05068 0.57513  0.27087  107 DC A C2    
117 O O2    . DC A 6  ? 6.22967 5.92438 6.05233 -0.04044 0.52449  0.26983  107 DC A O2    
118 N N3    . DC A 6  ? 6.30961 5.87917 6.29394 0.02727  0.53595  0.26119  107 DC A N3    
119 C C4    . DC A 6  ? 6.20454 5.68514 6.23470 0.01194  0.59267  0.25326  107 DC A C4    
120 N N4    . DC A 6  ? 6.21328 5.68013 6.37376 0.09111  0.55137  0.23286  107 DC A N4    
121 C C5    . DC A 6  ? 5.92512 5.33439 5.87396 -0.08554 0.69450  0.25981  107 DC A C5    
122 C C6    . DC A 6  ? 5.82142 5.25884 5.64642 -0.16331 0.73260  0.27270  107 DC A C6    
123 P P     . DC A 7  ? 4.46178 4.30639 3.81784 -0.51259 0.81787  0.23035  108 DC A P     
124 O OP1   . DC A 7  ? 4.40391 4.13704 3.66408 -0.58558 0.93560  0.23519  108 DC A OP1   
125 O OP2   . DC A 7  ? 4.38635 4.31357 3.78677 -0.54351 0.77773  0.22068  108 DC A OP2   
126 O "O5'" . DC A 7  ? 4.54302 4.49477 3.84853 -0.47615 0.76721  0.20875  108 DC A "O5'" 
127 C "C5'" . DC A 7  ? 4.41512 4.52559 3.72635 -0.48417 0.70341  0.17855  108 DC A "C5'" 
128 C "C4'" . DC A 7  ? 4.46944 4.67149 3.77405 -0.41798 0.63496  0.16050  108 DC A "C4'" 
129 O "O4'" . DC A 7  ? 4.63190 4.72570 3.93722 -0.35240 0.64009  0.18612  108 DC A "O4'" 
130 C "C3'" . DC A 7  ? 4.51236 4.82604 3.91438 -0.34115 0.51018  0.15184  108 DC A "C3'" 
131 O "O3'" . DC A 7  ? 4.33691 4.79400 3.70801 -0.38158 0.48238  0.11113  108 DC A "O3'" 
132 C "C2'" . DC A 7  ? 4.63263 4.96275 4.04374 -0.25788 0.46068  0.15191  108 DC A "C2'" 
133 C "C1'" . DC A 7  ? 4.76410 4.92479 4.14876 -0.25060 0.53233  0.18554  108 DC A "C1'" 
134 N N1    . DC A 7  ? 4.96282 5.03950 4.46421 -0.18046 0.49250  0.21548  108 DC A N1    
135 C C2    . DC A 7  ? 5.10447 5.22394 4.70175 -0.07600 0.39029  0.21805  108 DC A C2    
136 O O2    . DC A 7  ? 5.04026 5.26426 4.62341 -0.03999 0.33132  0.19881  108 DC A O2    
137 N N3    . DC A 7  ? 5.27208 5.32297 4.97934 -0.01949 0.36063  0.23600  108 DC A N3    
138 C C4    . DC A 7  ? 5.29694 5.24441 5.02116 -0.06272 0.42767  0.24943  108 DC A C4    
139 N N4    . DC A 7  ? 5.43470 5.32984 5.27548 -0.00846 0.39823  0.25661  108 DC A N4    
140 C C5    . DC A 7  ? 5.12490 5.02398 4.75110 -0.16593 0.52992  0.25038  108 DC A C5    
141 C C6    . DC A 7  ? 4.96931 4.93388 4.48640 -0.22142 0.55873  0.23408  108 DC A C6    
142 P P     . DT A 8  ? 4.41916 4.93850 3.85956 -0.35555 0.39265  0.10701  109 DT A P     
143 O OP1   . DT A 8  ? 4.25231 4.91159 3.63202 -0.40442 0.38153  0.05696  109 DT A OP1   
144 O OP2   . DT A 8  ? 4.52374 4.90949 4.00710 -0.37440 0.42718  0.14570  109 DT A OP2   
145 O "O5'" . DT A 8  ? 4.55889 5.12699 4.08694 -0.24024 0.27515  0.11077  109 DT A "O5'" 
146 C "C5'" . DT A 8  ? 4.46721 5.14373 3.97657 -0.20008 0.23459  0.08036  109 DT A "C5'" 
147 C "C4'" . DT A 8  ? 4.60464 5.25882 4.20001 -0.09391 0.15795  0.10172  109 DT A "C4'" 
148 O "O4'" . DT A 8  ? 4.80181 5.30153 4.43832 -0.08187 0.20176  0.14546  109 DT A "O4'" 
149 C "C3'" . DT A 8  ? 4.63239 5.34983 4.31393 -0.02215 0.03906  0.09724  109 DT A "C3'" 
150 O "O3'" . DT A 8  ? 4.47009 5.33704 4.14656 0.02174  -0.03563 0.05624  109 DT A "O3'" 
151 C "C2'" . DT A 8  ? 4.83715 5.45204 4.61580 0.05193  0.00963  0.13528  109 DT A "C2'" 
152 C "C1'" . DT A 8  ? 4.93540 5.42340 4.67834 0.01362  0.11585  0.16070  109 DT A "C1'" 
153 N N1    . DT A 8  ? 5.12515 5.48252 4.93418 0.00959  0.14729  0.19233  109 DT A N1    
154 C C2    . DT A 8  ? 5.24284 5.57088 5.16366 0.09031  0.08177  0.20410  109 DT A C2    
155 O O2    . DT A 8  ? 5.16090 5.55915 5.13002 0.16826  -0.00436 0.19441  109 DT A O2    
156 N N3    . DT A 8  ? 5.37285 5.59174 5.35161 0.07419  0.12232  0.22222  109 DT A N3    
157 C C4    . DT A 8  ? 5.41037 5.54472 5.34683 -0.01032 0.21850  0.23237  109 DT A C4    
158 O O4    . DT A 8  ? 5.49946 5.54592 5.49995 -0.01932 0.24921  0.24225  109 DT A O4    
159 C C5    . DT A 8  ? 5.24897 5.41258 5.06470 -0.08997 0.28238  0.22423  109 DT A C5    
160 C C7    . DT A 8  ? 5.15467 5.23409 4.91552 -0.18609 0.38876  0.23282  109 DT A C7    
161 C C6    . DT A 8  ? 5.11932 5.39322 4.87846 -0.07752 0.24530  0.20317  109 DT A C6    
162 P P     . DG A 9  ? 3.21688 4.23219 2.84751 -0.00980 -0.07553 0.00291  110 DG A P     
163 O OP1   . DG A 9  ? 3.16399 4.32093 2.82607 0.06514  -0.17455 -0.03588 110 DG A OP1   
164 O OP2   . DG A 9  ? 3.27598 4.30487 2.81053 -0.11395 0.02968  -0.01960 110 DG A OP2   
165 O "O5'" . DG A 9  ? 3.21317 4.16776 2.87601 -0.00467 -0.12031 0.02390  110 DG A "O5'" 
166 C "C5'" . DG A 9  ? 3.17672 4.20064 2.87659 0.06532  -0.24011 0.00596  110 DG A "C5'" 
167 C "C4'" . DG A 9  ? 3.23262 4.21133 3.02897 0.15724  -0.30902 0.03394  110 DG A "C4'" 
168 O "O4'" . DG A 9  ? 3.43951 4.27856 3.27313 0.14266  -0.23498 0.08017  110 DG A "O4'" 
169 C "C3'" . DG A 9  ? 3.22360 4.16673 3.05950 0.20831  -0.40261 0.04368  110 DG A "C3'" 
170 O "O3'" . DG A 9  ? 3.06837 4.05615 2.98079 0.30478  -0.49609 0.03914  110 DG A "O3'" 
171 C "C2'" . DG A 9  ? 3.47831 4.25272 3.33849 0.16781  -0.33745 0.09208  110 DG A "C2'" 
172 C "C1'" . DG A 9  ? 3.58527 4.31963 3.48098 0.16498  -0.26443 0.11101  110 DG A "C1'" 
173 N N9    . DG A 9  ? 3.78851 4.39115 3.67793 0.09711  -0.16099 0.14269  110 DG A N9    
174 C C8    . DG A 9  ? 3.79037 4.36951 3.60059 0.00727  -0.06161 0.14197  110 DG A C8    
175 N N7    . DG A 9  ? 3.94927 4.40320 3.77733 -0.03434 0.01550  0.17117  110 DG A N7    
176 C C5    . DG A 9  ? 4.06975 4.46653 3.99850 0.02984  -0.03459 0.18846  110 DG A C5    
177 C C6    . DG A 9  ? 4.20252 4.47883 4.20028 0.02237  0.00928  0.21139  110 DG A C6    
178 O O6    . DG A 9  ? 4.31725 4.50748 4.29865 -0.04142 0.10176  0.22396  110 DG A O6    
179 N N1    . DG A 9  ? 4.03865 4.30502 4.13727 0.09811  -0.06511 0.21297  110 DG A N1    
180 C C2    . DG A 9  ? 3.80673 4.16007 3.93198 0.17329  -0.16981 0.19908  110 DG A C2    
181 N N2    . DG A 9  ? 3.61212 3.93865 3.83898 0.23649  -0.22673 0.20056  110 DG A N2    
182 N N3    . DG A 9  ? 3.73839 4.20328 3.79921 0.18482  -0.21480 0.17904  110 DG A N3    
183 C C4    . DG A 9  ? 3.90594 4.38972 3.87202 0.11004  -0.14232 0.17283  110 DG A C4    
184 P P     . DT A 10 ? 3.51577 4.61980 3.42501 0.37404  -0.62437 -0.00201 111 DT A P     
185 O OP1   . DT A 10 ? 3.39100 4.60802 3.35129 0.44373  -0.67668 -0.02669 111 DT A OP1   
186 O OP2   . DT A 10 ? 3.51842 4.68937 3.33439 0.32342  -0.61971 -0.03851 111 DT A OP2   
187 O "O5'" . DT A 10 ? 3.47148 4.45406 3.42501 0.41684  -0.68752 0.02999  111 DT A "O5'" 
188 C "C5'" . DT A 10 ? 3.67611 4.50747 3.60842 0.35549  -0.62630 0.06714  111 DT A "C5'" 
189 C "C4'" . DT A 10 ? 3.62899 4.34509 3.65191 0.39160  -0.64062 0.10088  111 DT A "C4'" 
190 O "O4'" . DT A 10 ? 3.85346 4.47204 3.90834 0.33461  -0.53258 0.13132  111 DT A "O4'" 
191 C "C3'" . DT A 10 ? 3.63455 4.24315 3.63148 0.39470  -0.69054 0.11307  111 DT A "C3'" 
192 O "O3'" . DT A 10 ? 3.55739 4.13352 3.64278 0.46471  -0.75513 0.11940  111 DT A "O3'" 
193 C "C2'" . DT A 10 ? 3.95302 4.42650 3.92530 0.30255  -0.58450 0.14370  111 DT A "C2'" 
194 C "C1'" . DT A 10 ? 3.99999 4.47875 4.05487 0.29454  -0.50778 0.15552  111 DT A "C1'" 
195 N N1    . DT A 10 ? 4.31450 4.72297 4.33369 0.20115  -0.38755 0.17278  111 DT A N1    
196 C C2    . DT A 10 ? 4.41582 4.70913 4.49897 0.17181  -0.32320 0.19493  111 DT A C2    
197 O O2    . DT A 10 ? 4.26163 4.50907 4.43210 0.21494  -0.35699 0.19870  111 DT A O2    
198 N N3    . DT A 10 ? 4.67604 4.91592 4.72034 0.08844  -0.21593 0.20641  111 DT A N3    
199 C C4    . DT A 10 ? 4.83833 5.12423 4.78655 0.03010  -0.16592 0.19933  111 DT A C4    
200 O O4    . DT A 10 ? 5.01742 5.24640 4.93581 -0.04422 -0.06853 0.20988  111 DT A O4    
201 C C5    . DT A 10 ? 4.71929 5.13153 4.60832 0.06188  -0.23537 0.17224  111 DT A C5    
202 C C7    . DT A 10 ? 4.70282 5.18655 4.49370 -0.00027 -0.18630 0.15196  111 DT A C7    
203 C C6    . DT A 10 ? 4.46211 4.93051 4.38990 0.14631  -0.34262 0.15967  111 DT A C6    
204 P P     . DA A 11 ? 3.59117 4.18088 3.65134 0.53839  -0.88402 0.10094  112 DA A P     
205 O OP1   . DA A 11 ? 3.50664 4.18783 3.66570 0.62758  -0.95246 0.08549  112 DA A OP1   
206 O OP2   . DA A 11 ? 3.64362 4.29109 3.58449 0.52418  -0.91638 0.07586  112 DA A OP2   
207 O "O5'" . DA A 11 ? 3.67559 4.08126 3.73028 0.51197  -0.87754 0.12882  112 DA A "O5'" 
208 C "C5'" . DA A 11 ? 3.65122 3.98352 3.81711 0.50952  -0.83598 0.14599  112 DA A "C5'" 
209 C "C4'" . DA A 11 ? 3.83445 3.99277 3.96328 0.43497  -0.77888 0.16829  112 DA A "C4'" 
210 O "O4'" . DA A 11 ? 4.11909 4.24963 4.21872 0.34770  -0.66740 0.18233  112 DA A "O4'" 
211 C "C3'" . DA A 11 ? 3.89357 3.95923 3.88895 0.42752  -0.83790 0.17006  112 DA A "C3'" 
212 O "O3'" . DA A 11 ? 3.93348 3.87094 3.94741 0.44165  -0.87342 0.17547  112 DA A "O3'" 
213 C "C2'" . DA A 11 ? 4.23603 4.22583 4.12479 0.33003  -0.75315 0.18581  112 DA A "C2'" 
214 C "C1'" . DA A 11 ? 4.36390 4.37772 4.34465 0.27777  -0.64059 0.19511  112 DA A "C1'" 
215 N N9    . DA A 11 ? 4.58171 4.64548 4.49148 0.21976  -0.57602 0.19584  112 DA A N9    
216 C C8    . DA A 11 ? 4.54030 4.71632 4.37138 0.23799  -0.61684 0.17585  112 DA A C8    
217 N N7    . DA A 11 ? 4.75311 4.95576 4.53537 0.16949  -0.53603 0.17618  112 DA A N7    
218 C C5    . DA A 11 ? 4.95463 5.05055 4.78443 0.10510  -0.43780 0.20106  112 DA A C5    
219 C C6    . DA A 11 ? 5.20841 5.26991 5.02041 0.01826  -0.32359 0.21252  112 DA A C6    
220 N N6    . DA A 11 ? 5.32230 5.45443 5.05808 -0.02374 -0.28534 0.20141  112 DA A N6    
221 N N1    . DA A 11 ? 5.29409 5.25061 5.17281 -0.02474 -0.24922 0.22992  112 DA A N1    
222 C C2    . DA A 11 ? 5.14668 5.04269 5.10711 0.01298  -0.28428 0.23217  112 DA A C2    
223 N N3    . DA A 11 ? 4.92697 4.84281 4.91000 0.09012  -0.38605 0.22359  112 DA A N3    
224 C C4    . DA A 11 ? 4.84038 4.85504 4.75262 0.13511  -0.46095 0.21035  112 DA A C4    
225 P P     . DC A 12 ? 3.50275 3.34078 3.62902 0.39642  -0.79503 0.18345  113 DC A P     
226 O OP1   . DC A 12 ? 3.36660 3.32024 3.65309 0.44452  -0.78309 0.17075  113 DC A OP1   
227 O OP2   . DC A 12 ? 3.61415 3.31193 3.69464 0.40113  -0.84445 0.18360  113 DC A OP2   
228 O "O5'" . DC A 12 ? 3.56318 3.31113 3.63134 0.28379  -0.67618 0.20184  113 DC A "O5'" 
229 C "C5'" . DC A 12 ? 3.53684 3.23972 3.71089 0.23073  -0.57995 0.20176  113 DC A "C5'" 
230 C "C4'" . DC A 12 ? 3.69635 3.23174 3.78961 0.12716  -0.50412 0.21395  113 DC A "C4'" 
231 O "O4'" . DC A 12 ? 3.95459 3.49243 3.95573 0.06174  -0.43900 0.22919  113 DC A "O4'" 
232 C "C3'" . DC A 12 ? 3.81283 3.20669 3.77606 0.11895  -0.56179 0.22064  113 DC A "C3'" 
233 O "O3'" . DC A 12 ? 3.91124 3.14867 3.87227 0.03398  -0.48703 0.22014  113 DC A "O3'" 
234 C "C2'" . DC A 12 ? 3.95103 3.34169 3.74646 0.09955  -0.57783 0.23624  113 DC A "C2'" 
235 C "C1'" . DC A 12 ? 4.13154 3.56743 3.96068 0.02894  -0.46675 0.24234  113 DC A "C1'" 
236 N N1    . DC A 12 ? 4.24379 3.78020 3.98815 0.03270  -0.47561 0.24467  113 DC A N1    
237 C C2    . DC A 12 ? 4.45163 3.99683 4.17943 -0.04524 -0.37438 0.25240  113 DC A C2    
238 O O2    . DC A 12 ? 4.50912 3.97595 4.29102 -0.11297 -0.28236 0.25805  113 DC A O2    
239 N N3    . DC A 12 ? 4.54551 4.18913 4.20038 -0.04554 -0.37939 0.24777  113 DC A N3    
240 C C4    . DC A 12 ? 4.40443 4.14405 4.01095 0.02916  -0.48066 0.23158  113 DC A C4    
241 N N4    . DC A 12 ? 4.44963 4.29709 3.99218 0.02180  -0.47842 0.21715  113 DC A N4    
242 C C5    . DC A 12 ? 4.15745 3.89138 3.78181 0.11356  -0.58773 0.22361  113 DC A C5    
243 C C6    . DC A 12 ? 4.10125 3.72862 3.79202 0.11162  -0.58055 0.23281  113 DC A C6    
244 P P     . DG A 13 ? 4.24961 3.36389 4.21816 0.04401  -0.52877 0.20671  114 DG A P     
245 O OP1   . DG A 13 ? 4.07271 3.30968 4.15916 0.15197  -0.61700 0.18847  114 DG A OP1   
246 O OP2   . DG A 13 ? 4.45720 3.39873 4.21877 0.00734  -0.55749 0.22638  114 DG A OP2   
247 O "O5'" . DG A 13 ? 4.25097 3.29982 4.33277 -0.04171 -0.41501 0.18555  114 DG A "O5'" 
248 C "C5'" . DG A 13 ? 4.41047 3.27048 4.38590 -0.14778 -0.34748 0.18911  114 DG A "C5'" 
249 C "C4'" . DG A 13 ? 4.49013 3.34887 4.50688 -0.24078 -0.22286 0.18536  114 DG A "C4'" 
250 O "O4'" . DG A 13 ? 4.61415 3.57396 4.58781 -0.22529 -0.21972 0.20949  114 DG A "O4'" 
251 C "C3'" . DG A 13 ? 4.64782 3.31229 4.52843 -0.36134 -0.14493 0.19233  114 DG A "C3'" 
252 O "O3'" . DG A 13 ? 4.58397 3.26247 4.57505 -0.44251 -0.02462 0.16822  114 DG A "O3'" 
253 C "C2'" . DG A 13 ? 4.87921 3.51694 4.57045 -0.36246 -0.17619 0.23236  114 DG A "C2'" 
254 C "C1'" . DG A 13 ? 4.84189 3.68216 4.63910 -0.30599 -0.17899 0.23409  114 DG A "C1'" 
255 N N9    . DG A 13 ? 4.96943 3.87749 4.65180 -0.24987 -0.25427 0.25690  114 DG A N9    
256 C C8    . DG A 13 ? 4.93644 3.87349 4.55861 -0.15861 -0.37471 0.26046  114 DG A C8    
257 N N7    . DG A 13 ? 5.03985 4.05894 4.57544 -0.12507 -0.41822 0.27058  114 DG A N7    
258 C C5    . DG A 13 ? 5.16676 4.21037 4.70486 -0.20014 -0.31844 0.27711  114 DG A C5    
259 C C6    . DG A 13 ? 5.30972 4.43818 4.77648 -0.21032 -0.30647 0.28349  114 DG A C6    
260 O O6    . DG A 13 ? 5.35101 4.56298 4.74232 -0.15244 -0.38463 0.27980  114 DG A O6    
261 N N1    . DG A 13 ? 5.36288 4.47979 4.85733 -0.29917 -0.18855 0.28804  114 DG A N1    
262 C C2    . DG A 13 ? 5.25825 4.29778 4.84175 -0.36606 -0.09690 0.28339  114 DG A C2    
263 N N2    . DG A 13 ? 5.25043 4.29244 4.84838 -0.44417 0.00846  0.28554  114 DG A N2    
264 N N3    . DG A 13 ? 5.13223 4.10256 4.78912 -0.35783 -0.10689 0.27127  114 DG A N3    
265 C C4    . DG A 13 ? 5.10671 4.08015 4.73362 -0.27519 -0.21841 0.27046  114 DG A C4    
266 P P     . DG A 14 ? 4.79181 3.34887 4.66213 -0.56863 0.08172  0.18148  115 DG A P     
267 O OP1   . DG A 14 ? 4.75336 3.32562 4.78106 -0.63660 0.18914  0.13723  115 DG A OP1   
268 O OP2   . DG A 14 ? 4.99995 3.35956 4.64889 -0.61635 0.05822  0.20618  115 DG A OP2   
269 O "O5'" . DG A 14 ? 4.86211 3.53926 4.70191 -0.54147 0.08093  0.21057  115 DG A "O5'" 
270 C "C5'" . DG A 14 ? 4.85449 3.51247 4.66784 -0.62958 0.18318  0.21520  115 DG A "C5'" 
271 C "C4'" . DG A 14 ? 5.04754 3.61783 4.64224 -0.66577 0.16966  0.25279  115 DG A "C4'" 
272 O "O4'" . DG A 14 ? 5.18659 3.82285 4.70928 -0.56537 0.04961  0.27250  115 DG A "O4'" 
273 C "C3'" . DG A 14 ? 5.12281 3.47264 4.54877 -0.75195 0.19379  0.26045  115 DG A "C3'" 
274 O "O3'" . DG A 14 ? 5.14426 3.41702 4.44316 -0.84466 0.26980  0.27747  115 DG A "O3'" 
275 C "C2'" . DG A 14 ? 5.31438 3.61382 4.59676 -0.67267 0.06661  0.28304  115 DG A "C2'" 
276 C "C1'" . DG A 14 ? 5.36607 3.85085 4.67717 -0.58951 0.01015  0.29458  115 DG A "C1'" 
277 N N9    . DG A 14 ? 5.45771 3.98206 4.70401 -0.48271 -0.12222 0.30315  115 DG A N9    
278 C C8    . DG A 14 ? 5.40148 3.87501 4.65336 -0.42376 -0.20205 0.29604  115 DG A C8    
279 N N7    . DG A 14 ? 5.44793 3.97578 4.63059 -0.32882 -0.31751 0.30285  115 DG A N7    
280 C C5    . DG A 14 ? 5.57265 4.19563 4.69864 -0.32852 -0.31213 0.31190  115 DG A C5    
281 C C6    . DG A 14 ? 5.64273 4.36821 4.69069 -0.24909 -0.40711 0.31179  115 DG A C6    
282 O O6    . DG A 14 ? 5.56889 4.31997 4.58014 -0.15663 -0.52140 0.30512  115 DG A O6    
283 N N1    . DG A 14 ? 5.76358 4.57230 4.77903 -0.28672 -0.35739 0.31393  115 DG A N1    
284 C C2    . DG A 14 ? 5.78483 4.57278 4.83593 -0.38574 -0.23326 0.31992  115 DG A C2    
285 N N2    . DG A 14 ? 5.88074 4.75586 4.88912 -0.41120 -0.19989 0.31946  115 DG A N2    
286 N N3    . DG A 14 ? 5.67315 4.36700 4.80014 -0.45613 -0.14656 0.32024  115 DG A N3    
287 C C4    . DG A 14 ? 5.58712 4.20464 4.74816 -0.42380 -0.19178 0.31432  115 DG A C4    
288 P P     . DA A 15 ? 4.86942 3.24170 4.27635 -0.90161 0.37950  0.26640  116 DA A P     
289 O OP1   . DA A 15 ? 4.73923 3.20580 4.37382 -0.89030 0.42574  0.22701  116 DA A OP1   
290 O OP2   . DA A 15 ? 5.02502 3.24906 4.28599 -1.01906 0.46279  0.27631  116 DA A OP2   
291 O "O5'" . DA A 15 ? 4.78037 3.30207 4.16014 -0.82871 0.32371  0.28890  116 DA A "O5'" 
292 C "C5'" . DA A 15 ? 4.68202 3.29072 4.10436 -0.86627 0.40077  0.28876  116 DA A "C5'" 
293 C "C4'" . DA A 15 ? 4.75260 3.36126 4.00273 -0.87852 0.38112  0.31387  116 DA A "C4'" 
294 O "O4'" . DA A 15 ? 5.01823 3.65145 4.17601 -0.78819 0.25517  0.32556  116 DA A "O4'" 
295 C "C3'" . DA A 15 ? 4.91805 3.35938 3.99964 -0.98338 0.43983  0.32616  116 DA A "C3'" 
296 O "O3'" . DA A 15 ? 4.90688 3.40215 3.91891 -1.01742 0.47825  0.33519  116 DA A "O3'" 
297 C "C2'" . DA A 15 ? 5.06348 3.38819 3.97650 -0.94312 0.33726  0.34252  116 DA A "C2'" 
298 C "C1'" . DA A 15 ? 5.15665 3.64431 4.10357 -0.82333 0.22862  0.34293  116 DA A "C1'" 
299 N N9    . DA A 15 ? 5.35990 3.79446 4.24188 -0.74403 0.11256  0.34699  116 DA A N9    
300 C C8    . DA A 15 ? 5.31834 3.69014 4.27274 -0.72380 0.09106  0.33847  116 DA A C8    
301 N N7    . DA A 15 ? 5.46903 3.79711 4.33706 -0.64758 -0.02107 0.34414  116 DA A N7    
302 C C5    . DA A 15 ? 5.64427 4.01959 4.37964 -0.60911 -0.08211 0.35371  116 DA A C5    
303 C C6    . DA A 15 ? 5.83161 4.20027 4.43446 -0.52070 -0.20932 0.35644  116 DA A C6    
304 N N6    . DA A 15 ? 5.84180 4.13952 4.42015 -0.45455 -0.29850 0.35565  116 DA A N6    
305 N N1    . DA A 15 ? 5.97552 4.41617 4.47373 -0.50150 -0.24225 0.35442  116 DA A N1    
306 C C2    . DA A 15 ? 5.91978 4.42937 4.44357 -0.57137 -0.14920 0.35338  116 DA A C2    
307 N N3    . DA A 15 ? 5.70998 4.22271 4.34869 -0.65769 -0.02551 0.35539  116 DA A N3    
308 C C4    . DA A 15 ? 5.58961 4.03505 4.33284 -0.66969 0.00013  0.35436  116 DA A C4    
309 P P     . DC A 16 ? 4.98752 3.33440 3.82673 -1.12839 0.54899  0.34715  117 DC A P     
310 O OP1   . DC A 16 ? 4.91104 3.35999 3.77177 -1.16636 0.61790  0.34448  117 DC A OP1   
311 O OP2   . DC A 16 ? 5.09094 3.28253 3.94102 -1.20857 0.61699  0.33820  117 DC A OP2   
312 O "O5'" . DC A 16 ? 5.14289 3.41235 3.76645 -1.08217 0.43941  0.36656  117 DC A "O5'" 
313 C "C5'" . DC A 16 ? 5.29452 3.70813 3.89989 -0.98679 0.34389  0.36517  117 DC A "C5'" 
314 C "C4'" . DC A 16 ? 5.64032 3.95545 4.03835 -0.94048 0.23641  0.37617  117 DC A "C4'" 
315 O "O4'" . DC A 16 ? 5.80406 4.07977 4.22145 -0.86171 0.14398  0.37710  117 DC A "O4'" 
316 C "C3'" . DC A 16 ? 5.71533 3.80928 3.90881 -1.02660 0.27367  0.39313  117 DC A "C3'" 
317 O "O3'" . DC A 16 ? 5.95310 4.04128 3.96070 -0.99122 0.20010  0.39528  117 DC A "O3'" 
318 C "C2'" . DC A 16 ? 5.85077 3.77621 4.00143 -1.01211 0.23101  0.40186  117 DC A "C2'" 
319 C "C1'" . DC A 16 ? 6.00909 4.07054 4.22165 -0.88025 0.10582  0.39318  117 DC A "C1'" 
320 N N1    . DC A 16 ? 6.07816 4.05615 4.31726 -0.83020 0.04360  0.39420  117 DC A N1    
321 C C2    . DC A 16 ? 6.30941 4.26739 4.43725 -0.72778 -0.09212 0.39634  117 DC A C2    
322 O O2    . DC A 16 ? 6.47601 4.49204 4.49226 -0.68221 -0.15533 0.39323  117 DC A O2    
323 N N3    . DC A 16 ? 6.31803 4.20115 4.46718 -0.68007 -0.15091 0.39623  117 DC A N3    
324 C C4    . DC A 16 ? 6.13242 3.96873 4.41246 -0.73358 -0.07729 0.39055  117 DC A C4    
325 N N4    . DC A 16 ? 6.12618 3.89292 4.42399 -0.68555 -0.13816 0.38649  117 DC A N4    
326 C C5    . DC A 16 ? 5.92101 3.78698 4.32381 -0.83610 0.06034  0.38274  117 DC A C5    
327 C C6    . DC A 16 ? 5.88890 3.82210 4.26449 -0.87995 0.11568  0.38674  117 DC A C6    
328 P P     . DA A 17 ? 5.12765 3.33723 3.10883 -1.02910 0.24902  0.38357  118 DA A P     
329 O OP1   . DA A 17 ? 4.89479 3.33373 3.07967 -0.99820 0.27301  0.36427  118 DA A OP1   
330 O OP2   . DA A 17 ? 5.25128 3.31075 3.14576 -1.15197 0.35985  0.39657  118 DA A OP2   
331 O "O5'" . DA A 17 ? 5.23990 3.45690 3.03036 -0.94803 0.12236  0.37420  118 DA A "O5'" 
332 C "C5'" . DA A 17 ? 5.32001 3.73475 3.17805 -0.83958 0.02451  0.34768  118 DA A "C5'" 
333 C "C4'" . DA A 17 ? 5.67625 4.02518 3.35455 -0.74436 -0.11976 0.34046  118 DA A "C4'" 
334 O "O4'" . DA A 17 ? 5.79801 4.02107 3.47569 -0.69737 -0.17906 0.35857  118 DA A "O4'" 
335 C "C3'" . DA A 17 ? 5.86386 4.04082 3.29049 -0.77684 -0.13528 0.34815  118 DA A "C3'" 
336 O "O3'" . DA A 17 ? 5.98893 4.26518 3.31095 -0.67624 -0.26039 0.31347  118 DA A "O3'" 
337 C "C2'" . DA A 17 ? 5.99662 3.90069 3.30414 -0.79592 -0.14654 0.38382  118 DA A "C2'" 
338 C "C1'" . DA A 17 ? 6.01750 3.99333 3.45929 -0.70460 -0.22285 0.37875  118 DA A "C1'" 
339 N N9    . DA A 17 ? 5.94952 3.75354 3.42162 -0.74209 -0.18701 0.40470  118 DA A N9    
340 C C8    . DA A 17 ? 5.69702 3.45563 3.29001 -0.84619 -0.05694 0.41686  118 DA A C8    
341 N N7    . DA A 17 ? 5.67543 3.29379 3.28501 -0.85685 -0.05407 0.42855  118 DA A N7    
342 C C5    . DA A 17 ? 5.91028 3.47096 3.39883 -0.75142 -0.19186 0.42912  118 DA A C5    
343 C C6    . DA A 17 ? 5.97321 3.38557 3.41162 -0.70939 -0.25647 0.43774  118 DA A C6    
344 N N6    . DA A 17 ? 5.88929 3.18786 3.40206 -0.77675 -0.18348 0.44418  118 DA A N6    
345 N N1    . DA A 17 ? 6.17625 3.56504 3.48621 -0.59500 -0.39945 0.43350  118 DA A N1    
346 C C2    . DA A 17 ? 6.32436 3.84062 3.56746 -0.52762 -0.47264 0.41614  118 DA A C2    
347 N N3    . DA A 17 ? 6.29915 3.97059 3.58606 -0.56104 -0.42078 0.40244  118 DA A N3    
348 C C4    . DA A 17 ? 6.08202 3.76088 3.48910 -0.67563 -0.27793 0.41314  118 DA A C4    
349 P P     . DT A 18 ? 5.81934 3.90329 2.85246 -0.62710 -0.36682 0.31484  119 DT A P     
350 O OP1   . DT A 18 ? 5.78253 4.06224 2.78134 -0.54524 -0.45644 0.26100  119 DT A OP1   
351 O OP2   . DT A 18 ? 6.01146 3.85891 2.88529 -0.73571 -0.28014 0.34983  119 DT A OP2   
352 O "O5'" . DT A 18 ? 5.89674 3.86106 2.89651 -0.53763 -0.47328 0.32950  119 DT A "O5'" 
353 C "C5'" . DT A 18 ? 6.01276 3.97133 2.87044 -0.41150 -0.63075 0.30360  119 DT A "C5'" 
354 C "C4'" . DT A 18 ? 6.29875 3.93753 2.92260 -0.39924 -0.68497 0.33928  119 DT A "C4'" 
355 O "O4'" . DT A 18 ? 6.27609 3.78810 2.99505 -0.46835 -0.60327 0.37846  119 DT A "O4'" 
356 C "C3'" . DT A 18 ? 6.54988 3.96950 2.92288 -0.46877 -0.64885 0.35911  119 DT A "C3'" 
357 O "O3'" . DT A 18 ? 6.71935 4.12070 2.88079 -0.36615 -0.78379 0.32760  119 DT A "O3'" 
358 C "C2'" . DT A 18 ? 6.74990 3.85166 3.00350 -0.53467 -0.60443 0.41071  119 DT A "C2'" 
359 C "C1'" . DT A 18 ? 6.56333 3.75124 3.04679 -0.51410 -0.59648 0.41484  119 DT A "C1'" 
360 N N1    . DT A 18 ? 6.53620 3.61405 3.11989 -0.64226 -0.45329 0.44632  119 DT A N1    
361 C C2    . DT A 18 ? 6.61973 3.53064 3.19561 -0.64348 -0.46243 0.46605  119 DT A C2    
362 O O2    . DT A 18 ? 6.71696 3.55569 3.20343 -0.54406 -0.58233 0.46407  119 DT A O2    
363 N N3    . DT A 18 ? 6.59105 3.42311 3.26810 -0.76601 -0.32558 0.48282  119 DT A N3    
364 C C4    . DT A 18 ? 6.48921 3.38942 3.27208 -0.88042 -0.18652 0.48298  119 DT A C4    
365 O O4    . DT A 18 ? 6.47153 3.30126 3.34812 -0.98228 -0.07220 0.49021  119 DT A O4    
366 C C5    . DT A 18 ? 6.40879 3.47320 3.18674 -0.87175 -0.18503 0.46756  119 DT A C5    
367 C C7    . DT A 18 ? 6.30235 3.44626 3.18464 -0.98855 -0.04106 0.46583  119 DT A C7    
368 C C6    . DT A 18 ? 6.43555 3.58176 3.11601 -0.75691 -0.31517 0.44913  119 DT A C6    
369 P P     . DC A 19 ? 7.14886 4.30879 3.06236 -0.25650 -0.93429 0.33650  120 DC A P     
370 O OP1   . DC A 19 ? 7.04488 4.22599 3.10197 -0.20556 -0.97206 0.34493  120 DC A OP1   
371 O OP2   . DC A 19 ? 7.23031 4.48832 3.00924 -0.14403 -1.06444 0.28337  120 DC A OP2   
372 O "O5'" . DC A 19 ? 7.46290 4.24538 3.11135 -0.35515 -0.86981 0.39137  120 DC A "O5'" 
373 C "C5'" . DC A 19 ? 7.79661 4.27400 3.14457 -0.28923 -0.97771 0.41060  120 DC A "C5'" 
374 C "C4'" . DC A 19 ? 7.79940 4.18320 3.20245 -0.24630 -1.02086 0.42926  120 DC A "C4'" 
375 O "O4'" . DC A 19 ? 7.59339 4.03980 3.24325 -0.36012 -0.87743 0.45197  120 DC A "O4'" 
376 C "C3'" . DC A 19 ? 8.17209 4.15487 3.26375 -0.23825 -1.07141 0.46849  120 DC A "C3'" 
377 O "O3'" . DC A 19 ? 8.17678 4.14764 3.29105 -0.12382 -1.18834 0.45967  120 DC A "O3'" 
378 C "C2'" . DC A 19 ? 8.19136 4.00997 3.32776 -0.40756 -0.90027 0.51333  120 DC A "C2'" 
379 C "C1'" . DC A 19 ? 7.80515 3.93879 3.32473 -0.42548 -0.83518 0.49483  120 DC A "C1'" 
380 N N1    . DC A 19 ? 7.68740 3.82401 3.36742 -0.58447 -0.65544 0.51545  120 DC A N1    
381 C C2    . DC A 19 ? 7.75215 3.70931 3.45750 -0.65838 -0.58665 0.54008  120 DC A C2    
382 O O2    . DC A 19 ? 7.91537 3.69864 3.49835 -0.59564 -0.67259 0.54929  120 DC A O2    
383 N N3    . DC A 19 ? 7.63845 3.61961 3.50321 -0.79697 -0.42711 0.54769  120 DC A N3    
384 C C4    . DC A 19 ? 7.47094 3.63377 3.45964 -0.85888 -0.33922 0.53700  120 DC A C4    
385 N N4    . DC A 19 ? 7.36902 3.54844 3.51307 -0.98942 -0.18684 0.54060  120 DC A N4    
386 C C5    . DC A 19 ? 7.40560 3.74346 3.36535 -0.78977 -0.40343 0.51624  120 DC A C5    
387 C C6    . DC A 19 ? 7.51359 3.83870 3.32374 -0.65467 -0.56004 0.50343  120 DC A C6    
388 P P     . DA A 20 ? 8.41761 4.03232 3.18281 -0.03541 -1.32010 0.47774  121 DA A P     
389 O OP1   . DA A 20 ? 8.32701 3.99992 3.21338 0.05991  -1.40697 0.46585  121 DA A OP1   
390 O OP2   . DA A 20 ? 8.61290 4.18771 3.13340 0.05249  -1.42868 0.45248  121 DA A OP2   
391 O "O5'" . DA A 20 ? 8.67578 3.91622 3.25722 -0.18792 -1.19340 0.53713  121 DA A "O5'" 
392 C "C5'" . DA A 20 ? 8.99271 3.96148 3.25556 -0.24107 -1.17260 0.56131  121 DA A "C5'" 
393 C "C4'" . DA A 20 ? 9.25428 3.85038 3.34185 -0.37477 -1.06628 0.61250  121 DA A "C4'" 
394 O "O4'" . DA A 20 ? 8.99848 3.73109 3.37571 -0.51904 -0.89552 0.61925  121 DA A "O4'" 
395 C "C3'" . DA A 20 ? 9.61126 3.88987 3.34650 -0.44777 -1.02911 0.64243  121 DA A "C3'" 
396 O "O3'" . DA A 20 ? 9.98726 3.84487 3.42412 -0.47661 -1.03843 0.68057  121 DA A "O3'" 
397 C "C2'" . DA A 20 ? 9.43170 3.81901 3.34974 -0.62145 -0.83796 0.65098  121 DA A "C2'" 
398 C "C1'" . DA A 20 ? 9.16251 3.69711 3.40300 -0.67360 -0.75824 0.64708  121 DA A "C1'" 
399 N N9    . DA A 20 ? 8.82775 3.64527 3.38765 -0.77611 -0.61763 0.63294  121 DA A N9    
400 C C8    . DA A 20 ? 8.59884 3.70776 3.30777 -0.75898 -0.60788 0.60737  121 DA A C8    
401 N N7    . DA A 20 ? 8.33304 3.63749 3.31666 -0.86429 -0.46888 0.60030  121 DA A N7    
402 C C5    . DA A 20 ? 8.38399 3.52727 3.41100 -0.95451 -0.38351 0.61798  121 DA A C5    
403 C C6    . DA A 20 ? 8.19509 3.42612 3.47178 -1.07865 -0.23244 0.61328  121 DA A C6    
404 N N6    . DA A 20 ? 7.91591 3.41264 3.44103 -1.13109 -0.14046 0.59506  121 DA A N6    
405 N N1    . DA A 20 ? 8.31413 3.34629 3.57128 -1.14582 -0.18005 0.62310  121 DA A N1    
406 C C2    . DA A 20 ? 8.61107 3.36000 3.60417 -1.09502 -0.27073 0.64201  121 DA A C2    
407 N N3    . DA A 20 ? 8.82092 3.44568 3.55233 -0.97501 -0.41770 0.65301  121 DA A N3    
408 C C4    . DA A 20 ? 8.68673 3.53021 3.45596 -0.90694 -0.46941 0.63787  121 DA A C4    
409 P P     . DC B 1  ? 4.05783 4.04315 2.98766 0.13668  -0.80706 0.10225  119 DC B P     
410 O OP1   . DC B 1  ? 4.14757 4.17116 2.96070 0.21989  -0.93748 0.06168  119 DC B OP1   
411 O OP2   . DC B 1  ? 3.90031 4.05976 2.95386 0.10758  -0.73156 0.08551  119 DC B OP2   
412 O "O5'" . DC B 1  ? 4.22226 4.02458 3.05185 0.03120  -0.71158 0.13967  119 DC B "O5'" 
413 C "C5'" . DC B 1  ? 4.29229 4.07734 2.96858 0.00567  -0.72142 0.12117  119 DC B "C5'" 
414 C "C4'" . DC B 1  ? 4.55278 4.15017 3.14985 -0.09936 -0.62111 0.16259  119 DC B "C4'" 
415 O "O4'" . DC B 1  ? 4.70623 4.08877 3.25306 -0.09615 -0.64345 0.20103  119 DC B "O4'" 
416 C "C3'" . DC B 1  ? 4.64240 4.26647 3.35903 -0.19316 -0.47784 0.18287  119 DC B "C3'" 
417 O "O3'" . DC B 1  ? 4.72363 4.31475 3.34946 -0.27989 -0.39944 0.18339  119 DC B "O3'" 
418 C "C2'" . DC B 1  ? 4.82702 4.28762 3.60747 -0.21954 -0.43621 0.22584  119 DC B "C2'" 
419 C "C1'" . DC B 1  ? 4.89058 4.18145 3.53117 -0.17818 -0.52883 0.23717  119 DC B "C1'" 
420 N N1    . DC B 1  ? 4.86331 4.08721 3.58667 -0.12958 -0.57103 0.25189  119 DC B N1    
421 C C2    . DC B 1  ? 5.00855 4.13004 3.82740 -0.19240 -0.48140 0.27858  119 DC B C2    
422 O O2    . DC B 1  ? 5.12710 4.20998 3.96144 -0.28655 -0.36807 0.29147  119 DC B O2    
423 N N3    . DC B 1  ? 4.90652 3.98129 3.80356 -0.14629 -0.52305 0.28355  119 DC B N3    
424 C C4    . DC B 1  ? 4.71518 3.83114 3.59311 -0.04427 -0.64590 0.26841  119 DC B C4    
425 N N4    . DC B 1  ? 4.59820 3.66599 3.55610 -0.00420 -0.68098 0.27215  119 DC B N4    
426 C C5    . DC B 1  ? 4.57427 3.79082 3.35557 0.02242  -0.73903 0.24226  119 DC B C5    
427 C C6    . DC B 1  ? 4.65031 3.92133 3.35936 -0.02278 -0.69820 0.23252  119 DC B C6    
428 P P     . DC B 2  ? 4.07998 3.85444 2.76311 -0.32785 -0.32070 0.15288  120 DC B P     
429 O OP1   . DC B 2  ? 4.18694 3.90072 2.74168 -0.40421 -0.26749 0.15079  120 DC B OP1   
430 O OP2   . DC B 2  ? 3.98513 3.96401 2.71767 -0.24511 -0.40213 0.10414  120 DC B OP2   
431 O "O5'" . DC B 2  ? 3.96432 3.72823 2.80280 -0.38289 -0.20610 0.18300  120 DC B "O5'" 
432 C "C5'" . DC B 2  ? 4.05008 3.65692 2.88444 -0.47235 -0.10451 0.22002  120 DC B "C5'" 
433 C "C4'" . DC B 2  ? 4.08461 3.67949 3.08033 -0.48125 -0.04127 0.24110  120 DC B "C4'" 
434 O "O4'" . DC B 2  ? 4.24841 3.77169 3.28545 -0.41695 -0.11491 0.25407  120 DC B "O4'" 
435 C "C3'" . DC B 2  ? 3.89983 3.66589 3.01328 -0.45278 -0.02089 0.22187  120 DC B "C3'" 
436 O "O3'" . DC B 2  ? 3.86369 3.58877 3.08109 -0.50402 0.08439  0.24141  120 DC B "O3'" 
437 C "C2'" . DC B 2  ? 3.94516 3.76439 3.12005 -0.34670 -0.13099 0.21436  120 DC B "C2'" 
438 C "C1'" . DC B 2  ? 4.18170 3.82431 3.36077 -0.35491 -0.13533 0.24489  120 DC B "C1'" 
439 N N1    . DC B 2  ? 4.15055 3.77910 3.34393 -0.26279 -0.25025 0.24269  120 DC B N1    
440 C C2    . DC B 2  ? 4.21841 3.70619 3.45146 -0.26621 -0.24799 0.26427  120 DC B C2    
441 O O2    . DC B 2  ? 4.23845 3.62392 3.49750 -0.34535 -0.15140 0.28114  120 DC B O2    
442 N N3    . DC B 2  ? 4.10082 3.57154 3.34429 -0.18505 -0.34990 0.26082  120 DC B N3    
443 C C4    . DC B 2  ? 3.91266 3.50224 3.13127 -0.09929 -0.45366 0.23741  120 DC B C4    
444 N N4    . DC B 2  ? 3.84133 3.40611 3.07103 -0.01964 -0.55277 0.23389  120 DC B N4    
445 C C5    . DC B 2  ? 3.82157 3.56551 3.00575 -0.09391 -0.45813 0.21061  120 DC B C5    
446 C C6    . DC B 2  ? 3.93704 3.69405 3.10936 -0.17867 -0.35345 0.21418  120 DC B C6    
447 P P     . DG B 3  ? 3.93425 3.66004 3.13481 -0.60362 0.21182  0.24177  121 DG B P     
448 O OP1   . DG B 3  ? 3.91995 3.55761 2.98697 -0.66866 0.23079  0.24522  121 DG B OP1   
449 O OP2   . DG B 3  ? 3.77904 3.66155 3.00847 -0.58743 0.22453  0.21639  121 DG B OP2   
450 O "O5'" . DG B 3  ? 3.83249 3.46067 3.14736 -0.63896 0.29827  0.26529  121 DG B "O5'" 
451 C "C5'" . DG B 3  ? 3.86362 3.33721 3.15569 -0.69852 0.34104  0.28339  121 DG B "C5'" 
452 C "C4'" . DG B 3  ? 3.82833 3.24023 3.25656 -0.68347 0.36508  0.29125  121 DG B "C4'" 
453 O "O4'" . DG B 3  ? 4.08327 3.51000 3.55438 -0.59431 0.26154  0.28963  121 DG B "O4'" 
454 C "C3'" . DG B 3  ? 3.72239 3.19359 3.27436 -0.67640 0.43000  0.28594  121 DG B "C3'" 
455 O "O3'" . DG B 3  ? 3.73086 3.11015 3.37830 -0.70336 0.48501  0.28663  121 DG B "O3'" 
456 C "C2'" . DG B 3  ? 3.87160 3.45379 3.48375 -0.57099 0.33889  0.27803  121 DG B "C2'" 
457 C "C1'" . DG B 3  ? 4.11989 3.64993 3.71418 -0.52612 0.24518  0.28120  121 DG B "C1'" 
458 N N9    . DG B 3  ? 4.34051 3.96997 3.90689 -0.44071 0.13402  0.27164  121 DG B N9    
459 C C8    . DG B 3  ? 4.35302 4.10245 3.85531 -0.42267 0.10480  0.25644  121 DG B C8    
460 N N7    . DG B 3  ? 4.46215 4.28674 3.95645 -0.34023 -0.00304 0.24333  121 DG B N7    
461 C C5    . DG B 3  ? 4.50797 4.24807 4.05901 -0.30186 -0.04770 0.25485  121 DG B C5    
462 C C6    . DG B 3  ? 4.46602 4.22747 4.03528 -0.21369 -0.15994 0.24830  121 DG B C6    
463 O O6    . DG B 3  ? 4.37782 4.24476 3.91830 -0.14641 -0.24802 0.22949  121 DG B O6    
464 N N1    . DG B 3  ? 4.42236 4.07116 4.05266 -0.20940 -0.16295 0.26009  121 DG B N1    
465 C C2    . DG B 3  ? 4.41969 3.95948 4.09361 -0.28198 -0.06892 0.27106  121 DG B C2    
466 N N2    . DG B 3  ? 4.33594 3.78622 4.07147 -0.27186 -0.08284 0.27139  121 DG B N2    
467 N N3    . DG B 3  ? 4.41775 3.94117 4.07842 -0.36114 0.03357  0.27592  121 DG B N3    
468 C C4    . DG B 3  ? 4.45842 4.08069 4.05460 -0.36571 0.03759  0.27005  121 DG B C4    
469 P P     . DT B 4  ? 3.71840 3.12280 3.50206 -0.69192 0.55283  0.27707  122 DT B P     
470 O OP1   . DT B 4  ? 3.77075 3.07030 3.59291 -0.76941 0.64132  0.27055  122 DT B OP1   
471 O OP2   . DT B 4  ? 3.67469 3.16700 3.42705 -0.68602 0.57848  0.27726  122 DT B OP2   
472 O "O5'" . DT B 4  ? 3.88591 3.33123 3.78495 -0.58952 0.47022  0.26879  122 DT B "O5'" 
473 C "C5'" . DT B 4  ? 3.98362 3.36756 3.90262 -0.57371 0.41599  0.26571  122 DT B "C5'" 
474 C "C4'" . DT B 4  ? 4.10662 3.55007 4.14338 -0.47261 0.34133  0.25405  122 DT B "C4'" 
475 O "O4'" . DT B 4  ? 4.35054 3.86628 4.32795 -0.40360 0.23687  0.26159  122 DT B "O4'" 
476 C "C3'" . DT B 4  ? 4.00479 3.51793 4.14800 -0.42405 0.36903  0.24367  122 DT B "C3'" 
477 O "O3'" . DT B 4  ? 3.95347 3.47349 4.23256 -0.35995 0.33344  0.22327  122 DT B "O3'" 
478 C "C2'" . DT B 4  ? 4.19372 3.81184 4.27461 -0.36848 0.31017  0.25399  122 DT B "C2'" 
479 C "C1'" . DT B 4  ? 4.37306 3.99860 4.41538 -0.32800 0.20819  0.25621  122 DT B "C1'" 
480 N N1    . DT B 4  ? 4.53903 4.25755 4.48614 -0.29410 0.14204  0.25980  122 DT B N1    
481 C C2    . DT B 4  ? 4.58284 4.34141 4.52572 -0.22161 0.03366  0.25536  122 DT B C2    
482 O O2    . DT B 4  ? 4.50539 4.22017 4.51339 -0.18612 -0.00933 0.25195  122 DT B O2    
483 N N3    . DT B 4  ? 4.62439 4.48043 4.48591 -0.19300 -0.02220 0.24925  122 DT B N3    
484 C C4    . DT B 4  ? 4.66869 4.58844 4.45530 -0.23406 0.02273  0.24441  122 DT B C4    
485 O O4    . DT B 4  ? 4.63087 4.65097 4.35470 -0.20608 -0.03225 0.22845  122 DT B O4    
486 C C5    . DT B 4  ? 4.61698 4.48137 4.40684 -0.31339 0.13989  0.25308  122 DT B C5    
487 C C7    . DT B 4  ? 4.43253 4.35304 4.14185 -0.36862 0.20203  0.24627  122 DT B C7    
488 C C6    . DT B 4  ? 4.53317 4.29969 4.40201 -0.33670 0.19142  0.26126  122 DT B C6    
489 P P     . DA B 5  ? 3.67667 3.14697 4.08405 -0.38566 0.41059  0.19380  123 DA B P     
490 O OP1   . DA B 5  ? 3.54930 2.91752 3.91834 -0.48413 0.46475  0.18878  123 DA B OP1   
491 O OP2   . DA B 5  ? 3.63696 3.13631 4.06464 -0.37679 0.46902  0.19278  123 DA B OP2   
492 O "O5'" . DA B 5  ? 3.65687 3.16852 4.20213 -0.29281 0.33847  0.16731  123 DA B "O5'" 
493 C "C5'" . DA B 5  ? 3.67632 3.16216 4.22285 -0.28175 0.27281  0.16272  123 DA B "C5'" 
494 C "C4'" . DA B 5  ? 3.71991 3.29386 4.30485 -0.17089 0.16588  0.16426  123 DA B "C4'" 
495 O "O4'" . DA B 5  ? 3.90198 3.52828 4.36574 -0.15122 0.12108  0.19565  123 DA B "O4'" 
496 C "C3'" . DA B 5  ? 3.57924 3.22949 4.29322 -0.08446 0.15427  0.14243  123 DA B "C3'" 
497 O "O3'" . DA B 5  ? 3.47001 3.16690 4.26548 -0.00168 0.06540  0.12560  123 DA B "O3'" 
498 C "C2'" . DA B 5  ? 3.70252 3.41256 4.33034 -0.05796 0.14920  0.17083  123 DA B "C2'" 
499 C "C1'" . DA B 5  ? 3.86044 3.58321 4.37017 -0.06749 0.08714  0.19465  123 DA B "C1'" 
500 N N9    . DA B 5  ? 4.02802 3.79343 4.42011 -0.08616 0.09975  0.21721  123 DA B N9    
501 C C8    . DA B 5  ? 4.07182 3.81871 4.41480 -0.14411 0.18756  0.22540  123 DA B C8    
502 N N7    . DA B 5  ? 4.20782 4.00843 4.44470 -0.15464 0.18179  0.23904  123 DA B N7    
503 C C5    . DA B 5  ? 4.24423 4.10780 4.46247 -0.09614 0.08023  0.23807  123 DA B C5    
504 C C6    . DA B 5  ? 4.28192 4.23320 4.41151 -0.07494 0.02444  0.23937  123 DA B C6    
505 N N6    . DA B 5  ? 4.37520 4.36775 4.41527 -0.11834 0.07048  0.24113  123 DA B N6    
506 N N1    . DA B 5  ? 4.15894 4.15842 4.29824 -0.00826 -0.07963 0.23254  123 DA B N1    
507 C C2    . DA B 5  ? 4.03630 3.99062 4.26319 0.02977  -0.12081 0.22792  123 DA B C2    
508 N N3    . DA B 5  ? 4.00488 3.88038 4.32170 0.01004  -0.07212 0.22337  123 DA B N3    
509 C C4    . DA B 5  ? 4.11160 3.94847 4.42101 -0.05232 0.02777  0.22765  123 DA B C4    
510 P P     . DC B 6  ? 3.10203 2.86740 4.05259 0.09494  0.04011  0.09108  124 DC B P     
511 O OP1   . DC B 6  ? 3.06775 2.87312 4.08220 0.16337  -0.05282 0.07563  124 DC B OP1   
512 O OP2   . DC B 6  ? 3.12334 2.84816 4.16440 0.05417  0.12585  0.05584  124 DC B OP2   
513 O "O5'" . DC B 6  ? 3.06099 2.89148 3.95489 0.15321  0.02539  0.11675  124 DC B "O5'" 
514 C "C5'" . DC B 6  ? 3.00076 2.91504 3.91730 0.25478  -0.06447 0.11873  124 DC B "C5'" 
515 C "C4'" . DC B 6  ? 2.99932 2.95091 3.79261 0.25198  -0.11931 0.15019  124 DC B "C4'" 
516 O "O4'" . DC B 6  ? 3.10957 3.03266 3.77919 0.17441  -0.05307 0.17544  124 DC B "O4'" 
517 C "C3'" . DC B 6  ? 2.94057 2.98965 3.72836 0.34734  -0.19622 0.15518  124 DC B "C3'" 
518 O "O3'" . DC B 6  ? 2.90850 3.00134 3.73291 0.40263  -0.29325 0.14612  124 DC B "O3'" 
519 C "C2'" . DC B 6  ? 2.96026 3.03507 3.60402 0.30689  -0.17527 0.18203  124 DC B "C2'" 
520 C "C1'" . DC B 6  ? 3.14544 3.13963 3.72081 0.19893  -0.10507 0.19277  124 DC B "C1'" 
521 N N1    . DC B 6  ? 3.35517 3.34409 3.82232 0.13760  -0.03224 0.20991  124 DC B N1    
522 C C2    . DC B 6  ? 3.41594 3.47399 3.77544 0.13249  -0.06266 0.21913  124 DC B C2    
523 O O2    . DC B 6  ? 3.29277 3.41467 3.64856 0.18322  -0.15242 0.21359  124 DC B O2    
524 N N3    . DC B 6  ? 3.58923 3.64725 3.85384 0.07203  0.00751  0.22815  124 DC B N3    
525 C C4    . DC B 6  ? 3.71151 3.69458 3.97987 0.02040  0.10253  0.23316  124 DC B C4    
526 N N4    . DC B 6  ? 3.85677 3.83823 4.02549 -0.04151 0.17155  0.24078  124 DC B N4    
527 C C5    . DC B 6  ? 3.61619 3.52788 3.99364 0.02978  0.13142  0.22419  124 DC B C5    
528 C C6    . DC B 6  ? 3.45413 3.37636 3.93078 0.08742  0.06309  0.21028  124 DC B C6    
529 P P     . DA B 7  ? 3.17648 3.33637 4.12651 0.51452  -0.36682 0.12075  125 DA B P     
530 O OP1   . DA B 7  ? 3.17584 3.32228 4.18610 0.52496  -0.42407 0.10300  125 DA B OP1   
531 O OP2   . DA B 7  ? 3.17224 3.31577 4.20037 0.53814  -0.31374 0.10370  125 DA B OP2   
532 O "O5'" . DA B 7  ? 3.13457 3.39289 4.01892 0.58018  -0.43510 0.13465  125 DA B "O5'" 
533 C "C5'" . DA B 7  ? 3.15623 3.43301 3.91289 0.53917  -0.39971 0.15736  125 DA B "C5'" 
534 C "C4'" . DA B 7  ? 3.13081 3.46910 3.87095 0.60277  -0.41145 0.15843  125 DA B "C4'" 
535 O "O4'" . DA B 7  ? 3.22039 3.54021 3.84361 0.53961  -0.33530 0.17614  125 DA B "O4'" 
536 C "C3'" . DA B 7  ? 3.12161 3.43613 3.96005 0.66627  -0.40074 0.14393  125 DA B "C3'" 
537 O "O3'" . DA B 7  ? 3.09541 3.47621 3.92490 0.74967  -0.45236 0.14161  125 DA B "O3'" 
538 C "C2'" . DA B 7  ? 3.18192 3.41403 3.96863 0.60212  -0.29531 0.15537  125 DA B "C2'" 
539 C "C1'" . DA B 7  ? 3.30289 3.56111 3.94346 0.54723  -0.27015 0.17771  125 DA B "C1'" 
540 N N9    . DA B 7  ? 3.56593 3.75041 4.13424 0.44993  -0.17158 0.19142  125 DA B N9    
541 C C8    . DA B 7  ? 3.66173 3.76254 4.28005 0.40168  -0.10878 0.18716  125 DA B C8    
542 N N7    . DA B 7  ? 3.89429 3.94346 4.42541 0.31447  -0.02432 0.20139  125 DA B N7    
543 C C5    . DA B 7  ? 3.95569 4.06045 4.37328 0.30364  -0.03104 0.21353  125 DA B C5    
544 C C6    . DA B 7  ? 4.15308 4.24925 4.44628 0.22416  0.03684  0.22549  125 DA B C6    
545 N N6    . DA B 7  ? 4.32745 4.34643 4.58631 0.14031  0.12619  0.23288  125 DA B N6    
546 N N1    . DA B 7  ? 4.12728 4.30338 4.33558 0.23133  0.01157  0.22404  125 DA B N1    
547 C C2    . DA B 7  ? 3.92660 4.18324 4.17084 0.31420  -0.07717 0.21409  125 DA B C2    
548 N N3    . DA B 7  ? 3.72606 3.99524 4.08214 0.39630  -0.14909 0.20646  125 DA B N3    
549 C C4    . DA B 7  ? 3.75133 3.94156 4.19102 0.38567  -0.12071 0.20603  125 DA B C4    
550 P P     . DG C 1  ? 3.66307 3.67525 4.11391 0.89947  -0.21203 0.18346  209 DG C P     
551 O OP1   . DG C 1  ? 3.98874 3.88997 4.29562 0.82800  -0.11150 0.20474  209 DG C OP1   
552 O OP2   . DG C 1  ? 3.56134 3.65009 3.98231 0.96477  -0.28685 0.18327  209 DG C OP2   
553 O "O5'" . DG C 1  ? 3.56374 3.65481 4.09666 0.82260  -0.21886 0.17894  209 DG C "O5'" 
554 C "C5'" . DG C 1  ? 3.40910 3.61595 3.95638 0.82473  -0.28796 0.17718  209 DG C "C5'" 
555 C "C4'" . DG C 1  ? 3.57203 3.80580 4.03128 0.71666  -0.24472 0.19118  209 DG C "C4'" 
556 O "O4'" . DG C 1  ? 3.71451 3.89468 4.21606 0.64512  -0.19037 0.19217  209 DG C "O4'" 
557 C "C3'" . DG C 1  ? 3.79475 3.98661 4.09022 0.65907  -0.16983 0.20788  209 DG C "C3'" 
558 O "O3'" . DG C 1  ? 3.70182 3.97507 3.92757 0.68653  -0.21369 0.20384  209 DG C "O3'" 
559 C "C2'" . DG C 1  ? 3.97808 4.17307 4.23342 0.54629  -0.11240 0.21403  209 DG C "C2'" 
560 C "C1'" . DG C 1  ? 3.93804 4.11072 4.32537 0.54431  -0.12575 0.20704  209 DG C "C1'" 
561 N N9    . DG C 1  ? 4.14551 4.21606 4.52556 0.47862  -0.03458 0.21345  209 DG C N9    
562 C C8    . DG C 1  ? 4.11907 4.12538 4.60395 0.50075  -0.01788 0.20100  209 DG C C8    
563 N N7    . DG C 1  ? 4.32063 4.24636 4.77337 0.42709  0.07048  0.20640  209 DG C N7    
564 C C5    . DG C 1  ? 4.49833 4.43301 4.81470 0.35035  0.11560  0.22557  209 DG C C5    
565 C C6    . DG C 1  ? 4.71067 4.58258 4.93807 0.25113  0.21261  0.23713  209 DG C C6    
566 O O6    . DG C 1  ? 4.78903 4.57908 5.03964 0.21093  0.27948  0.23505  209 DG C O6    
567 N N1    . DG C 1  ? 4.78649 4.70717 4.89109 0.19599  0.22961  0.24611  209 DG C N1    
568 C C2    . DG C 1  ? 4.66212 4.68372 4.73646 0.23232  0.16148  0.24120  209 DG C C2    
569 N N2    . DG C 1  ? 4.69847 4.76911 4.65819 0.16661  0.19232  0.23959  209 DG C N2    
570 N N3    . DG C 1  ? 4.46472 4.54275 4.61970 0.32561  0.07010  0.23263  209 DG C N3    
571 C C4    . DG C 1  ? 4.38545 4.41315 4.65803 0.38029  0.05223  0.22694  209 DG C C4    
572 P P     . DG C 2  ? 3.31696 3.52801 3.40018 0.70243  -0.17254 0.21270  210 DG C P     
573 O OP1   . DG C 2  ? 3.28134 3.59334 3.35606 0.76321  -0.24963 0.19947  210 DG C OP1   
574 O OP2   . DG C 2  ? 3.39297 3.46813 3.48543 0.74653  -0.13763 0.22193  210 DG C OP2   
575 O "O5'" . DG C 2  ? 3.40780 3.59977 3.34697 0.58112  -0.07627 0.21929  210 DG C "O5'" 
576 C "C5'" . DG C 2  ? 3.38115 3.69403 3.30321 0.51615  -0.08802 0.20411  210 DG C "C5'" 
577 C "C4'" . DG C 2  ? 3.63480 3.91560 3.41559 0.40570  0.01423  0.20476  210 DG C "C4'" 
578 O "O4'" . DG C 2  ? 3.74093 3.97454 3.54901 0.33522  0.06767  0.21414  210 DG C "O4'" 
579 C "C3'" . DG C 2  ? 3.79065 3.94113 3.43875 0.39819  0.09120  0.21882  210 DG C "C3'" 
580 O "O3'" . DG C 2  ? 3.68928 3.89942 3.22280 0.37767  0.09867  0.20093  210 DG C "O3'" 
581 C "C2'" . DG C 2  ? 3.92380 3.97974 3.50969 0.30003  0.19725  0.23057  210 DG C "C2'" 
582 C "C1'" . DG C 2  ? 3.92953 4.02472 3.65106 0.28932  0.16772  0.23117  210 DG C "C1'" 
583 N N9    . DG C 2  ? 4.00789 4.00492 3.82695 0.34108  0.16390  0.24510  210 DG C N9    
584 C C8    . DG C 2  ? 3.83755 3.83931 3.76978 0.44730  0.08522  0.24225  210 DG C C8    
585 N N7    . DG C 2  ? 3.87944 3.79861 3.89266 0.46925  0.10219  0.24496  210 DG C N7    
586 C C5    . DG C 2  ? 4.12861 3.97939 4.07673 0.37137  0.19776  0.25390  210 DG C C5    
587 C C6    . DG C 2  ? 4.28087 4.03508 4.27215 0.34449  0.25685  0.25569  210 DG C C6    
588 O O6    . DG C 2  ? 4.21333 3.92806 4.31603 0.40341  0.23597  0.24486  210 DG C O6    
589 N N1    . DG C 2  ? 4.44971 4.16117 4.34520 0.23597  0.34947  0.26471  210 DG C N1    
590 C C2    . DG C 2  ? 4.41058 4.17163 4.18694 0.16235  0.38148  0.26728  210 DG C C2    
591 N N2    . DG C 2  ? 4.41762 4.12945 4.11751 0.06125  0.47400  0.27191  210 DG C N2    
592 N N3    . DG C 2  ? 4.27120 4.13070 4.01026 0.18541  0.32756  0.25963  210 DG C N3    
593 C C4    . DG C 2  ? 4.17464 4.07119 4.00267 0.29143  0.23659  0.25523  210 DG C C4    
594 P P     . DC C 3  ? 4.06742 4.14535 3.44288 0.38975  0.15545  0.21265  211 DC C P     
595 O OP1   . DC C 3  ? 3.96075 4.12483 3.32807 0.45501  0.08329  0.19568  211 DC C OP1   
596 O OP2   . DC C 3  ? 4.29085 4.19715 3.67341 0.43396  0.18416  0.24215  211 DC C OP2   
597 O "O5'" . DC C 3  ? 3.97937 4.04278 3.19777 0.25822  0.26664  0.19954  211 DC C "O5'" 
598 C "C5'" . DC C 3  ? 4.16065 4.04235 3.23225 0.21378  0.36972  0.21985  211 DC C "C5'" 
599 C "C4'" . DC C 3  ? 4.10079 3.97291 3.13354 0.09362  0.46185  0.21465  211 DC C "C4'" 
600 O "O4'" . DC C 3  ? 4.16658 4.04832 3.34484 0.10712  0.43564  0.22776  211 DC C "O4'" 
601 C "C3'" . DC C 3  ? 4.27096 3.95654 3.13184 0.02824  0.58133  0.23065  211 DC C "C3'" 
602 O "O3'" . DC C 3  ? 4.17444 3.92043 2.91398 -0.08855 0.65717  0.19873  211 DC C "O3'" 
603 C "C2'" . DC C 3  ? 4.41661 4.01486 3.34697 0.01165  0.61753  0.25279  211 DC C "C2'" 
604 C "C1'" . DC C 3  ? 4.33529 4.07928 3.46112 0.04764  0.52887  0.24585  211 DC C "C1'" 
605 N N1    . DC C 3  ? 4.56657 4.23540 3.81941 0.12626  0.49048  0.26746  211 DC C N1    
606 C C2    . DC C 3  ? 4.66195 4.27526 3.96253 0.07597  0.54245  0.27583  211 DC C C2    
607 O O2    . DC C 3  ? 4.55790 4.17458 3.78806 -0.03068 0.62025  0.27001  211 DC C O2    
608 N N3    . DC C 3  ? 4.82315 4.38507 4.24845 0.14450  0.50758  0.28481  211 DC C N3    
609 C C4    . DC C 3  ? 4.86124 4.42972 4.36447 0.25960  0.42319  0.28454  211 DC C C4    
610 N N4    . DC C 3  ? 4.92105 4.45067 4.55374 0.32082  0.39376  0.28322  211 DC C N4    
611 C C5    . DC C 3  ? 4.75459 4.37681 4.20957 0.31510  0.36641  0.27998  211 DC C C5    
612 C C6    . DC C 3  ? 4.62824 4.29720 3.95768 0.24478  0.40340  0.27214  211 DC C C6    
613 P P     . DT C 4  ? 4.71693 4.30586 3.26925 -0.19880 0.79885  0.20212  212 DT C P     
614 O OP1   . DT C 4  ? 4.62280 4.29190 3.23014 -0.29225 0.84248  0.18627  212 DT C OP1   
615 O OP2   . DT C 4  ? 4.81614 4.39636 3.20226 -0.24074 0.84196  0.17752  212 DT C OP2   
616 O "O5'" . DT C 4  ? 5.03954 4.38733 3.54323 -0.13059 0.82193  0.24931  212 DT C "O5'" 
617 C "C5'" . DT C 4  ? 5.24127 4.39356 3.56744 -0.20033 0.93950  0.26247  212 DT C "C5'" 
618 C "C4'" . DT C 4  ? 5.17860 4.35832 3.53149 -0.30818 1.01434  0.25325  212 DT C "C4'" 
619 O "O4'" . DT C 4  ? 5.07901 4.34586 3.63441 -0.26156 0.94594  0.26184  212 DT C "O4'" 
620 C "C3'" . DT C 4  ? 5.35783 4.31752 3.57409 -0.35773 1.12294  0.27448  212 DT C "C3'" 
621 O "O3'" . DT C 4  ? 5.36392 4.37589 3.55147 -0.48977 1.21075  0.25183  212 DT C "O3'" 
622 C "C2'" . DT C 4  ? 5.39092 4.27600 3.74131 -0.26096 1.07167  0.30414  212 DT C "C2'" 
623 C "C1'" . DT C 4  ? 5.20707 4.30937 3.77316 -0.23642 0.98027  0.29023  212 DT C "C1'" 
624 N N1    . DT C 4  ? 5.29500 4.39555 4.00787 -0.10306 0.87816  0.30618  212 DT C N1    
625 C C2    . DT C 4  ? 5.33057 4.40818 4.17550 -0.07966 0.86804  0.31464  212 DT C C2    
626 O O2    . DT C 4  ? 5.19318 4.24911 4.04003 -0.16177 0.93708  0.31344  212 DT C O2    
627 N N3    . DT C 4  ? 5.49811 4.58543 4.47623 0.04121  0.77509  0.31959  212 DT C N3    
628 C C4    . DT C 4  ? 5.60857 4.72284 4.59826 0.14226  0.69092  0.31984  212 DT C C4    
629 O O4    . DT C 4  ? 5.70974 4.83793 4.82771 0.24675  0.61105  0.31921  212 DT C O4    
630 C C5    . DT C 4  ? 5.54065 4.67112 4.38226 0.11268  0.70606  0.31536  212 DT C C5    
631 C C7    . DT C 4  ? 5.58970 4.74874 4.42560 0.21307  0.62144  0.31447  212 DT C C7    
632 C C6    . DT C 4  ? 5.39739 4.51997 4.10943 -0.00867 0.79955  0.30729  212 DT C C6    
633 P P     . DG C 5  ? 5.49770 4.30422 3.49840 -0.58333 1.34888  0.25971  213 DG C P     
634 O OP1   . DG C 5  ? 5.41488 4.26622 3.50593 -0.65181 1.38967  0.25527  213 DG C OP1   
635 O OP2   . DG C 5  ? 5.58587 4.38411 3.40192 -0.67032 1.42043  0.23061  213 DG C OP2   
636 O "O5'" . DG C 5  ? 5.59920 4.16178 3.53496 -0.47299 1.33598  0.30307  213 DG C "O5'" 
637 C "C5'" . DG C 5  ? 5.69501 4.03929 3.51282 -0.50483 1.42747  0.32202  213 DG C "C5'" 
638 C "C4'" . DG C 5  ? 5.56405 3.92799 3.55006 -0.48624 1.41299  0.33109  213 DG C "C4'" 
639 O "O4'" . DG C 5  ? 5.43469 3.90574 3.61809 -0.36666 1.28970  0.33757  213 DG C "O4'" 
640 C "C3'" . DG C 5  ? 5.64204 3.76788 3.54651 -0.46080 1.46920  0.35359  213 DG C "C3'" 
641 O "O3'" . DG C 5  ? 5.54372 3.71861 3.57551 -0.50679 1.49635  0.34828  213 DG C "O3'" 
642 C "C2'" . DG C 5  ? 5.64785 3.70779 3.61435 -0.29884 1.36704  0.37180  213 DG C "C2'" 
643 C "C1'" . DG C 5  ? 5.48839 3.79554 3.68764 -0.26116 1.26470  0.35872  213 DG C "C1'" 
644 N N9    . DG C 5  ? 5.64556 3.98265 3.90561 -0.12964 1.15464  0.36451  213 DG C N9    
645 C C8    . DG C 5  ? 5.75944 4.11523 3.92342 -0.10388 1.12233  0.36407  213 DG C C8    
646 N N7    . DG C 5  ? 5.90623 4.29383 4.16160 0.02318  1.01753  0.36853  213 DG C N7    
647 C C5    . DG C 5  ? 5.94342 4.33773 4.36949 0.08364  0.97927  0.36843  213 DG C C5    
648 C C6    . DG C 5  ? 6.10852 4.54047 4.69471 0.21650  0.87500  0.36479  213 DG C C6    
649 O O6    . DG C 5  ? 6.22164 4.68710 4.82962 0.31324  0.79063  0.36460  213 DG C O6    
650 N N1    . DG C 5  ? 6.06609 4.49959 4.79866 0.22852  0.87670  0.35574  213 DG C N1    
651 C C2    . DG C 5  ? 5.86224 4.26105 4.58409 0.12686  0.96634  0.35436  213 DG C C2    
652 N N2    . DG C 5  ? 5.81268 4.22167 4.68912 0.15215  0.95634  0.34078  213 DG C N2    
653 N N3    . DG C 5  ? 5.67733 4.03887 4.24871 0.00503  1.06207  0.36081  213 DG C N3    
654 C C4    . DG C 5  ? 5.74139 4.10464 4.17198 -0.01009 1.06318  0.36606  213 DG C C4    
655 P P     . DC C 6  ? 5.97284 3.93514 3.93390 -0.51877 1.57673  0.36004  214 DC C P     
656 O OP1   . DC C 6  ? 5.83872 3.91134 3.93730 -0.59536 1.60768  0.34678  214 DC C OP1   
657 O OP2   . DC C 6  ? 6.21777 3.97790 3.91954 -0.57366 1.67261  0.36704  214 DC C OP2   
658 O "O5'" . DC C 6  ? 5.98780 3.85612 4.03389 -0.35671 1.48864  0.37387  214 DC C "O5'" 
659 C "C5'" . DC C 6  ? 5.78530 3.80974 4.07177 -0.28693 1.39553  0.36500  214 DC C "C5'" 
660 C "C4'" . DC C 6  ? 5.84241 3.75028 4.18118 -0.14154 1.33214  0.36776  214 DC C "C4'" 
661 O "O4'" . DC C 6  ? 6.01242 3.98005 4.38982 -0.03359 1.22851  0.37082  214 DC C "O4'" 
662 C "C3'" . DC C 6  ? 6.10040 3.73865 4.23830 -0.11034 1.39179  0.37961  214 DC C "C3'" 
663 O "O3'" . DC C 6  ? 6.11256 3.67934 4.35296 -0.04020 1.37865  0.36603  214 DC C "O3'" 
664 C "C2'" . DC C 6  ? 6.24798 3.80543 4.27141 -0.00680 1.32824  0.39333  214 DC C "C2'" 
665 C "C1'" . DC C 6  ? 6.25046 4.01706 4.50573 0.07429  1.21079  0.38040  214 DC C "C1'" 
666 N N1    . DC C 6  ? 6.50107 4.29506 4.70777 0.15145  1.13448  0.38883  214 DC C N1    
667 C C2    . DC C 6  ? 6.72765 4.58193 5.08322 0.29025  1.02128  0.37856  214 DC C C2    
668 O O2    . DC C 6  ? 6.72911 4.61508 5.25310 0.34026  0.99141  0.35909  214 DC C O2    
669 N N3    . DC C 6  ? 6.89555 4.77642 5.20873 0.36211  0.95059  0.38535  214 DC C N3    
670 C C4    . DC C 6  ? 6.87521 4.72506 5.00465 0.29625  0.99231  0.40014  214 DC C C4    
671 N N4    . DC C 6  ? 7.00207 4.88076 5.09455 0.36879  0.92150  0.40421  214 DC C N4    
672 C C5    . DC C 6  ? 6.66609 4.45790 4.64293 0.14983  1.11144  0.40606  214 DC C C5    
673 C C6    . DC C 6  ? 6.48177 4.24686 4.50357 0.08377  1.17772  0.40098  214 DC C C6    
674 O "O5'" . DC D 1  ? 8.23160 3.81861 4.42070 -2.08309 0.95633  0.43087  202 DC D "O5'" 
675 C "C5'" . DC D 1  ? 8.06083 3.73198 4.42232 -2.03684 0.91939  0.43887  202 DC D "C5'" 
676 C "C4'" . DC D 1  ? 8.26474 3.71675 4.48928 -2.02939 0.87512  0.44726  202 DC D "C4'" 
677 O "O4'" . DC D 1  ? 8.56595 3.73897 4.41866 -1.99780 0.77823  0.49939  202 DC D "O4'" 
678 C "C3'" . DC D 1  ? 8.12468 3.62259 4.48862 -1.97450 0.81841  0.45941  202 DC D "C3'" 
679 O "O3'" . DC D 1  ? 8.29812 3.62637 4.59123 -1.98743 0.81180  0.44529  202 DC D "O3'" 
680 C "C2'" . DC D 1  ? 8.20217 3.58662 4.34499 -1.90069 0.69317  0.52755  202 DC D "C2'" 
681 C "C1'" . DC D 1  ? 8.55150 3.66239 4.33878 -1.91371 0.66022  0.54855  202 DC D "C1'" 
682 N N1    . DC D 1  ? 8.65017 3.70262 4.20751 -1.84772 0.56311  0.59312  202 DC D N1    
683 C C2    . DC D 1  ? 8.98079 3.75185 4.18649 -1.79965 0.46456  0.62481  202 DC D C2    
684 O O2    . DC D 1  ? 9.19805 3.73329 4.27067 -1.83317 0.47066  0.62764  202 DC D O2    
685 N N3    . DC D 1  ? 9.04435 3.83556 4.08351 -1.70657 0.36106  0.64028  202 DC D N3    
686 C C4    . DC D 1  ? 8.79068 3.86948 4.00438 -1.67280 0.36282  0.62434  202 DC D C4    
687 N N4    . DC D 1  ? 8.86029 3.96452 3.91116 -1.58248 0.26047  0.63050  202 DC D N4    
688 C C5    . DC D 1  ? 8.45956 3.81320 4.02265 -1.72865 0.46962  0.59667  202 DC D C5    
689 C C6    . DC D 1  ? 8.40407 3.73124 4.12469 -1.81139 0.56413  0.58250  202 DC D C6    
690 P P     . DT D 2  ? 8.49032 3.69031 4.72647 -1.91664 0.70290  0.47709  203 DT D P     
691 O OP1   . DT D 2  ? 8.17314 3.60773 4.71861 -1.88615 0.70694  0.46330  203 DT D OP1   
692 O OP2   . DT D 2  ? 8.74307 3.69304 4.62498 -1.85440 0.57871  0.54070  203 DT D OP2   
693 O "O5'" . DT D 2  ? 8.66982 3.73025 4.87114 -1.96348 0.74547  0.43930  203 DT D "O5'" 
694 C "C5'" . DT D 2  ? 8.57619 3.67172 4.94367 -1.94459 0.73273  0.41779  203 DT D "C5'" 
695 C "C4'" . DT D 2  ? 8.75811 3.61827 4.89692 -1.86395 0.59521  0.46716  203 DT D "C4'" 
696 O "O4'" . DT D 2  ? 8.89194 3.62314 4.76229 -1.80081 0.49396  0.52859  203 DT D "O4'" 
697 C "C3'" . DT D 2  ? 8.51464 3.54353 4.88453 -1.77214 0.52200  0.46075  203 DT D "C3'" 
698 O "O3'" . DT D 2  ? 8.68175 3.53259 4.93455 -1.72599 0.44574  0.46476  203 DT D "O3'" 
699 C "C2'" . DT D 2  ? 8.34633 3.57640 4.73793 -1.63151 0.40481  0.48934  203 DT D "C2'" 
700 C "C1'" . DT D 2  ? 8.67514 3.62861 4.68233 -1.63285 0.35446  0.53323  203 DT D "C1'" 
701 N N1    . DT D 2  ? 8.57425 3.68201 4.55253 -1.56004 0.29624  0.55313  203 DT D N1    
702 C C2    . DT D 2  ? 8.82210 3.74599 4.48189 -1.50084 0.19856  0.58783  203 DT D C2    
703 O O2    . DT D 2  ? 9.13574 3.75707 4.51730 -1.50129 0.15375  0.60862  203 DT D O2    
704 N N3    . DT D 2  ? 8.69798 3.80306 4.37187 -1.43981 0.15493  0.59356  203 DT D N3    
705 C C4    . DT D 2  ? 8.36718 3.79665 4.32651 -1.43860 0.20376  0.57206  203 DT D C4    
706 O O4    . DT D 2  ? 8.28451 3.85572 4.23202 -1.38890 0.16496  0.57468  203 DT D O4    
707 C C5    . DT D 2  ? 8.13550 3.72228 4.40327 -1.49867 0.30314  0.54193  203 DT D C5    
708 C C7    . DT D 2  ? 7.79542 3.70907 4.36659 -1.49789 0.35988  0.51851  203 DT D C7    
709 C C6    . DT D 2  ? 8.24450 3.67249 4.51151 -1.55320 0.34190  0.53197  203 DT D C6    
710 P P     . DG D 3  ? 7.95324 3.02800 4.47974 -1.60957 0.36526  0.43827  204 DG D P     
711 O OP1   . DG D 3  ? 8.11078 3.00259 4.61623 -1.68357 0.41408  0.40834  204 DG D OP1   
712 O OP2   . DG D 3  ? 7.57624 3.01308 4.44618 -1.57890 0.39751  0.41186  204 DG D OP2   
713 O "O5'" . DG D 3  ? 7.99741 3.05992 4.36757 -1.43580 0.17871  0.47934  204 DG D "O5'" 
714 C "C5'" . DG D 3  ? 8.22554 3.05936 4.40670 -1.38481 0.08989  0.49094  204 DG D "C5'" 
715 C "C4'" . DG D 3  ? 8.27516 3.10708 4.29346 -1.21959 -0.08599 0.52574  204 DG D "C4'" 
716 O "O4'" . DG D 3  ? 8.28886 3.15826 4.19092 -1.20884 -0.09711 0.55024  204 DG D "O4'" 
717 C "C3'" . DG D 3  ? 7.96275 3.10533 4.23971 -1.06814 -0.19614 0.50961  204 DG D "C3'" 
718 O "O3'" . DG D 3  ? 8.11924 3.13881 4.20697 -0.93909 -0.35165 0.52804  204 DG D "O3'" 
719 C "C2'" . DG D 3  ? 7.72652 3.13950 4.12870 -1.02910 -0.19978 0.51292  204 DG D "C2'" 
720 C "C1'" . DG D 3  ? 8.01612 3.19029 4.08583 -1.06896 -0.20080 0.54633  204 DG D "C1'" 
721 N N9    . DG D 3  ? 7.87976 3.21687 4.01502 -1.10813 -0.13929 0.54800  204 DG D N9    
722 C C8    . DG D 3  ? 7.79729 3.18366 4.05602 -1.24508 0.01539  0.53494  204 DG D C8    
723 N N7    . DG D 3  ? 7.68978 3.21986 3.97497 -1.24945 0.03739  0.53987  204 DG D N7    
724 C C5    . DG D 3  ? 7.69996 3.28689 3.87566 -1.10878 -0.11058 0.55337  204 DG D C5    
725 C C6    . DG D 3  ? 7.61379 3.35828 3.76677 -1.05234 -0.15615 0.55611  204 DG D C6    
726 O O6    . DG D 3  ? 7.51074 3.36971 3.73218 -1.11864 -0.07105 0.55214  204 DG D O6    
727 N N1    . DG D 3  ? 7.65924 3.42795 3.70008 -0.90347 -0.31806 0.55819  204 DG D N1    
728 C C2    . DG D 3  ? 7.77597 3.42380 3.73221 -0.81633 -0.42527 0.56126  204 DG D C2    
729 N N2    . DG D 3  ? 7.80595 3.50687 3.66203 -0.67072 -0.58002 0.55626  204 DG D N2    
730 N N3    . DG D 3  ? 7.86121 3.35068 3.83138 -0.86910 -0.38303 0.56340  204 DG D N3    
731 C C4    . DG D 3  ? 7.81565 3.28725 3.89931 -1.01733 -0.22317 0.55772  204 DG D C4    
732 P P     . DA D 4  ? 7.73205 2.97802 4.03601 -0.79228 -0.47015 0.50732  205 DA D P     
733 O OP1   . DA D 4  ? 7.93876 2.94834 4.13390 -0.79781 -0.49519 0.50317  205 DA D OP1   
734 O OP2   . DA D 4  ? 7.34793 2.94830 4.02395 -0.79718 -0.40822 0.47756  205 DA D OP2   
735 O "O5'" . DA D 4  ? 7.75263 3.05985 3.91464 -0.63447 -0.63437 0.52513  205 DA D "O5'" 
736 C "C5'" . DA D 4  ? 7.73910 3.11607 3.82376 -0.63603 -0.62980 0.53797  205 DA D "C5'" 
737 C "C4'" . DA D 4  ? 7.42986 3.16507 3.72244 -0.51294 -0.71362 0.51889  205 DA D "C4'" 
738 O "O4'" . DA D 4  ? 7.31176 3.19168 3.65800 -0.56873 -0.63869 0.51990  205 DA D "O4'" 
739 C "C3'" . DA D 4  ? 7.09918 3.11557 3.74290 -0.47909 -0.70144 0.48992  205 DA D "C3'" 
740 O "O3'" . DA D 4  ? 6.91458 3.17768 3.65678 -0.33274 -0.82743 0.47356  205 DA D "O3'" 
741 C "C2'" . DA D 4  ? 6.90385 3.07817 3.74471 -0.59238 -0.55286 0.48225  205 DA D "C2'" 
742 C "C1'" . DA D 4  ? 6.96148 3.15416 3.64808 -0.57903 -0.57606 0.49616  205 DA D "C1'" 
743 N N9    . DA D 4  ? 6.89444 3.13534 3.64392 -0.70170 -0.43651 0.49865  205 DA D N9    
744 C C8    . DA D 4  ? 6.90797 3.06598 3.73056 -0.84199 -0.29025 0.49577  205 DA D C8    
745 N N7    . DA D 4  ? 6.83338 3.06981 3.70407 -0.92548 -0.18959 0.49592  205 DA D N7    
746 C C5    . DA D 4  ? 6.76601 3.14591 3.59188 -0.83640 -0.27363 0.49968  205 DA D C5    
747 C C6    . DA D 4  ? 6.67472 3.19066 3.51660 -0.86224 -0.23184 0.49882  205 DA D C6    
748 N N6    . DA D 4  ? 6.63378 3.15754 3.54149 -0.98777 -0.09071 0.49824  205 DA D N6    
749 N N1    . DA D 4  ? 6.62905 3.27848 3.41919 -0.75430 -0.34059 0.49274  205 DA D N1    
750 C C2    . DA D 4  ? 6.67051 3.31922 3.39942 -0.62661 -0.48313 0.48727  205 DA D C2    
751 N N3    . DA D 4  ? 6.75550 3.27984 3.46093 -0.58610 -0.53837 0.49083  205 DA D N3    
752 C C4    . DA D 4  ? 6.80070 3.19095 3.55598 -0.69843 -0.42569 0.49823  205 DA D C4    
753 P P     . DT D 5  ? 7.25477 3.47825 3.92607 -0.18761 -0.98986 0.46474  206 DT D P     
754 O OP1   . DT D 5  ? 7.63062 3.47236 3.98841 -0.21182 -1.01662 0.48875  206 DT D OP1   
755 O OP2   . DT D 5  ? 6.98610 3.42944 3.95582 -0.15033 -0.98980 0.43986  206 DT D OP2   
756 O "O5'" . DT D 5  ? 7.18994 3.59414 3.81216 -0.06104 -1.11334 0.45033  206 DT D "O5'" 
757 C "C5'" . DT D 5  ? 7.34588 3.66205 3.75825 -0.08428 -1.11075 0.46238  206 DT D "C5'" 
758 C "C4'" . DT D 5  ? 7.12219 3.76155 3.68118 -0.03682 -1.12789 0.43555  206 DT D "C4'" 
759 O "O4'" . DT D 5  ? 7.20220 3.93128 3.88801 -0.16346 -0.97623 0.44370  206 DT D "O4'" 
760 C "C3'" . DT D 5  ? 6.80585 3.76112 3.62586 0.06635  -1.19546 0.40030  206 DT D "C3'" 
761 O "O3'" . DT D 5  ? 6.79020 3.89200 3.54667 0.18176  -1.31650 0.36868  206 DT D "O3'" 
762 C "C2'" . DT D 5  ? 6.62530 3.80446 3.72208 -0.02379 -1.05825 0.39668  206 DT D "C2'" 
763 C "C1'" . DT D 5  ? 6.92338 3.99341 3.88621 -0.13266 -0.96107 0.41630  206 DT D "C1'" 
764 N N1    . DT D 5  ? 6.87320 3.99968 4.01380 -0.26459 -0.79699 0.42622  206 DT D N1    
765 C C2    . DT D 5  ? 6.91842 4.10510 4.04859 -0.33885 -0.71332 0.42887  206 DT D C2    
766 O O2    . DT D 5  ? 7.09856 4.30860 4.09010 -0.30326 -0.76516 0.42160  206 DT D O2    
767 N N3    . DT D 5  ? 6.69491 3.92053 3.98748 -0.45403 -0.56779 0.43493  206 DT D N3    
768 C C4    . DT D 5  ? 6.46886 3.68496 3.93154 -0.49976 -0.50037 0.43396  206 DT D C4    
769 O O4    . DT D 5  ? 6.27193 3.53208 3.87506 -0.59823 -0.37324 0.43226  206 DT D O4    
770 C C5    . DT D 5  ? 6.46715 3.62266 3.93304 -0.42053 -0.59210 0.42954  206 DT D C5    
771 C C7    . DT D 5  ? 6.23499 3.38608 3.88384 -0.45953 -0.53178 0.42049  206 DT D C7    
772 C C6    . DT D 5  ? 6.66214 3.77098 3.96584 -0.30953 -0.73324 0.42828  206 DT D C6    
773 P P     . DG D 6  ? 6.29314 3.68780 3.24118 0.31615  -1.42732 0.32357  207 DG D P     
774 O OP1   . DG D 6  ? 6.48891 3.79789 3.22750 0.44751  -1.59228 0.30130  207 DG D OP1   
775 O OP2   . DG D 6  ? 6.11670 3.58134 3.29383 0.29618  -1.37920 0.32931  207 DG D OP2   
776 O "O5'" . DG D 6  ? 6.05770 3.75866 3.15764 0.30194  -1.38222 0.29360  207 DG D "O5'" 
777 C "C5'" . DG D 6  ? 6.15591 3.80631 3.12025 0.23646  -1.32855 0.29983  207 DG D "C5'" 
778 C "C4'" . DG D 6  ? 5.91637 3.77174 3.08765 0.14042  -1.19252 0.29841  207 DG D "C4'" 
779 O "O4'" . DG D 6  ? 5.88668 3.62848 3.15247 0.02628  -1.06202 0.33712  207 DG D "O4'" 
780 C "C3'" . DG D 6  ? 5.61771 3.80980 3.04267 0.19820  -1.21082 0.25827  207 DG D "C3'" 
781 O "O3'" . DG D 6  ? 5.54485 3.93061 2.96833 0.21042  -1.21817 0.21997  207 DG D "O3'" 
782 C "C2'" . DG D 6  ? 5.43288 3.67828 3.07797 0.10082  -1.07176 0.28320  207 DG D "C2'" 
783 C "C1'" . DG D 6  ? 5.61707 3.59942 3.12686 -0.01888 -0.97013 0.32593  207 DG D "C1'" 
784 N N9    . DG D 6  ? 5.53949 3.46592 3.19952 -0.10313 -0.86054 0.35029  207 DG D N9    
785 C C8    . DG D 6  ? 5.51298 3.39344 3.26559 -0.07473 -0.88302 0.35449  207 DG D C8    
786 N N7    . DG D 6  ? 5.43260 3.29268 3.32768 -0.16518 -0.76584 0.36685  207 DG D N7    
787 C C5    . DG D 6  ? 5.40328 3.29473 3.29926 -0.25793 -0.65977 0.37364  207 DG D C5    
788 C C6    . DG D 6  ? 5.32463 3.21652 3.34408 -0.37352 -0.51378 0.38215  207 DG D C6    
789 O O6    . DG D 6  ? 5.26322 3.13244 3.42348 -0.41789 -0.44722 0.38162  207 DG D O6    
790 N N1    . DG D 6  ? 5.32506 3.25247 3.29290 -0.43804 -0.44531 0.38557  207 DG D N1    
791 C C2    . DG D 6  ? 5.38989 3.35500 3.21064 -0.39781 -0.50826 0.37859  207 DG D C2    
792 N N2    . DG D 6  ? 5.37772 3.37920 3.17340 -0.47359 -0.42459 0.37993  207 DG D N2    
793 N N3    . DG D 6  ? 5.46264 3.43632 3.17195 -0.28806 -0.64577 0.36534  207 DG D N3    
794 C C4    . DG D 6  ? 5.46584 3.39862 3.21886 -0.22267 -0.71517 0.36494  207 DG D C4    
795 P P     . DT D 7  ? 5.46388 4.12261 2.96293 0.33773  -1.34073 0.15380  208 DT D P     
796 O OP1   . DT D 7  ? 5.67126 4.26102 2.94125 0.41217  -1.45511 0.12297  208 DT D OP1   
797 O OP2   . DT D 7  ? 5.35054 4.07112 2.99428 0.40550  -1.39327 0.15095  208 DT D OP2   
798 O "O5'" . DT D 7  ? 5.23190 4.16154 2.90505 0.27812  -1.24413 0.12634  208 DT D "O5'" 
799 C "C5'" . DT D 7  ? 5.10138 4.11212 2.98353 0.20195  -1.12402 0.15100  208 DT D "C5'" 
800 C "C4'" . DT D 7  ? 5.36367 4.25127 3.21604 0.06767  -0.98135 0.19121  208 DT D "C4'" 
801 O "O4'" . DT D 7  ? 5.47832 4.20209 3.38954 0.01048  -0.91204 0.23896  208 DT D "O4'" 
802 C "C3'" . DT D 7  ? 5.28213 4.37136 3.28033 -0.00274 -0.87177 0.17601  208 DT D "C3'" 
803 O "O3'" . DT D 7  ? 5.36496 4.47690 3.23624 -0.03403 -0.85953 0.15378  208 DT D "O3'" 
804 C "C2'" . DT D 7  ? 5.42454 4.40476 3.52082 -0.11049 -0.73397 0.22479  208 DT D "C2'" 
805 C "C1'" . DT D 7  ? 5.60357 4.32420 3.59179 -0.10799 -0.76559 0.26120  208 DT D "C1'" 
806 N N1    . DT D 7  ? 5.58719 4.26190 3.73343 -0.14452 -0.69862 0.28755  208 DT D N1    
807 C C2    . DT D 7  ? 5.69643 4.35243 3.93802 -0.25322 -0.55843 0.30746  208 DT D C2    
808 O O2    . DT D 7  ? 5.78874 4.45913 3.99194 -0.32605 -0.48115 0.30874  208 DT D O2    
809 N N3    . DT D 7  ? 5.61870 4.24396 4.00707 -0.27057 -0.51383 0.32072  208 DT D N3    
810 C C4    . DT D 7  ? 5.47313 4.08381 3.92056 -0.19586 -0.59067 0.31789  208 DT D C4    
811 O O4    . DT D 7  ? 5.33314 3.92399 3.91744 -0.21800 -0.54254 0.32426  208 DT D O4    
812 C C5    . DT D 7  ? 5.38670 4.01026 3.72478 -0.08758 -0.73339 0.30141  208 DT D C5    
813 C C7    . DT D 7  ? 5.18617 3.79361 3.57476 -0.00036 -0.82601 0.29596  208 DT D C7    
814 C C6    . DT D 7  ? 5.43777 4.09302 3.63277 -0.06546 -0.78124 0.28606  208 DT D C6    
# 
loop_
_pdbx_poly_seq_scheme.asym_id 
_pdbx_poly_seq_scheme.entity_id 
_pdbx_poly_seq_scheme.seq_id 
_pdbx_poly_seq_scheme.mon_id 
_pdbx_poly_seq_scheme.ndb_seq_num 
_pdbx_poly_seq_scheme.pdb_seq_num 
_pdbx_poly_seq_scheme.auth_seq_num 
_pdbx_poly_seq_scheme.pdb_mon_id 
_pdbx_poly_seq_scheme.auth_mon_id 
_pdbx_poly_seq_scheme.pdb_strand_id 
_pdbx_poly_seq_scheme.pdb_ins_code 
_pdbx_poly_seq_scheme.hetero 
A 1 1  DG 1  102 102 DG DG A . n 
A 1 2  DG 2  103 103 DG DG A . n 
A 1 3  DC 3  104 104 DC DC A . n 
A 1 4  DA 4  105 105 DA DA A . n 
A 1 5  DG 5  106 106 DG DG A . n 
A 1 6  DC 6  107 107 DC DC A . n 
A 1 7  DC 7  108 108 DC DC A . n 
A 1 8  DT 8  109 109 DT DT A . n 
A 1 9  DG 9  110 110 DG DG A . n 
A 1 10 DT 10 111 111 DT DT A . n 
A 1 11 DA 11 112 112 DA DA A . n 
A 1 12 DC 12 113 113 DC DC A . n 
A 1 13 DG 13 114 114 DG DG A . n 
A 1 14 DG 14 115 115 DG DG A . n 
A 1 15 DA 15 116 116 DA DA A . n 
A 1 16 DC 16 117 117 DC DC A . n 
A 1 17 DA 17 118 118 DA DA A . n 
A 1 18 DT 18 119 119 DT DT A . n 
A 1 19 DC 19 120 120 DC DC A . n 
A 1 20 DA 20 121 121 DA DA A . n 
B 2 1  DC 1  119 119 DC DC B . n 
B 2 2  DC 2  120 120 DC DC B . n 
B 2 3  DG 3  121 121 DG DG B . n 
B 2 4  DT 4  122 122 DT DT B . n 
B 2 5  DA 5  123 123 DA DA B . n 
B 2 6  DC 6  124 124 DC DC B . n 
B 2 7  DA 7  125 125 DA DA B . n 
C 3 1  DG 1  209 209 DG DG C . n 
C 3 2  DG 2  210 210 DG DG C . n 
C 3 3  DC 3  211 211 DC DC C . n 
C 3 4  DT 4  212 212 DT DT C . n 
C 3 5  DG 5  213 213 DG DG C . n 
C 3 6  DC 6  214 214 DC DC C . n 
D 4 1  DC 1  202 202 DC DC D . n 
D 4 2  DT 2  203 203 DT DT D . n 
D 4 3  DG 3  204 204 DG DG D . n 
D 4 4  DA 4  205 205 DA DA D . n 
D 4 5  DT 5  206 206 DT DT D . n 
D 4 6  DG 6  207 207 DG DG D . n 
D 4 7  DT 7  208 208 DT DT D . n 
# 
_pdbx_contact_author.id                 2 
_pdbx_contact_author.email              ruojie.sha@nyu.edu 
_pdbx_contact_author.name_first         Ruojie 
_pdbx_contact_author.name_last          Sha 
_pdbx_contact_author.name_mi            ? 
_pdbx_contact_author.role               'principal investigator/group leader' 
_pdbx_contact_author.identifier_ORCID   0000-0002-0807-734X 
# 
_pdbx_struct_assembly.id                   1 
_pdbx_struct_assembly.details              author_defined_assembly 
_pdbx_struct_assembly.method_details       ? 
_pdbx_struct_assembly.oligomeric_details   dodecameric 
_pdbx_struct_assembly.oligomeric_count     12 
# 
loop_
_pdbx_struct_assembly_gen.assembly_id 
_pdbx_struct_assembly_gen.oper_expression 
_pdbx_struct_assembly_gen.asym_id_list 
1 1 A,B,C,D 
1 2 A,B,C,D 
1 3 A,B,C,D 
# 
loop_
_pdbx_struct_oper_list.id 
_pdbx_struct_oper_list.type 
_pdbx_struct_oper_list.name 
_pdbx_struct_oper_list.symmetry_operation 
_pdbx_struct_oper_list.matrix[1][1] 
_pdbx_struct_oper_list.matrix[1][2] 
_pdbx_struct_oper_list.matrix[1][3] 
_pdbx_struct_oper_list.vector[1] 
_pdbx_struct_oper_list.matrix[2][1] 
_pdbx_struct_oper_list.matrix[2][2] 
_pdbx_struct_oper_list.matrix[2][3] 
_pdbx_struct_oper_list.vector[2] 
_pdbx_struct_oper_list.matrix[3][1] 
_pdbx_struct_oper_list.matrix[3][2] 
_pdbx_struct_oper_list.matrix[3][3] 
_pdbx_struct_oper_list.vector[3] 
1 'identity operation'         1_555 x,y,z       1.0000000000 0.0000000000 0.0000000000  0.0000000000   0.0000000000 1.0000000000  0.0000000000  0.0000000000  0.0000000000  0.0000000000  1.0000000000  0.0000000000  
2 'crystal symmetry operation' 2_565 -y,x-y+1,z  0.5689511209 0.2938057158 -0.7680968841 2.7385816502   0.8223577436 -0.2086347439 0.5293385355  11.3456551319 -0.0047290094 -0.9328181736 -0.3603163770 23.9619630855 
3 'crystal symmetry operation' 3_455 -x+y-1,-x,z 0.5689511209 0.8223577436 -0.0047290094 -10.7749901046 0.2938057158 -0.2086347439 -0.9328181736 23.9146415518 -0.7680968841 0.5293385355  -0.3603163770 4.7316912862 
# 
loop_
_pdbx_audit_revision_history.ordinal 
_pdbx_audit_revision_history.data_content_type 
_pdbx_audit_revision_history.major_revision 
_pdbx_audit_revision_history.minor_revision 
_pdbx_audit_revision_history.revision_date 
1 'Structure model' 1 0 2023-01-18 
2 'Structure model' 1 1 2023-02-08 
3 'Structure model' 1 2 2023-10-25 
# 
_pdbx_audit_revision_details.ordinal             1 
_pdbx_audit_revision_details.revision_ordinal    1 
_pdbx_audit_revision_details.data_content_type   'Structure model' 
_pdbx_audit_revision_details.provider            repository 
_pdbx_audit_revision_details.type                'Initial release' 
_pdbx_audit_revision_details.description         ? 
_pdbx_audit_revision_details.details             ? 
# 
loop_
_pdbx_audit_revision_group.ordinal 
_pdbx_audit_revision_group.revision_ordinal 
_pdbx_audit_revision_group.data_content_type 
_pdbx_audit_revision_group.group 
1 2 'Structure model' 'Database references'    
2 3 'Structure model' 'Data collection'        
3 3 'Structure model' 'Refinement description' 
# 
loop_
_pdbx_audit_revision_category.ordinal 
_pdbx_audit_revision_category.revision_ordinal 
_pdbx_audit_revision_category.data_content_type 
_pdbx_audit_revision_category.category 
1 2 'Structure model' citation                      
2 3 'Structure model' chem_comp_atom                
3 3 'Structure model' chem_comp_bond                
4 3 'Structure model' pdbx_initial_refinement_model 
# 
loop_
_pdbx_audit_revision_item.ordinal 
_pdbx_audit_revision_item.revision_ordinal 
_pdbx_audit_revision_item.data_content_type 
_pdbx_audit_revision_item.item 
1 2 'Structure model' '_citation.journal_volume' 
2 2 'Structure model' '_citation.year'           
# 
loop_
_space_group_symop.id 
_space_group_symop.operation_xyz 
1 x,y,z        
2 x-y,x,z+1/2  
3 y,-x+y,z+1/2 
4 -y,x-y,z     
5 -x+y,-x,z    
6 -x,-y,z+1/2  
# 
_pdbx_refine_tls.id               1 
_pdbx_refine_tls.pdbx_refine_id   'X-RAY DIFFRACTION' 
_pdbx_refine_tls.details          ? 
_pdbx_refine_tls.method           refined 
_pdbx_refine_tls.origin_x         -0.0259925061 
_pdbx_refine_tls.origin_y         0.0242722286 
_pdbx_refine_tls.origin_z         0.024052443 
_pdbx_refine_tls.T[1][1]          3.30683190746 
_pdbx_refine_tls.T[1][1]_esd      ? 
_pdbx_refine_tls.T[1][2]          -0.271337098074 
_pdbx_refine_tls.T[1][2]_esd      ? 
_pdbx_refine_tls.T[1][3]          0.079019290599 
_pdbx_refine_tls.T[1][3]_esd      ? 
_pdbx_refine_tls.T[2][2]          3.06870229033 
_pdbx_refine_tls.T[2][2]_esd      ? 
_pdbx_refine_tls.T[2][3]          0.258692440375 
_pdbx_refine_tls.T[2][3]_esd      ? 
_pdbx_refine_tls.T[3][3]          3.18310162304 
_pdbx_refine_tls.T[3][3]_esd      ? 
_pdbx_refine_tls.L[1][1]          1.84233049699 
_pdbx_refine_tls.L[1][1]_esd      ? 
_pdbx_refine_tls.L[1][2]          0.0444174944 
_pdbx_refine_tls.L[1][2]_esd      ? 
_pdbx_refine_tls.L[1][3]          -0.369673300288 
_pdbx_refine_tls.L[1][3]_esd      ? 
_pdbx_refine_tls.L[2][2]          4.90542094156 
_pdbx_refine_tls.L[2][2]_esd      ? 
_pdbx_refine_tls.L[2][3]          6.367567365156 
_pdbx_refine_tls.L[2][3]_esd      ? 
_pdbx_refine_tls.L[3][3]          8.35785440586 
_pdbx_refine_tls.L[3][3]_esd      ? 
_pdbx_refine_tls.S[1][1]          -1.782978442438 
_pdbx_refine_tls.S[1][1]_esd      ? 
_pdbx_refine_tls.S[1][2]          0.29276401489 
_pdbx_refine_tls.S[1][2]_esd      ? 
_pdbx_refine_tls.S[1][3]          0.132069611878 
_pdbx_refine_tls.S[1][3]_esd      ? 
_pdbx_refine_tls.S[2][1]          -1.520867202401 
_pdbx_refine_tls.S[2][1]_esd      ? 
_pdbx_refine_tls.S[2][2]          1.300396783899 
_pdbx_refine_tls.S[2][2]_esd      ? 
_pdbx_refine_tls.S[2][3]          -2.15348390581 
_pdbx_refine_tls.S[2][3]_esd      ? 
_pdbx_refine_tls.S[3][1]          -0.77139672724 
_pdbx_refine_tls.S[3][1]_esd      ? 
_pdbx_refine_tls.S[3][2]          -1.88744858329 
_pdbx_refine_tls.S[3][2]_esd      ? 
_pdbx_refine_tls.S[3][3]          1.366310451428 
_pdbx_refine_tls.S[3][3]_esd      ? 
# 
_pdbx_refine_tls_group.id                  1 
_pdbx_refine_tls_group.pdbx_refine_id      'X-RAY DIFFRACTION' 
_pdbx_refine_tls_group.refine_tls_id       1 
_pdbx_refine_tls_group.beg_label_asym_id   A 
_pdbx_refine_tls_group.beg_label_seq_id    ? 
_pdbx_refine_tls_group.beg_auth_asym_id    A 
_pdbx_refine_tls_group.beg_auth_seq_id     102 
_pdbx_refine_tls_group.beg_PDB_ins_code    ? 
_pdbx_refine_tls_group.end_label_asym_id   D 
_pdbx_refine_tls_group.end_label_seq_id    ? 
_pdbx_refine_tls_group.end_auth_asym_id    D 
_pdbx_refine_tls_group.end_auth_seq_id     208 
_pdbx_refine_tls_group.end_PDB_ins_code    ? 
_pdbx_refine_tls_group.selection           ? 
_pdbx_refine_tls_group.selection_details   all 
# 
loop_
_software.citation_id 
_software.classification 
_software.compiler_name 
_software.compiler_version 
_software.contact_author 
_software.contact_author_email 
_software.date 
_software.description 
_software.dependencies 
_software.hardware 
_software.language 
_software.location 
_software.mods 
_software.name 
_software.os 
_software.os_version 
_software.type 
_software.version 
_software.pdbx_ordinal 
? refinement       ? ? ? ? ? ? ? ? ? ? ? PHENIX    ? ? ? 1.19.2_4158 1 
? 'data reduction' ? ? ? ? ? ? ? ? ? ? ? autoPROC  ? ? ? .           2 
? 'data scaling'   ? ? ? ? ? ? ? ? ? ? ? STARANISO ? ? ? .           3 
? phasing          ? ? ? ? ? ? ? ? ? ? ? PHASER    ? ? ? .           4 
# 
_pdbx_validate_symm_contact.id                1 
_pdbx_validate_symm_contact.PDB_model_num     1 
_pdbx_validate_symm_contact.auth_atom_id_1    N2 
_pdbx_validate_symm_contact.auth_asym_id_1    A 
_pdbx_validate_symm_contact.auth_comp_id_1    DG 
_pdbx_validate_symm_contact.auth_seq_id_1     102 
_pdbx_validate_symm_contact.PDB_ins_code_1    ? 
_pdbx_validate_symm_contact.label_alt_id_1    ? 
_pdbx_validate_symm_contact.site_symmetry_1   1_555 
_pdbx_validate_symm_contact.auth_atom_id_2    O2 
_pdbx_validate_symm_contact.auth_asym_id_2    D 
_pdbx_validate_symm_contact.auth_comp_id_2    DC 
_pdbx_validate_symm_contact.auth_seq_id_2     202 
_pdbx_validate_symm_contact.PDB_ins_code_2    ? 
_pdbx_validate_symm_contact.label_alt_id_2    ? 
_pdbx_validate_symm_contact.site_symmetry_2   5_555 
_pdbx_validate_symm_contact.dist              2.16 
# 
loop_
_pdbx_validate_rmsd_angle.id 
_pdbx_validate_rmsd_angle.PDB_model_num 
_pdbx_validate_rmsd_angle.auth_atom_id_1 
_pdbx_validate_rmsd_angle.auth_asym_id_1 
_pdbx_validate_rmsd_angle.auth_comp_id_1 
_pdbx_validate_rmsd_angle.auth_seq_id_1 
_pdbx_validate_rmsd_angle.PDB_ins_code_1 
_pdbx_validate_rmsd_angle.label_alt_id_1 
_pdbx_validate_rmsd_angle.auth_atom_id_2 
_pdbx_validate_rmsd_angle.auth_asym_id_2 
_pdbx_validate_rmsd_angle.auth_comp_id_2 
_pdbx_validate_rmsd_angle.auth_seq_id_2 
_pdbx_validate_rmsd_angle.PDB_ins_code_2 
_pdbx_validate_rmsd_angle.label_alt_id_2 
_pdbx_validate_rmsd_angle.auth_atom_id_3 
_pdbx_validate_rmsd_angle.auth_asym_id_3 
_pdbx_validate_rmsd_angle.auth_comp_id_3 
_pdbx_validate_rmsd_angle.auth_seq_id_3 
_pdbx_validate_rmsd_angle.PDB_ins_code_3 
_pdbx_validate_rmsd_angle.label_alt_id_3 
_pdbx_validate_rmsd_angle.angle_value 
_pdbx_validate_rmsd_angle.angle_target_value 
_pdbx_validate_rmsd_angle.angle_deviation 
_pdbx_validate_rmsd_angle.angle_standard_deviation 
_pdbx_validate_rmsd_angle.linker_flag 
1 1 "O4'" A DG 115 ? ? "C1'" A DG 115 ? ? N9 A DG 115 ? ? 110.73 108.30 2.43 0.30 N 
2 1 "O4'" D DG 207 ? ? "C1'" D DG 207 ? ? N9 D DG 207 ? ? 111.07 108.30 2.77 0.30 N 
# 
loop_
_chem_comp_atom.comp_id 
_chem_comp_atom.atom_id 
_chem_comp_atom.type_symbol 
_chem_comp_atom.pdbx_aromatic_flag 
_chem_comp_atom.pdbx_stereo_config 
_chem_comp_atom.pdbx_ordinal 
DA OP3    O N N 1   
DA P      P N N 2   
DA OP1    O N N 3   
DA OP2    O N N 4   
DA "O5'"  O N N 5   
DA "C5'"  C N N 6   
DA "C4'"  C N R 7   
DA "O4'"  O N N 8   
DA "C3'"  C N S 9   
DA "O3'"  O N N 10  
DA "C2'"  C N N 11  
DA "C1'"  C N R 12  
DA N9     N Y N 13  
DA C8     C Y N 14  
DA N7     N Y N 15  
DA C5     C Y N 16  
DA C6     C Y N 17  
DA N6     N N N 18  
DA N1     N Y N 19  
DA C2     C Y N 20  
DA N3     N Y N 21  
DA C4     C Y N 22  
DA HOP3   H N N 23  
DA HOP2   H N N 24  
DA "H5'"  H N N 25  
DA "H5''" H N N 26  
DA "H4'"  H N N 27  
DA "H3'"  H N N 28  
DA "HO3'" H N N 29  
DA "H2'"  H N N 30  
DA "H2''" H N N 31  
DA "H1'"  H N N 32  
DA H8     H N N 33  
DA H61    H N N 34  
DA H62    H N N 35  
DA H2     H N N 36  
DC OP3    O N N 37  
DC P      P N N 38  
DC OP1    O N N 39  
DC OP2    O N N 40  
DC "O5'"  O N N 41  
DC "C5'"  C N N 42  
DC "C4'"  C N R 43  
DC "O4'"  O N N 44  
DC "C3'"  C N S 45  
DC "O3'"  O N N 46  
DC "C2'"  C N N 47  
DC "C1'"  C N R 48  
DC N1     N N N 49  
DC C2     C N N 50  
DC O2     O N N 51  
DC N3     N N N 52  
DC C4     C N N 53  
DC N4     N N N 54  
DC C5     C N N 55  
DC C6     C N N 56  
DC HOP3   H N N 57  
DC HOP2   H N N 58  
DC "H5'"  H N N 59  
DC "H5''" H N N 60  
DC "H4'"  H N N 61  
DC "H3'"  H N N 62  
DC "HO3'" H N N 63  
DC "H2'"  H N N 64  
DC "H2''" H N N 65  
DC "H1'"  H N N 66  
DC H41    H N N 67  
DC H42    H N N 68  
DC H5     H N N 69  
DC H6     H N N 70  
DG OP3    O N N 71  
DG P      P N N 72  
DG OP1    O N N 73  
DG OP2    O N N 74  
DG "O5'"  O N N 75  
DG "C5'"  C N N 76  
DG "C4'"  C N R 77  
DG "O4'"  O N N 78  
DG "C3'"  C N S 79  
DG "O3'"  O N N 80  
DG "C2'"  C N N 81  
DG "C1'"  C N R 82  
DG N9     N Y N 83  
DG C8     C Y N 84  
DG N7     N Y N 85  
DG C5     C Y N 86  
DG C6     C N N 87  
DG O6     O N N 88  
DG N1     N N N 89  
DG C2     C N N 90  
DG N2     N N N 91  
DG N3     N N N 92  
DG C4     C Y N 93  
DG HOP3   H N N 94  
DG HOP2   H N N 95  
DG "H5'"  H N N 96  
DG "H5''" H N N 97  
DG "H4'"  H N N 98  
DG "H3'"  H N N 99  
DG "HO3'" H N N 100 
DG "H2'"  H N N 101 
DG "H2''" H N N 102 
DG "H1'"  H N N 103 
DG H8     H N N 104 
DG H1     H N N 105 
DG H21    H N N 106 
DG H22    H N N 107 
DT OP3    O N N 108 
DT P      P N N 109 
DT OP1    O N N 110 
DT OP2    O N N 111 
DT "O5'"  O N N 112 
DT "C5'"  C N N 113 
DT "C4'"  C N R 114 
DT "O4'"  O N N 115 
DT "C3'"  C N S 116 
DT "O3'"  O N N 117 
DT "C2'"  C N N 118 
DT "C1'"  C N R 119 
DT N1     N N N 120 
DT C2     C N N 121 
DT O2     O N N 122 
DT N3     N N N 123 
DT C4     C N N 124 
DT O4     O N N 125 
DT C5     C N N 126 
DT C7     C N N 127 
DT C6     C N N 128 
DT HOP3   H N N 129 
DT HOP2   H N N 130 
DT "H5'"  H N N 131 
DT "H5''" H N N 132 
DT "H4'"  H N N 133 
DT "H3'"  H N N 134 
DT "HO3'" H N N 135 
DT "H2'"  H N N 136 
DT "H2''" H N N 137 
DT "H1'"  H N N 138 
DT H3     H N N 139 
DT H71    H N N 140 
DT H72    H N N 141 
DT H73    H N N 142 
DT H6     H N N 143 
# 
loop_
_chem_comp_bond.comp_id 
_chem_comp_bond.atom_id_1 
_chem_comp_bond.atom_id_2 
_chem_comp_bond.value_order 
_chem_comp_bond.pdbx_aromatic_flag 
_chem_comp_bond.pdbx_stereo_config 
_chem_comp_bond.pdbx_ordinal 
DA OP3   P      sing N N 1   
DA OP3   HOP3   sing N N 2   
DA P     OP1    doub N N 3   
DA P     OP2    sing N N 4   
DA P     "O5'"  sing N N 5   
DA OP2   HOP2   sing N N 6   
DA "O5'" "C5'"  sing N N 7   
DA "C5'" "C4'"  sing N N 8   
DA "C5'" "H5'"  sing N N 9   
DA "C5'" "H5''" sing N N 10  
DA "C4'" "O4'"  sing N N 11  
DA "C4'" "C3'"  sing N N 12  
DA "C4'" "H4'"  sing N N 13  
DA "O4'" "C1'"  sing N N 14  
DA "C3'" "O3'"  sing N N 15  
DA "C3'" "C2'"  sing N N 16  
DA "C3'" "H3'"  sing N N 17  
DA "O3'" "HO3'" sing N N 18  
DA "C2'" "C1'"  sing N N 19  
DA "C2'" "H2'"  sing N N 20  
DA "C2'" "H2''" sing N N 21  
DA "C1'" N9     sing N N 22  
DA "C1'" "H1'"  sing N N 23  
DA N9    C8     sing Y N 24  
DA N9    C4     sing Y N 25  
DA C8    N7     doub Y N 26  
DA C8    H8     sing N N 27  
DA N7    C5     sing Y N 28  
DA C5    C6     sing Y N 29  
DA C5    C4     doub Y N 30  
DA C6    N6     sing N N 31  
DA C6    N1     doub Y N 32  
DA N6    H61    sing N N 33  
DA N6    H62    sing N N 34  
DA N1    C2     sing Y N 35  
DA C2    N3     doub Y N 36  
DA C2    H2     sing N N 37  
DA N3    C4     sing Y N 38  
DC OP3   P      sing N N 39  
DC OP3   HOP3   sing N N 40  
DC P     OP1    doub N N 41  
DC P     OP2    sing N N 42  
DC P     "O5'"  sing N N 43  
DC OP2   HOP2   sing N N 44  
DC "O5'" "C5'"  sing N N 45  
DC "C5'" "C4'"  sing N N 46  
DC "C5'" "H5'"  sing N N 47  
DC "C5'" "H5''" sing N N 48  
DC "C4'" "O4'"  sing N N 49  
DC "C4'" "C3'"  sing N N 50  
DC "C4'" "H4'"  sing N N 51  
DC "O4'" "C1'"  sing N N 52  
DC "C3'" "O3'"  sing N N 53  
DC "C3'" "C2'"  sing N N 54  
DC "C3'" "H3'"  sing N N 55  
DC "O3'" "HO3'" sing N N 56  
DC "C2'" "C1'"  sing N N 57  
DC "C2'" "H2'"  sing N N 58  
DC "C2'" "H2''" sing N N 59  
DC "C1'" N1     sing N N 60  
DC "C1'" "H1'"  sing N N 61  
DC N1    C2     sing N N 62  
DC N1    C6     sing N N 63  
DC C2    O2     doub N N 64  
DC C2    N3     sing N N 65  
DC N3    C4     doub N N 66  
DC C4    N4     sing N N 67  
DC C4    C5     sing N N 68  
DC N4    H41    sing N N 69  
DC N4    H42    sing N N 70  
DC C5    C6     doub N N 71  
DC C5    H5     sing N N 72  
DC C6    H6     sing N N 73  
DG OP3   P      sing N N 74  
DG OP3   HOP3   sing N N 75  
DG P     OP1    doub N N 76  
DG P     OP2    sing N N 77  
DG P     "O5'"  sing N N 78  
DG OP2   HOP2   sing N N 79  
DG "O5'" "C5'"  sing N N 80  
DG "C5'" "C4'"  sing N N 81  
DG "C5'" "H5'"  sing N N 82  
DG "C5'" "H5''" sing N N 83  
DG "C4'" "O4'"  sing N N 84  
DG "C4'" "C3'"  sing N N 85  
DG "C4'" "H4'"  sing N N 86  
DG "O4'" "C1'"  sing N N 87  
DG "C3'" "O3'"  sing N N 88  
DG "C3'" "C2'"  sing N N 89  
DG "C3'" "H3'"  sing N N 90  
DG "O3'" "HO3'" sing N N 91  
DG "C2'" "C1'"  sing N N 92  
DG "C2'" "H2'"  sing N N 93  
DG "C2'" "H2''" sing N N 94  
DG "C1'" N9     sing N N 95  
DG "C1'" "H1'"  sing N N 96  
DG N9    C8     sing Y N 97  
DG N9    C4     sing Y N 98  
DG C8    N7     doub Y N 99  
DG C8    H8     sing N N 100 
DG N7    C5     sing Y N 101 
DG C5    C6     sing N N 102 
DG C5    C4     doub Y N 103 
DG C6    O6     doub N N 104 
DG C6    N1     sing N N 105 
DG N1    C2     sing N N 106 
DG N1    H1     sing N N 107 
DG C2    N2     sing N N 108 
DG C2    N3     doub N N 109 
DG N2    H21    sing N N 110 
DG N2    H22    sing N N 111 
DG N3    C4     sing N N 112 
DT OP3   P      sing N N 113 
DT OP3   HOP3   sing N N 114 
DT P     OP1    doub N N 115 
DT P     OP2    sing N N 116 
DT P     "O5'"  sing N N 117 
DT OP2   HOP2   sing N N 118 
DT "O5'" "C5'"  sing N N 119 
DT "C5'" "C4'"  sing N N 120 
DT "C5'" "H5'"  sing N N 121 
DT "C5'" "H5''" sing N N 122 
DT "C4'" "O4'"  sing N N 123 
DT "C4'" "C3'"  sing N N 124 
DT "C4'" "H4'"  sing N N 125 
DT "O4'" "C1'"  sing N N 126 
DT "C3'" "O3'"  sing N N 127 
DT "C3'" "C2'"  sing N N 128 
DT "C3'" "H3'"  sing N N 129 
DT "O3'" "HO3'" sing N N 130 
DT "C2'" "C1'"  sing N N 131 
DT "C2'" "H2'"  sing N N 132 
DT "C2'" "H2''" sing N N 133 
DT "C1'" N1     sing N N 134 
DT "C1'" "H1'"  sing N N 135 
DT N1    C2     sing N N 136 
DT N1    C6     sing N N 137 
DT C2    O2     doub N N 138 
DT C2    N3     sing N N 139 
DT N3    C4     sing N N 140 
DT N3    H3     sing N N 141 
DT C4    O4     doub N N 142 
DT C4    C5     sing N N 143 
DT C5    C7     sing N N 144 
DT C5    C6     doub N N 145 
DT C7    H71    sing N N 146 
DT C7    H72    sing N N 147 
DT C7    H73    sing N N 148 
DT C6    H6     sing N N 149 
# 
loop_
_ndb_struct_conf_na.entry_id 
_ndb_struct_conf_na.feature 
8DAH 'double helix'        
8DAH 'b-form double helix' 
# 
loop_
_ndb_struct_na_base_pair.model_number 
_ndb_struct_na_base_pair.i_label_asym_id 
_ndb_struct_na_base_pair.i_label_comp_id 
_ndb_struct_na_base_pair.i_label_seq_id 
_ndb_struct_na_base_pair.i_symmetry 
_ndb_struct_na_base_pair.j_label_asym_id 
_ndb_struct_na_base_pair.j_label_comp_id 
_ndb_struct_na_base_pair.j_label_seq_id 
_ndb_struct_na_base_pair.j_symmetry 
_ndb_struct_na_base_pair.shear 
_ndb_struct_na_base_pair.stretch 
_ndb_struct_na_base_pair.stagger 
_ndb_struct_na_base_pair.buckle 
_ndb_struct_na_base_pair.propeller 
_ndb_struct_na_base_pair.opening 
_ndb_struct_na_base_pair.pair_number 
_ndb_struct_na_base_pair.pair_name 
_ndb_struct_na_base_pair.i_auth_asym_id 
_ndb_struct_na_base_pair.i_auth_seq_id 
_ndb_struct_na_base_pair.i_PDB_ins_code 
_ndb_struct_na_base_pair.j_auth_asym_id 
_ndb_struct_na_base_pair.j_auth_seq_id 
_ndb_struct_na_base_pair.j_PDB_ins_code 
_ndb_struct_na_base_pair.hbond_type_28 
_ndb_struct_na_base_pair.hbond_type_12 
1 A DG 2  1_555 C DC 6 1_555 -0.254 -0.132 0.019  -0.647  0.498   2.769   1  A_DG103:DC214_C A 103 ? C 214 ? 19 1 
1 A DC 3  1_555 C DG 5 1_555 0.156  -0.142 -0.196 2.581   -0.061  -1.529  2  A_DC104:DG213_C A 104 ? C 213 ? 19 1 
1 A DA 4  1_555 C DT 4 1_555 0.134  -0.213 -0.835 -13.083 -6.244  -5.828  3  A_DA105:DT212_C A 105 ? C 212 ? 20 1 
1 A DG 5  1_555 C DC 3 1_555 -0.139 -0.132 -0.525 -14.989 -0.961  -2.013  4  A_DG106:DC211_C A 106 ? C 211 ? 19 1 
1 A DC 6  1_555 C DG 2 1_555 1.485  1.149  1.771  -8.426  3.532   47.039  5  A_DC107:DG210_C A 107 ? C 210 ? ?  1 
1 A DC 7  1_555 C DG 1 1_555 -3.295 0.234  -0.014 -6.792  -8.073  0.849   6  A_DC108:DG209_C A 108 ? C 209 ? ?  ? 
1 A DT 8  1_555 B DA 7 1_555 -0.018 -0.255 0.333  -0.214  5.703   3.051   7  A_DT109:DA125_B A 109 ? B 125 ? 20 1 
1 A DG 9  1_555 B DC 6 1_555 -0.284 -0.148 -0.606 -3.642  -11.062 4.308   8  A_DG110:DC124_B A 110 ? B 124 ? 19 1 
1 A DT 10 1_555 B DA 5 1_555 -0.204 -0.215 -0.695 -1.496  -11.644 -0.117  9  A_DT111:DA123_B A 111 ? B 123 ? 20 1 
1 A DA 11 1_555 B DT 4 1_555 0.001  -0.141 -0.201 -3.481  -5.406  3.008   10 A_DA112:DT122_B A 112 ? B 122 ? 20 1 
1 A DC 12 1_555 B DG 3 1_555 0.183  -0.175 0.198  -0.431  -7.091  0.577   11 A_DC113:DG121_B A 113 ? B 121 ? 19 1 
1 A DG 13 1_555 B DC 2 1_555 -2.037 0.412  -0.456 -8.218  -9.859  -20.772 12 A_DG114:DC120_B A 114 ? B 120 ? ?  ? 
1 A DG 14 1_555 B DC 1 1_555 -0.024 -0.251 0.711  13.802  -8.631  -3.903  13 A_DG115:DC119_B A 115 ? B 119 ? 19 1 
1 A DA 15 1_555 D DT 7 1_555 0.267  -0.323 1.100  0.819   -18.338 -14.189 14 A_DA116:DT208_D A 116 ? D 208 ? 20 1 
1 A DC 16 1_555 D DG 6 1_555 0.238  -0.112 0.535  -3.919  -10.165 3.711   15 A_DC117:DG207_D A 117 ? D 207 ? 19 1 
1 A DA 17 1_555 D DT 5 1_555 0.030  -0.133 0.122  -16.585 -18.100 1.164   16 A_DA118:DT206_D A 118 ? D 206 ? 20 1 
1 A DT 18 1_555 D DA 4 1_555 -0.046 -0.256 0.442  0.172   10.717  10.621  17 A_DT119:DA205_D A 119 ? D 205 ? 20 1 
1 A DC 19 1_555 D DG 3 1_555 0.274  -0.217 0.423  1.698   12.413  4.035   18 A_DC120:DG204_D A 120 ? D 204 ? 19 1 
1 A DA 20 1_555 D DT 2 1_555 0.238  -0.129 -1.270 -18.112 -8.763  -4.599  19 A_DA121:DT203_D A 121 ? D 203 ? 20 1 
# 
loop_
_ndb_struct_na_base_pair_step.model_number 
_ndb_struct_na_base_pair_step.i_label_asym_id_1 
_ndb_struct_na_base_pair_step.i_label_comp_id_1 
_ndb_struct_na_base_pair_step.i_label_seq_id_1 
_ndb_struct_na_base_pair_step.i_symmetry_1 
_ndb_struct_na_base_pair_step.j_label_asym_id_1 
_ndb_struct_na_base_pair_step.j_label_comp_id_1 
_ndb_struct_na_base_pair_step.j_label_seq_id_1 
_ndb_struct_na_base_pair_step.j_symmetry_1 
_ndb_struct_na_base_pair_step.i_label_asym_id_2 
_ndb_struct_na_base_pair_step.i_label_comp_id_2 
_ndb_struct_na_base_pair_step.i_label_seq_id_2 
_ndb_struct_na_base_pair_step.i_symmetry_2 
_ndb_struct_na_base_pair_step.j_label_asym_id_2 
_ndb_struct_na_base_pair_step.j_label_comp_id_2 
_ndb_struct_na_base_pair_step.j_label_seq_id_2 
_ndb_struct_na_base_pair_step.j_symmetry_2 
_ndb_struct_na_base_pair_step.shift 
_ndb_struct_na_base_pair_step.slide 
_ndb_struct_na_base_pair_step.rise 
_ndb_struct_na_base_pair_step.tilt 
_ndb_struct_na_base_pair_step.roll 
_ndb_struct_na_base_pair_step.twist 
_ndb_struct_na_base_pair_step.x_displacement 
_ndb_struct_na_base_pair_step.y_displacement 
_ndb_struct_na_base_pair_step.helical_rise 
_ndb_struct_na_base_pair_step.inclination 
_ndb_struct_na_base_pair_step.tip 
_ndb_struct_na_base_pair_step.helical_twist 
_ndb_struct_na_base_pair_step.step_number 
_ndb_struct_na_base_pair_step.step_name 
_ndb_struct_na_base_pair_step.i_auth_asym_id_1 
_ndb_struct_na_base_pair_step.i_auth_seq_id_1 
_ndb_struct_na_base_pair_step.i_PDB_ins_code_1 
_ndb_struct_na_base_pair_step.j_auth_asym_id_1 
_ndb_struct_na_base_pair_step.j_auth_seq_id_1 
_ndb_struct_na_base_pair_step.j_PDB_ins_code_1 
_ndb_struct_na_base_pair_step.i_auth_asym_id_2 
_ndb_struct_na_base_pair_step.i_auth_seq_id_2 
_ndb_struct_na_base_pair_step.i_PDB_ins_code_2 
_ndb_struct_na_base_pair_step.j_auth_asym_id_2 
_ndb_struct_na_base_pair_step.j_auth_seq_id_2 
_ndb_struct_na_base_pair_step.j_PDB_ins_code_2 
1 A DG 2  1_555 C DC 6 1_555 A DC 3  1_555 C DG 5 1_555 -0.655 -1.095 3.155 0.637   2.221   31.462 -2.406 1.318  3.058 4.089   
-1.173  31.545 1  AA_DG103DC104:DG213DC214_CC A 103 ? C 214 ? A 104 ? C 213 ? 
1 A DC 3  1_555 C DG 5 1_555 A DA 4  1_555 C DT 4 1_555 -0.806 0.384  4.175 -6.038  -0.778  37.752 0.713  0.247  4.240 -1.192  
9.258   38.222 2  AA_DC104DA105:DT212DG213_CC A 104 ? C 213 ? A 105 ? C 212 ? 
1 A DA 4  1_555 C DT 4 1_555 A DG 5  1_555 C DC 3 1_555 0.565  -0.168 3.462 -7.587  4.991   33.463 -1.079 -2.160 3.204 8.476   
12.884  34.639 3  AA_DA105DG106:DC211DT212_CC A 105 ? C 212 ? A 106 ? C 211 ? 
1 A DG 5  1_555 C DC 3 1_555 A DC 6  1_555 C DG 2 1_555 3.099  0.000  3.328 -15.110 2.727   31.084 -0.341 -7.100 1.679 4.743   
26.282  34.585 4  AA_DG106DC107:DG210DC211_CC A 106 ? C 211 ? A 107 ? C 210 ? 
1 A DC 6  1_555 C DG 2 1_555 A DC 7  1_555 C DG 1 1_555 -3.019 -0.648 2.255 -3.277  -7.129  34.553 -0.277 4.602  2.600 -11.815 
5.431   35.406 5  AA_DC107DC108:DG209DG210_CC A 107 ? C 210 ? A 108 ? C 209 ? 
1 A DC 7  1_555 C DG 1 1_555 A DT 8  1_555 B DA 7 1_555 -0.614 -1.515 3.287 -3.655  -7.115  29.335 -1.361 0.386  3.595 -13.730 
7.052   30.383 6  AA_DC108DT109:DA125DG209_BC A 108 ? C 209 ? A 109 ? B 125 ? 
1 A DT 8  1_555 B DA 7 1_555 A DG 9  1_555 B DC 6 1_555 -0.075 0.589  3.795 5.401   24.447  32.989 -2.423 0.827  3.393 37.130  
-8.203  41.203 7  AA_DT109DG110:DC124DA125_BB A 109 ? B 125 ? A 110 ? B 124 ? 
1 A DG 9  1_555 B DC 6 1_555 A DT 10 1_555 B DA 5 1_555 -1.430 -0.779 3.058 -0.372  1.235   28.243 -1.861 2.846  3.040 2.529   
0.762   28.272 8  AA_DG110DT111:DA123DC124_BB A 110 ? B 124 ? A 111 ? B 123 ? 
1 A DT 10 1_555 B DA 5 1_555 A DA 11 1_555 B DT 4 1_555 0.193  1.954  3.644 0.488   1.499   41.952 2.552  -0.212 3.711 2.093   
-0.681  41.981 9  AA_DT111DA112:DT122DA123_BB A 111 ? B 123 ? A 112 ? B 122 ? 
1 A DA 11 1_555 B DT 4 1_555 A DC 12 1_555 B DG 3 1_555 -0.587 0.281  3.091 -3.704  5.695   31.809 -0.457 0.425  3.140 10.245  
6.663   32.508 10 AA_DA112DC113:DG121DT122_BB A 112 ? B 122 ? A 113 ? B 121 ? 
1 A DC 12 1_555 B DG 3 1_555 A DG 13 1_555 B DC 2 1_555 -1.072 2.485  3.142 0.045   -1.280  35.679 4.229  1.756  3.053 -2.087  
-0.074  35.701 11 AA_DC113DG114:DC120DG121_BB A 113 ? B 121 ? A 114 ? B 120 ? 
1 A DG 13 1_555 B DC 2 1_555 A DG 14 1_555 B DC 1 1_555 1.246  0.445  2.599 -11.678 0.844   39.854 0.562  -2.687 2.174 1.207   
16.700  41.472 12 AA_DG114DG115:DC119DC120_BB A 114 ? B 120 ? A 115 ? B 119 ? 
1 A DG 14 1_555 B DC 1 1_555 A DA 15 1_555 D DT 7 1_555 -2.601 -0.420 3.140 -17.542 0.387   35.469 -0.675 1.478  3.950 0.593   
26.863  39.447 13 AA_DG115DA116:DT208DC119_DB A 115 ? B 119 ? A 116 ? D 208 ? 
1 A DA 15 1_555 D DT 7 1_555 A DC 16 1_555 D DG 6 1_555 0.958  -1.100 3.384 2.753   -0.840  25.355 -2.237 -1.340 3.501 -1.907  
-6.245  25.515 14 AA_DA116DC117:DG207DT208_DD A 116 ? D 208 ? A 117 ? D 207 ? 
1 A DC 16 1_555 D DG 6 1_555 A DA 17 1_555 D DT 5 1_555 -1.909 0.454  3.286 -5.798  -3.612  37.583 1.170  2.156  3.475 -5.550  
8.909   38.176 15 AA_DC117DA118:DT206DG207_DD A 117 ? D 207 ? A 118 ? D 206 ? 
1 A DA 17 1_555 D DT 5 1_555 A DT 18 1_555 D DA 4 1_555 0.811  -0.101 3.265 -4.745  -14.928 36.667 1.576  -1.740 2.963 -22.510 
7.155   39.767 16 AA_DA118DT119:DA205DT206_DD A 118 ? D 206 ? A 119 ? D 205 ? 
1 A DT 18 1_555 D DA 4 1_555 A DC 19 1_555 D DG 3 1_555 -0.388 -0.837 3.225 -0.318  7.360   28.056 -3.225 0.708  2.919 14.860  
0.642   28.988 17 AA_DT119DC120:DG204DA205_DD A 119 ? D 205 ? A 120 ? D 204 ? 
1 A DC 19 1_555 D DG 3 1_555 A DA 20 1_555 D DT 2 1_555 -0.088 -0.199 3.844 18.684  31.546  34.808 -2.934 1.703  2.561 41.236  
-24.424 50.139 18 AA_DC120DA121:DT203DG204_DD A 120 ? D 204 ? A 121 ? D 203 ? 
# 
loop_
_pdbx_audit_support.funding_organization 
_pdbx_audit_support.country 
_pdbx_audit_support.grant_number 
_pdbx_audit_support.ordinal 
'National Science Foundation (NSF, United States)' 'United States' CTS1120890    1 
'National Science Foundation (NSF, United States)' 'United States' CCF-1117210   2 
'National Science Foundation (NSF, United States)' 'United States' EFRI-1332411  3 
'National Science Foundation (NSF, United States)' 'United States' CHE-1708776   4 
'Office of Naval Research (ONR)'                   'United States' N000141110729 5 
'Office of Naval Research (ONR)'                   'United States' N000140911118 6 
'Department of Energy (DOE, United States)'        'United States' DESC0007991   7 
# 
_pdbx_initial_refinement_model.id               1 
_pdbx_initial_refinement_model.entity_id_list   ? 
_pdbx_initial_refinement_model.type             'experimental model' 
_pdbx_initial_refinement_model.source_name      PDB 
_pdbx_initial_refinement_model.accession_code   7R96 
_pdbx_initial_refinement_model.details          ? 
# 
_pdbx_struct_assembly_auth_evidence.id                     1 
_pdbx_struct_assembly_auth_evidence.assembly_id            1 
_pdbx_struct_assembly_auth_evidence.experimental_support   'native gel electrophoresis' 
_pdbx_struct_assembly_auth_evidence.details                ? 
# 
_space_group.name_H-M_alt     'P 63' 
_space_group.name_Hall        'P 6c' 
_space_group.IT_number        173 
_space_group.crystal_system   hexagonal 
_space_group.id               1 
# 
